data_8V3V
#
_entry.id   8V3V
#
_cell.length_a   1.00
_cell.length_b   1.00
_cell.length_c   1.00
_cell.angle_alpha   90.00
_cell.angle_beta   90.00
_cell.angle_gamma   90.00
#
_symmetry.space_group_name_H-M   'P 1'
#
loop_
_entity.id
_entity.type
_entity.pdbx_description
1 polymer 'Acyl-Coenzyme A dehydrogenase family, member 11'
2 non-polymer 'FLAVIN-ADENINE DINUCLEOTIDE'
#
_entity_poly.entity_id   1
_entity_poly.type   'polypeptide(L)'
_entity_poly.pdbx_seq_one_letter_code
;ETDVTSDTVEVLPQHKFDLRSLEAYLNQHLPGFGSDSRAVLTVTQYRSGQSNPTFFLQKGSQAYVLRKKPPGSLLPKAHK
IDREFKIQKALFSIGFPVAKPLLYCRDASVIGTEFYVMEHVQGRIFRDFSIPGVSSAERAAIYVSVAETLAWLHSLDIRS
LKLDKYGTGVGYCKRQVSTWTKQYQASAHQSIPAMDQLSTWLMKNLPDSDSEECLVHGDFKLDNIVFHPKECRVIAVLDW
ELSTFGHPLTDLAHLSLFYYWPRTLPMINRGSHIPENTGIPLMEELISIYCHRRGIDPNLPNWNFFMALSFFKLAGISQG
VYRRYLMGNNSSEDSFLTANTVQPLAETGLQLSKRTLRTTPPQADAKSQLFAQSRRGQEVLTRVKQFMKQHVFPAEKEVA
EYYAQSGNSAEKWGHPLVIEKLKEIAKAEGLWNLFLPAVSGLSQVDYALIAEETGKCFFAPDVFNCQAPDTGNMEVLHLY
GSEQQKKQWLEPLLRGDITSVFCMTEPNVSSSDATNIECTIQRDGGGYIVNGKKWWSSGAGNPKCKIAIVLGRTESPSAS
RHRQHSMILVPMDTPGVELIRPLSVFGYMDNMHGGHWEVHFNHVRVPASNLILGEGRGFEISQGRLGPGRIHHCMRTVGL
AERILQIMCDRAVQREAFKKKLYEHEVVAHWIAKSRIAIEEIRLLTLKAAHSIDTLGSASARKEIAMIKVAAPKAVCKIA
DWAIQVHGGAGVSQDYPLANMYAIIRTLRLANGPDEVHLSAIAKMELQDQARRLTARM
;
_entity_poly.pdbx_strand_id   A,B,C,D
#
loop_
_chem_comp.id
_chem_comp.type
_chem_comp.name
_chem_comp.formula
FAD non-polymer 'FLAVIN-ADENINE DINUCLEOTIDE' 'C27 H33 N9 O15 P2'
#
# COMPACT_ATOMS: atom_id res chain seq x y z
N PRO A 53 6.43 20.31 -85.29
CA PRO A 53 5.02 19.96 -85.05
C PRO A 53 4.86 18.84 -84.03
N THR A 54 4.74 19.21 -82.75
CA THR A 54 4.60 18.22 -81.69
C THR A 54 3.53 18.57 -80.68
N PHE A 55 2.82 19.69 -80.84
CA PHE A 55 1.83 20.11 -79.85
C PHE A 55 0.59 19.20 -79.91
N PHE A 56 -0.34 19.46 -79.00
CA PHE A 56 -1.55 18.66 -78.92
C PHE A 56 -2.42 18.88 -80.16
N LEU A 57 -3.22 17.87 -80.48
CA LEU A 57 -4.12 17.92 -81.63
C LEU A 57 -5.41 17.19 -81.29
N GLN A 58 -6.46 17.51 -82.04
CA GLN A 58 -7.77 16.90 -81.83
C GLN A 58 -8.43 16.59 -83.18
N VAL A 65 -2.05 13.53 -80.27
CA VAL A 65 -0.66 13.94 -80.42
C VAL A 65 -0.41 14.44 -81.84
N LEU A 66 0.86 14.72 -82.15
CA LEU A 66 1.24 15.23 -83.45
C LEU A 66 2.37 14.37 -84.00
N ARG A 67 2.98 14.83 -85.10
CA ARG A 67 4.07 14.09 -85.72
C ARG A 67 5.28 14.01 -84.78
N LYS A 68 5.59 15.10 -84.10
CA LYS A 68 6.73 15.16 -83.18
C LYS A 68 8.04 14.79 -83.86
N LYS A 80 15.94 18.93 -79.17
CA LYS A 80 16.20 18.12 -80.35
C LYS A 80 15.10 17.08 -80.56
N ILE A 81 14.06 17.46 -81.30
CA ILE A 81 12.96 16.55 -81.57
C ILE A 81 13.38 15.40 -82.47
N ASP A 82 14.46 15.58 -83.24
CA ASP A 82 14.94 14.50 -84.11
C ASP A 82 15.38 13.29 -83.30
N ARG A 83 16.07 13.53 -82.18
CA ARG A 83 16.49 12.42 -81.33
C ARG A 83 15.30 11.66 -80.75
N GLU A 84 14.27 12.39 -80.30
CA GLU A 84 13.09 11.75 -79.77
C GLU A 84 12.36 10.95 -80.86
N PHE A 85 12.26 11.52 -82.06
CA PHE A 85 11.62 10.80 -83.16
C PHE A 85 12.38 9.54 -83.52
N LYS A 86 13.71 9.61 -83.53
CA LYS A 86 14.53 8.44 -83.82
C LYS A 86 14.36 7.38 -82.73
N ILE A 87 14.29 7.81 -81.46
CA ILE A 87 14.10 6.87 -80.36
C ILE A 87 12.74 6.19 -80.49
N GLN A 88 11.70 6.95 -80.82
CA GLN A 88 10.38 6.36 -81.00
C GLN A 88 10.36 5.38 -82.15
N LYS A 89 10.99 5.73 -83.27
CA LYS A 89 11.04 4.83 -84.42
C LYS A 89 11.79 3.55 -84.08
N ALA A 90 12.91 3.66 -83.36
CA ALA A 90 13.66 2.46 -82.97
C ALA A 90 12.85 1.60 -82.02
N LEU A 91 12.16 2.22 -81.06
CA LEU A 91 11.34 1.46 -80.13
C LEU A 91 10.21 0.74 -80.85
N PHE A 92 9.61 1.40 -81.84
CA PHE A 92 8.56 0.74 -82.64
C PHE A 92 9.12 -0.44 -83.42
N SER A 93 10.42 -0.45 -83.69
CA SER A 93 11.06 -1.55 -84.40
C SER A 93 11.69 -2.54 -83.43
N VAL A 117 5.58 10.29 -85.01
CA VAL A 117 4.26 10.33 -85.62
C VAL A 117 3.27 9.59 -84.76
N MET A 118 3.56 9.49 -83.47
CA MET A 118 2.68 8.79 -82.54
C MET A 118 1.35 9.52 -82.44
N GLU A 119 0.26 8.75 -82.34
CA GLU A 119 -1.08 9.29 -82.22
C GLU A 119 -1.45 9.44 -80.74
N HIS A 120 -2.72 9.74 -80.48
CA HIS A 120 -3.18 9.90 -79.10
C HIS A 120 -3.24 8.55 -78.39
N VAL A 121 -3.06 8.58 -77.08
CA VAL A 121 -3.10 7.39 -76.23
C VAL A 121 -4.28 7.53 -75.27
N GLN A 122 -5.17 6.56 -75.29
CA GLN A 122 -6.34 6.57 -74.41
C GLN A 122 -6.00 5.82 -73.13
N GLY A 123 -5.38 6.55 -72.20
CA GLY A 123 -4.98 5.97 -70.94
C GLY A 123 -4.92 7.03 -69.86
N ARG A 124 -4.76 6.57 -68.62
CA ARG A 124 -4.69 7.44 -67.46
C ARG A 124 -3.27 7.93 -67.24
N ILE A 125 -3.15 9.01 -66.48
CA ILE A 125 -1.86 9.56 -66.07
C ILE A 125 -2.01 10.02 -64.62
N PHE A 126 -1.44 9.27 -63.69
CA PHE A 126 -1.54 9.58 -62.27
C PHE A 126 -0.67 10.78 -61.97
N ARG A 127 -1.30 11.95 -61.83
CA ARG A 127 -0.56 13.16 -61.46
C ARG A 127 0.00 13.03 -60.05
N ASP A 128 -0.86 12.67 -59.09
CA ASP A 128 -0.42 12.41 -57.72
C ASP A 128 0.28 11.05 -57.67
N PHE A 129 1.46 11.02 -57.06
CA PHE A 129 2.25 9.80 -57.02
C PHE A 129 1.84 8.84 -55.93
N SER A 130 0.89 9.23 -55.07
CA SER A 130 0.38 8.33 -54.04
C SER A 130 -0.68 7.37 -54.58
N ILE A 131 -1.21 7.62 -55.77
CA ILE A 131 -2.23 6.79 -56.40
C ILE A 131 -3.40 6.59 -55.43
N PRO A 132 -4.21 7.62 -55.19
CA PRO A 132 -5.29 7.49 -54.20
C PRO A 132 -6.61 6.98 -54.77
N GLY A 133 -6.72 6.79 -56.08
CA GLY A 133 -7.96 6.38 -56.70
C GLY A 133 -8.14 4.88 -56.86
N VAL A 134 -7.26 4.06 -56.28
CA VAL A 134 -7.33 2.61 -56.44
C VAL A 134 -7.12 1.96 -55.07
N SER A 135 -7.26 0.64 -55.04
CA SER A 135 -7.11 -0.13 -53.82
C SER A 135 -5.62 -0.37 -53.55
N SER A 136 -5.33 -1.24 -52.58
CA SER A 136 -3.94 -1.53 -52.23
C SER A 136 -3.30 -2.46 -53.24
N ALA A 137 -3.98 -3.55 -53.57
CA ALA A 137 -3.45 -4.50 -54.54
C ALA A 137 -3.25 -3.84 -55.90
N GLU A 138 -4.17 -2.95 -56.29
CA GLU A 138 -4.01 -2.22 -57.55
C GLU A 138 -2.77 -1.33 -57.53
N ARG A 139 -2.52 -0.67 -56.40
CA ARG A 139 -1.33 0.17 -56.27
C ARG A 139 -0.06 -0.67 -56.39
N ALA A 140 -0.03 -1.81 -55.70
CA ALA A 140 1.14 -2.67 -55.77
C ALA A 140 1.35 -3.19 -57.18
N ALA A 141 0.28 -3.55 -57.88
CA ALA A 141 0.39 -4.01 -59.25
C ALA A 141 0.90 -2.90 -60.16
N ILE A 142 0.43 -1.67 -59.95
CA ILE A 142 0.88 -0.55 -60.76
C ILE A 142 2.38 -0.34 -60.59
N TYR A 143 2.86 -0.36 -59.34
CA TYR A 143 4.27 -0.10 -59.11
C TYR A 143 5.13 -1.27 -59.60
N VAL A 144 4.64 -2.50 -59.46
CA VAL A 144 5.35 -3.65 -60.04
C VAL A 144 5.44 -3.50 -61.55
N SER A 145 4.36 -3.05 -62.19
CA SER A 145 4.35 -2.92 -63.64
C SER A 145 5.31 -1.83 -64.11
N VAL A 146 5.38 -0.71 -63.40
CA VAL A 146 6.34 0.32 -63.80
C VAL A 146 7.77 -0.16 -63.58
N ALA A 147 8.01 -0.91 -62.50
CA ALA A 147 9.34 -1.47 -62.28
C ALA A 147 9.74 -2.41 -63.43
N GLU A 148 8.84 -3.30 -63.84
CA GLU A 148 9.20 -4.23 -64.90
C GLU A 148 9.27 -3.58 -66.27
N THR A 149 8.48 -2.53 -66.53
CA THR A 149 8.66 -1.86 -67.82
C THR A 149 9.98 -1.09 -67.84
N LEU A 150 10.39 -0.52 -66.71
CA LEU A 150 11.72 0.07 -66.63
C LEU A 150 12.80 -0.96 -66.90
N ALA A 151 12.68 -2.13 -66.27
CA ALA A 151 13.67 -3.18 -66.45
C ALA A 151 13.71 -3.66 -67.90
N TRP A 152 12.54 -3.83 -68.52
CA TRP A 152 12.49 -4.31 -69.90
C TRP A 152 13.05 -3.28 -70.86
N LEU A 153 12.81 -2.00 -70.60
CA LEU A 153 13.34 -0.96 -71.48
C LEU A 153 14.81 -0.66 -71.23
N HIS A 154 15.35 -1.06 -70.09
CA HIS A 154 16.76 -0.83 -69.81
C HIS A 154 17.63 -2.03 -70.22
N SER A 155 17.33 -3.21 -69.69
CA SER A 155 18.17 -4.38 -69.93
C SER A 155 18.17 -4.81 -71.39
N LEU A 156 17.17 -4.40 -72.17
CA LEU A 156 17.12 -4.76 -73.58
C LEU A 156 17.67 -3.64 -74.46
N GLY A 171 31.60 5.95 -69.46
CA GLY A 171 31.31 6.45 -68.13
C GLY A 171 31.25 7.97 -68.08
N TYR A 172 30.35 8.55 -68.86
CA TYR A 172 30.19 9.99 -68.93
C TYR A 172 29.24 10.54 -67.87
N CYS A 173 29.01 9.79 -66.79
CA CYS A 173 28.15 10.28 -65.72
C CYS A 173 28.73 11.53 -65.07
N LYS A 174 30.05 11.56 -64.87
CA LYS A 174 30.69 12.76 -64.36
C LYS A 174 30.55 13.91 -65.34
N ARG A 175 30.60 13.62 -66.64
CA ARG A 175 30.39 14.66 -67.64
C ARG A 175 28.98 15.22 -67.55
N GLN A 176 27.99 14.36 -67.37
CA GLN A 176 26.62 14.82 -67.21
C GLN A 176 26.45 15.65 -65.95
N VAL A 177 27.11 15.24 -64.86
CA VAL A 177 27.04 16.00 -63.62
C VAL A 177 27.66 17.38 -63.81
N SER A 178 28.80 17.46 -64.49
CA SER A 178 29.44 18.74 -64.75
C SER A 178 28.57 19.63 -65.63
N THR A 179 27.95 19.04 -66.66
CA THR A 179 27.07 19.82 -67.53
C THR A 179 25.87 20.37 -66.76
N TRP A 180 25.26 19.53 -65.91
CA TRP A 180 24.13 19.99 -65.11
C TRP A 180 24.56 21.07 -64.13
N THR A 181 25.74 20.94 -63.53
CA THR A 181 26.24 21.97 -62.62
C THR A 181 26.46 23.28 -63.36
N LYS A 182 27.04 23.23 -64.55
CA LYS A 182 27.24 24.44 -65.34
C LYS A 182 25.91 25.08 -65.69
N GLN A 183 24.93 24.28 -66.11
CA GLN A 183 23.63 24.82 -66.47
C GLN A 183 22.95 25.47 -65.27
N TYR A 184 23.01 24.80 -64.11
CA TYR A 184 22.39 25.36 -62.91
C TYR A 184 23.08 26.64 -62.47
N GLN A 185 24.42 26.68 -62.53
CA GLN A 185 25.14 27.88 -62.13
C GLN A 185 24.88 29.04 -63.07
N ALA A 186 24.80 28.76 -64.38
CA ALA A 186 24.53 29.84 -65.34
C ALA A 186 23.10 30.33 -65.24
N SER A 187 22.15 29.43 -65.00
CA SER A 187 20.74 29.79 -64.93
C SER A 187 20.31 30.25 -63.55
N ALA A 188 21.20 30.22 -62.57
CA ALA A 188 20.84 30.64 -61.22
C ALA A 188 20.55 32.15 -61.19
N HIS A 189 19.57 32.53 -60.37
CA HIS A 189 19.17 33.92 -60.25
C HIS A 189 19.23 34.45 -58.81
N GLN A 190 19.38 33.58 -57.82
CA GLN A 190 19.43 33.99 -56.42
C GLN A 190 20.59 33.28 -55.74
N SER A 191 21.05 33.86 -54.64
CA SER A 191 22.15 33.27 -53.88
C SER A 191 21.72 31.94 -53.28
N ILE A 192 22.58 30.94 -53.39
CA ILE A 192 22.30 29.60 -52.90
C ILE A 192 23.60 28.93 -52.48
N PRO A 193 24.13 29.22 -51.28
CA PRO A 193 25.33 28.50 -50.83
C PRO A 193 25.13 27.00 -50.71
N ALA A 194 23.89 26.57 -50.43
CA ALA A 194 23.62 25.13 -50.33
C ALA A 194 23.87 24.43 -51.66
N MET A 195 23.49 25.06 -52.76
CA MET A 195 23.72 24.47 -54.08
C MET A 195 25.21 24.30 -54.35
N ASP A 196 26.01 25.33 -54.05
CA ASP A 196 27.45 25.23 -54.26
C ASP A 196 28.06 24.17 -53.36
N GLN A 197 27.63 24.09 -52.10
CA GLN A 197 28.15 23.07 -51.20
C GLN A 197 27.80 21.67 -51.69
N LEU A 198 26.56 21.47 -52.16
CA LEU A 198 26.17 20.17 -52.68
C LEU A 198 26.95 19.80 -53.93
N SER A 199 27.17 20.78 -54.81
CA SER A 199 27.97 20.51 -56.01
C SER A 199 29.40 20.13 -55.66
N THR A 200 30.00 20.85 -54.71
CA THR A 200 31.35 20.53 -54.28
C THR A 200 31.42 19.14 -53.64
N TRP A 201 30.43 18.79 -52.82
CA TRP A 201 30.41 17.48 -52.20
C TRP A 201 30.23 16.37 -53.23
N LEU A 202 29.38 16.60 -54.24
CA LEU A 202 29.15 15.58 -55.26
C LEU A 202 30.35 15.44 -56.18
N MET A 203 31.08 16.53 -56.44
CA MET A 203 32.27 16.45 -57.27
C MET A 203 33.34 15.54 -56.68
N LYS A 204 33.31 15.30 -55.37
CA LYS A 204 34.26 14.41 -54.72
C LYS A 204 33.85 12.94 -54.78
N ASN A 205 32.69 12.64 -55.36
CA ASN A 205 32.22 11.28 -55.50
C ASN A 205 32.23 10.87 -56.98
N LEU A 206 32.69 9.66 -57.24
CA LEU A 206 32.82 9.13 -58.58
C LEU A 206 32.22 7.73 -58.63
N PRO A 207 31.83 7.26 -59.84
CA PRO A 207 31.25 5.93 -60.04
C PRO A 207 32.16 5.01 -60.84
N CYS A 214 23.62 4.00 -70.28
CA CYS A 214 22.93 3.33 -71.38
C CYS A 214 21.85 4.24 -71.97
N LEU A 215 20.76 3.64 -72.43
CA LEU A 215 19.63 4.37 -72.98
C LEU A 215 18.61 4.59 -71.86
N VAL A 216 18.62 5.80 -71.30
CA VAL A 216 17.73 6.14 -70.19
C VAL A 216 16.64 7.07 -70.69
N HIS A 217 15.64 7.29 -69.84
CA HIS A 217 14.53 8.18 -70.15
C HIS A 217 14.69 9.56 -69.54
N GLY A 218 15.75 9.79 -68.76
CA GLY A 218 16.03 11.09 -68.21
C GLY A 218 15.13 11.51 -67.07
N ASP A 219 13.82 11.56 -67.32
CA ASP A 219 12.84 12.02 -66.34
C ASP A 219 11.75 10.96 -66.17
N PHE A 220 12.17 9.72 -65.95
CA PHE A 220 11.24 8.61 -65.77
C PHE A 220 10.55 8.77 -64.42
N LYS A 221 9.31 9.23 -64.45
CA LYS A 221 8.48 9.38 -63.25
C LYS A 221 7.17 8.63 -63.47
N LEU A 222 6.37 8.56 -62.41
CA LEU A 222 5.02 8.01 -62.55
C LEU A 222 4.08 8.93 -63.30
N ASP A 223 4.48 10.18 -63.56
CA ASP A 223 3.65 11.13 -64.27
C ASP A 223 3.89 11.15 -65.77
N ASN A 224 4.79 10.30 -66.27
CA ASN A 224 5.09 10.23 -67.70
C ASN A 224 4.82 8.84 -68.24
N ILE A 225 3.78 8.19 -67.72
CA ILE A 225 3.38 6.86 -68.16
C ILE A 225 1.86 6.83 -68.31
N VAL A 226 1.38 6.29 -69.42
CA VAL A 226 -0.04 6.15 -69.69
C VAL A 226 -0.40 4.67 -69.62
N PHE A 227 -1.28 4.32 -68.69
CA PHE A 227 -1.66 2.94 -68.47
C PHE A 227 -2.79 2.56 -69.42
N HIS A 228 -3.36 1.37 -69.22
CA HIS A 228 -4.53 0.96 -69.97
C HIS A 228 -5.78 1.57 -69.35
N PRO A 229 -6.80 1.86 -70.15
CA PRO A 229 -8.01 2.51 -69.60
C PRO A 229 -8.71 1.68 -68.54
N LYS A 230 -8.71 0.36 -68.64
CA LYS A 230 -9.40 -0.50 -67.71
C LYS A 230 -8.48 -1.48 -66.98
N GLU A 231 -7.20 -1.53 -67.33
CA GLU A 231 -6.25 -2.44 -66.72
C GLU A 231 -5.02 -1.67 -66.28
N CYS A 232 -4.33 -2.21 -65.27
CA CYS A 232 -3.13 -1.55 -64.73
C CYS A 232 -1.88 -2.17 -65.38
N ARG A 233 -1.64 -1.76 -66.61
CA ARG A 233 -0.44 -2.15 -67.35
C ARG A 233 0.02 -0.96 -68.18
N VAL A 234 1.32 -0.89 -68.41
CA VAL A 234 1.89 0.24 -69.13
C VAL A 234 1.61 0.08 -70.61
N ILE A 235 1.08 1.13 -71.23
CA ILE A 235 0.79 1.14 -72.66
C ILE A 235 1.86 1.89 -73.44
N ALA A 236 2.25 3.07 -72.96
CA ALA A 236 3.26 3.87 -73.64
C ALA A 236 3.99 4.74 -72.62
N VAL A 237 5.18 5.19 -73.01
CA VAL A 237 6.00 6.08 -72.20
C VAL A 237 6.36 7.29 -73.05
N LEU A 238 6.21 8.48 -72.50
CA LEU A 238 6.39 9.73 -73.23
C LEU A 238 7.46 10.58 -72.56
N ASP A 239 7.68 11.77 -73.15
CA ASP A 239 8.59 12.78 -72.61
C ASP A 239 10.03 12.26 -72.53
N TRP A 240 10.52 11.79 -73.68
CA TRP A 240 11.90 11.35 -73.80
C TRP A 240 12.75 12.47 -74.40
N GLU A 241 12.90 13.53 -73.62
CA GLU A 241 13.60 14.73 -74.06
C GLU A 241 15.10 14.67 -73.74
N LEU A 242 15.44 14.54 -72.46
CA LEU A 242 16.83 14.51 -72.03
C LEU A 242 17.26 13.06 -71.85
N SER A 243 17.51 12.41 -72.99
CA SER A 243 17.92 11.00 -73.03
C SER A 243 19.32 10.91 -73.60
N THR A 244 20.22 10.28 -72.84
CA THR A 244 21.61 10.12 -73.28
C THR A 244 22.27 8.95 -72.56
N HIS A 247 24.72 5.58 -67.85
CA HIS A 247 24.60 5.01 -66.52
C HIS A 247 23.27 4.27 -66.36
N PRO A 248 23.34 2.99 -66.02
CA PRO A 248 22.11 2.18 -65.86
C PRO A 248 21.47 2.25 -64.48
N LEU A 249 21.94 3.14 -63.60
CA LEU A 249 21.39 3.24 -62.25
C LEU A 249 20.93 4.64 -61.88
N THR A 250 21.32 5.67 -62.64
CA THR A 250 20.89 7.03 -62.31
C THR A 250 19.39 7.21 -62.49
N ASP A 251 18.83 6.61 -63.54
CA ASP A 251 17.39 6.73 -63.78
C ASP A 251 16.59 6.10 -62.65
N LEU A 252 17.06 4.97 -62.12
CA LEU A 252 16.38 4.33 -61.01
C LEU A 252 16.40 5.22 -59.77
N ALA A 253 17.53 5.87 -59.51
CA ALA A 253 17.61 6.80 -58.37
C ALA A 253 16.67 7.99 -58.58
N HIS A 254 16.60 8.51 -59.81
CA HIS A 254 15.68 9.61 -60.09
C HIS A 254 14.24 9.19 -59.87
N LEU A 255 13.90 7.96 -60.25
CA LEU A 255 12.55 7.47 -60.03
C LEU A 255 12.25 7.31 -58.54
N SER A 256 13.20 6.77 -57.78
CA SER A 256 12.95 6.41 -56.39
C SER A 256 13.22 7.52 -55.40
N LEU A 257 13.75 8.67 -55.84
CA LEU A 257 14.03 9.75 -54.91
C LEU A 257 12.78 10.32 -54.26
N PHE A 258 11.61 10.11 -54.87
CA PHE A 258 10.38 10.71 -54.35
C PHE A 258 10.01 10.19 -52.97
N TYR A 259 10.57 9.05 -52.54
CA TYR A 259 10.35 8.59 -51.18
C TYR A 259 10.93 9.56 -50.16
N TYR A 260 12.06 10.20 -50.48
CA TYR A 260 12.70 11.16 -49.59
C TYR A 260 12.33 12.60 -49.92
N TRP A 261 11.12 12.84 -50.41
CA TRP A 261 10.68 14.21 -50.59
C TRP A 261 10.58 14.89 -49.24
N PRO A 262 11.18 16.07 -49.06
CA PRO A 262 11.26 16.67 -47.72
C PRO A 262 9.88 16.89 -47.11
N ARG A 263 9.79 16.64 -45.81
CA ARG A 263 8.52 16.82 -45.11
C ARG A 263 8.09 18.27 -45.04
N THR A 264 9.01 19.21 -45.24
CA THR A 264 8.68 20.63 -45.22
C THR A 264 8.28 21.14 -46.59
N LEU A 265 8.98 20.72 -47.64
CA LEU A 265 8.66 21.17 -48.99
C LEU A 265 7.38 20.50 -49.47
N PRO A 266 6.41 21.24 -50.00
CA PRO A 266 5.22 20.60 -50.57
C PRO A 266 5.57 19.74 -51.76
N MET A 267 4.80 18.67 -51.94
CA MET A 267 5.07 17.74 -53.02
C MET A 267 4.78 18.37 -54.37
N ILE A 268 5.47 17.87 -55.40
CA ILE A 268 5.34 18.40 -56.75
C ILE A 268 4.17 17.74 -57.46
N ASN A 269 3.72 18.35 -58.56
CA ASN A 269 2.62 17.84 -59.38
C ASN A 269 1.31 17.76 -58.60
N ARG A 270 1.20 18.55 -57.53
CA ARG A 270 -0.02 18.65 -56.73
C ARG A 270 -0.47 17.27 -56.25
N GLY A 271 0.39 16.62 -55.46
CA GLY A 271 0.11 15.31 -54.94
C GLY A 271 0.44 15.23 -53.46
N SER A 272 0.02 14.11 -52.86
CA SER A 272 0.30 13.85 -51.46
C SER A 272 1.59 13.05 -51.32
N HIS A 273 2.21 13.14 -50.15
CA HIS A 273 3.43 12.39 -49.88
C HIS A 273 3.13 10.89 -49.87
N ILE A 274 4.13 10.10 -50.22
CA ILE A 274 3.97 8.66 -50.36
C ILE A 274 3.57 8.04 -49.02
N PRO A 275 2.44 7.35 -48.95
CA PRO A 275 2.02 6.74 -47.69
C PRO A 275 2.78 5.45 -47.41
N GLU A 276 2.72 5.03 -46.15
CA GLU A 276 3.32 3.78 -45.71
C GLU A 276 2.25 2.85 -45.18
N ASN A 277 2.48 1.55 -45.35
CA ASN A 277 1.53 0.51 -44.94
C ASN A 277 0.17 0.72 -45.59
N THR A 278 0.19 1.16 -46.85
CA THR A 278 -1.03 1.35 -47.62
C THR A 278 -1.14 0.38 -48.79
N GLY A 279 -0.03 -0.03 -49.39
CA GLY A 279 -0.05 -0.91 -50.55
C GLY A 279 1.05 -0.55 -51.51
N ILE A 280 1.71 0.57 -51.27
CA ILE A 280 2.83 1.01 -52.08
C ILE A 280 4.07 0.21 -51.67
N PRO A 281 4.95 -0.15 -52.60
CA PRO A 281 6.16 -0.87 -52.21
C PRO A 281 7.17 0.04 -51.56
N LEU A 282 7.83 -0.47 -50.51
CA LEU A 282 8.91 0.28 -49.89
C LEU A 282 10.09 0.37 -50.84
N MET A 283 10.99 1.32 -50.56
CA MET A 283 12.09 1.58 -51.47
C MET A 283 12.96 0.34 -51.67
N GLU A 284 13.30 -0.34 -50.58
CA GLU A 284 14.09 -1.56 -50.70
C GLU A 284 13.33 -2.63 -51.48
N GLU A 285 12.02 -2.72 -51.29
CA GLU A 285 11.23 -3.72 -51.98
C GLU A 285 11.24 -3.46 -53.49
N LEU A 286 11.02 -2.20 -53.89
CA LEU A 286 11.07 -1.84 -55.30
C LEU A 286 12.47 -2.06 -55.88
N ILE A 287 13.51 -1.75 -55.10
CA ILE A 287 14.88 -1.96 -55.55
C ILE A 287 15.11 -3.43 -55.82
N SER A 288 14.65 -4.30 -54.91
CA SER A 288 14.80 -5.74 -55.11
C SER A 288 14.03 -6.22 -56.32
N ILE A 289 12.81 -5.69 -56.52
CA ILE A 289 12.03 -6.07 -57.69
C ILE A 289 12.79 -5.75 -58.97
N TYR A 290 13.27 -4.51 -59.08
CA TYR A 290 13.97 -4.11 -60.31
C TYR A 290 15.25 -4.91 -60.50
N CYS A 291 16.01 -5.13 -59.42
CA CYS A 291 17.26 -5.85 -59.54
C CYS A 291 17.03 -7.30 -59.97
N HIS A 292 16.09 -7.99 -59.31
CA HIS A 292 15.80 -9.37 -59.69
C HIS A 292 15.22 -9.44 -61.10
N ARG A 293 14.54 -8.39 -61.55
CA ARG A 293 14.11 -8.34 -62.95
C ARG A 293 15.31 -8.21 -63.88
N ARG A 294 16.31 -7.43 -63.49
CA ARG A 294 17.50 -7.25 -64.32
C ARG A 294 18.45 -8.44 -64.19
N GLY A 295 18.97 -8.66 -62.99
CA GLY A 295 19.89 -9.76 -62.76
C GLY A 295 21.05 -9.40 -61.85
N ILE A 296 21.22 -8.10 -61.57
CA ILE A 296 22.29 -7.62 -60.72
C ILE A 296 22.04 -8.03 -59.28
N ASP A 297 23.06 -7.91 -58.44
CA ASP A 297 22.91 -8.24 -57.04
C ASP A 297 22.03 -7.21 -56.33
N PRO A 298 21.36 -7.60 -55.25
CA PRO A 298 20.52 -6.63 -54.53
C PRO A 298 21.27 -5.44 -53.99
N ASN A 299 22.51 -5.62 -53.55
CA ASN A 299 23.31 -4.52 -53.03
C ASN A 299 23.85 -3.68 -54.19
N LEU A 300 23.91 -2.37 -53.98
CA LEU A 300 24.39 -1.45 -55.00
C LEU A 300 25.45 -0.53 -54.42
N PRO A 301 26.42 -0.12 -55.25
CA PRO A 301 27.50 0.76 -54.76
C PRO A 301 27.24 2.23 -55.06
N ASN A 302 27.86 3.08 -54.23
CA ASN A 302 27.84 4.53 -54.41
C ASN A 302 26.41 5.07 -54.44
N TRP A 303 25.57 4.56 -53.54
CA TRP A 303 24.16 4.93 -53.55
C TRP A 303 23.97 6.36 -53.06
N ASN A 304 24.79 6.80 -52.10
CA ASN A 304 24.75 8.19 -51.66
C ASN A 304 25.02 9.14 -52.82
N PHE A 305 25.98 8.77 -53.68
CA PHE A 305 26.24 9.58 -54.87
C PHE A 305 25.03 9.63 -55.79
N PHE A 306 24.32 8.50 -55.93
CA PHE A 306 23.13 8.47 -56.76
C PHE A 306 22.06 9.41 -56.22
N MET A 307 21.81 9.36 -54.91
CA MET A 307 20.82 10.27 -54.31
C MET A 307 21.24 11.73 -54.46
N ALA A 308 22.52 12.02 -54.23
CA ALA A 308 22.98 13.40 -54.34
C ALA A 308 22.80 13.91 -55.77
N LEU A 309 23.18 13.09 -56.75
CA LEU A 309 23.06 13.50 -58.15
C LEU A 309 21.59 13.69 -58.51
N SER A 310 20.72 12.80 -58.06
CA SER A 310 19.30 12.90 -58.38
C SER A 310 18.69 14.17 -57.79
N PHE A 311 18.99 14.45 -56.52
CA PHE A 311 18.44 15.64 -55.89
C PHE A 311 18.98 16.91 -56.53
N PHE A 312 20.27 16.92 -56.86
CA PHE A 312 20.85 18.10 -57.52
C PHE A 312 20.23 18.31 -58.91
N LYS A 313 20.03 17.23 -59.65
CA LYS A 313 19.39 17.35 -60.97
C LYS A 313 17.96 17.87 -60.84
N LEU A 314 17.22 17.38 -59.85
CA LEU A 314 15.86 17.86 -59.65
C LEU A 314 15.83 19.33 -59.27
N ALA A 315 16.77 19.75 -58.41
CA ALA A 315 16.85 21.16 -58.04
C ALA A 315 17.18 22.02 -59.25
N GLY A 316 18.11 21.56 -60.09
CA GLY A 316 18.43 22.29 -61.30
C GLY A 316 17.25 22.40 -62.25
N ILE A 317 16.50 21.31 -62.41
CA ILE A 317 15.33 21.32 -63.28
C ILE A 317 14.29 22.30 -62.75
N SER A 318 14.06 22.29 -61.43
CA SER A 318 13.09 23.22 -60.84
C SER A 318 13.54 24.66 -61.03
N GLN A 319 14.83 24.94 -60.82
CA GLN A 319 15.33 26.29 -61.01
C GLN A 319 15.19 26.74 -62.46
N GLY A 320 15.48 25.85 -63.40
CA GLY A 320 15.32 26.19 -64.81
C GLY A 320 13.87 26.45 -65.18
N VAL A 321 12.95 25.64 -64.64
CA VAL A 321 11.53 25.85 -64.90
C VAL A 321 11.08 27.20 -64.35
N TYR A 322 11.53 27.53 -63.13
CA TYR A 322 11.16 28.81 -62.54
C TYR A 322 11.72 29.98 -63.35
N ARG A 323 12.96 29.86 -63.81
CA ARG A 323 13.57 30.92 -64.62
C ARG A 323 12.84 31.08 -65.95
N ARG A 324 12.46 29.96 -66.58
CA ARG A 324 11.72 30.04 -67.83
C ARG A 324 10.35 30.67 -67.63
N TYR A 325 9.68 30.34 -66.51
CA TYR A 325 8.38 30.93 -66.22
C TYR A 325 8.50 32.42 -65.91
N LEU A 326 9.62 32.83 -65.31
CA LEU A 326 9.80 34.25 -65.01
C LEU A 326 9.87 35.09 -66.29
N MET A 327 10.55 34.58 -67.31
CA MET A 327 10.67 35.29 -68.59
C MET A 327 9.34 35.33 -69.32
N THR A 338 8.35 26.67 -57.21
CA THR A 338 9.52 26.16 -57.90
C THR A 338 10.74 27.03 -57.62
N ALA A 339 10.51 28.33 -57.42
CA ALA A 339 11.61 29.24 -57.16
C ALA A 339 12.20 29.03 -55.77
N ASN A 340 11.36 28.77 -54.78
CA ASN A 340 11.79 28.62 -53.39
C ASN A 340 12.07 27.17 -53.00
N THR A 341 11.97 26.23 -53.94
CA THR A 341 12.15 24.82 -53.63
C THR A 341 13.59 24.35 -53.82
N VAL A 342 14.48 25.19 -54.36
CA VAL A 342 15.86 24.76 -54.57
C VAL A 342 16.59 24.60 -53.25
N GLN A 343 16.36 25.52 -52.31
CA GLN A 343 17.03 25.44 -51.01
C GLN A 343 16.67 24.20 -50.22
N PRO A 344 15.38 23.84 -50.03
CA PRO A 344 15.08 22.59 -49.32
C PRO A 344 15.62 21.36 -50.03
N LEU A 345 15.59 21.34 -51.36
CA LEU A 345 16.12 20.20 -52.10
C LEU A 345 17.62 20.06 -51.88
N ALA A 346 18.36 21.17 -51.96
CA ALA A 346 19.80 21.11 -51.72
C ALA A 346 20.11 20.71 -50.29
N GLU A 347 19.33 21.23 -49.32
CA GLU A 347 19.56 20.87 -47.92
C GLU A 347 19.32 19.38 -47.69
N THR A 348 18.26 18.82 -48.28
CA THR A 348 17.98 17.41 -48.13
C THR A 348 19.03 16.55 -48.82
N GLY A 349 19.50 17.00 -49.99
CA GLY A 349 20.57 16.29 -50.67
C GLY A 349 21.84 16.26 -49.84
N LEU A 350 22.19 17.38 -49.22
CA LEU A 350 23.34 17.43 -48.33
C LEU A 350 23.13 16.52 -47.12
N GLN A 351 21.91 16.50 -46.58
CA GLN A 351 21.63 15.68 -45.41
C GLN A 351 21.77 14.19 -45.72
N LEU A 352 21.28 13.75 -46.87
CA LEU A 352 21.39 12.34 -47.24
C LEU A 352 22.73 12.01 -47.90
N SER A 353 23.56 13.02 -48.21
CA SER A 353 24.86 12.74 -48.79
C SER A 353 25.81 12.07 -47.81
N LYS A 354 25.56 12.18 -46.51
CA LYS A 354 26.40 11.58 -45.47
C LYS A 354 25.55 10.62 -44.66
N ARG A 355 25.43 9.39 -45.14
CA ARG A 355 24.65 8.36 -44.48
C ARG A 355 25.03 7.01 -45.07
N THR A 356 24.30 5.96 -44.70
CA THR A 356 24.53 4.61 -45.20
C THR A 356 23.18 4.06 -45.70
N LEU A 357 22.87 4.34 -46.95
CA LEU A 357 21.62 3.87 -47.54
C LEU A 357 21.79 2.45 -48.08
N ARG A 358 21.14 1.49 -47.42
CA ARG A 358 21.26 0.08 -47.79
C ARG A 358 20.32 -0.17 -48.97
N THR A 359 20.89 -0.33 -50.16
CA THR A 359 20.09 -0.62 -51.33
C THR A 359 19.38 -1.96 -51.20
N THR A 360 20.07 -2.97 -50.69
CA THR A 360 19.49 -4.29 -50.56
C THR A 360 18.38 -4.28 -49.51
N PRO A 361 17.42 -5.20 -49.60
CA PRO A 361 16.33 -5.22 -48.63
C PRO A 361 16.86 -5.53 -47.25
N PRO A 362 16.25 -4.96 -46.21
CA PRO A 362 16.65 -5.16 -44.82
C PRO A 362 15.54 -4.83 -43.82
N SER A 374 6.70 2.52 -38.31
CA SER A 374 7.09 2.96 -39.65
C SER A 374 8.61 2.84 -39.84
N ARG A 375 9.02 2.57 -41.07
CA ARG A 375 10.45 2.43 -41.37
C ARG A 375 11.18 3.75 -41.13
N ARG A 376 10.57 4.87 -41.52
CA ARG A 376 11.19 6.17 -41.26
C ARG A 376 11.38 6.41 -39.78
N GLY A 377 10.39 6.01 -38.97
CA GLY A 377 10.54 6.13 -37.52
C GLY A 377 11.69 5.30 -36.99
N GLN A 378 11.84 4.07 -37.49
CA GLN A 378 12.94 3.23 -37.04
C GLN A 378 14.28 3.81 -37.42
N GLU A 379 14.41 4.33 -38.65
CA GLU A 379 15.66 4.95 -39.07
C GLU A 379 15.98 6.17 -38.21
N VAL A 380 14.99 7.01 -37.94
CA VAL A 380 15.21 8.20 -37.13
C VAL A 380 15.61 7.80 -35.71
N LEU A 381 14.96 6.78 -35.16
CA LEU A 381 15.29 6.32 -33.82
C LEU A 381 16.71 5.77 -33.75
N THR A 382 17.12 5.01 -34.77
CA THR A 382 18.48 4.49 -34.81
C THR A 382 19.50 5.62 -34.88
N ARG A 383 19.23 6.63 -35.72
CA ARG A 383 20.13 7.77 -35.80
C ARG A 383 20.18 8.52 -34.48
N VAL A 384 19.04 8.64 -33.80
CA VAL A 384 19.00 9.32 -32.51
C VAL A 384 19.86 8.58 -31.49
N LYS A 385 19.72 7.24 -31.44
CA LYS A 385 20.50 6.46 -30.50
C LYS A 385 21.99 6.57 -30.78
N GLN A 386 22.37 6.51 -32.07
CA GLN A 386 23.78 6.63 -32.42
C GLN A 386 24.33 7.99 -32.03
N PHE A 387 23.61 9.06 -32.36
CA PHE A 387 24.06 10.41 -32.00
C PHE A 387 24.17 10.56 -30.50
N MET A 388 23.19 10.07 -29.75
CA MET A 388 23.23 10.13 -28.30
C MET A 388 24.47 9.45 -27.77
N LYS A 389 24.60 8.13 -28.03
CA LYS A 389 25.71 7.37 -27.47
C LYS A 389 27.06 7.84 -27.97
N GLN A 390 27.12 8.56 -29.09
CA GLN A 390 28.40 9.06 -29.58
C GLN A 390 28.73 10.45 -29.08
N HIS A 391 27.75 11.26 -28.70
CA HIS A 391 28.14 12.62 -28.36
C HIS A 391 27.69 13.09 -26.98
N VAL A 392 26.47 12.74 -26.55
CA VAL A 392 25.89 13.48 -25.43
C VAL A 392 26.13 12.80 -24.08
N PHE A 393 26.25 11.47 -24.04
CA PHE A 393 26.52 10.81 -22.78
C PHE A 393 27.89 11.17 -22.19
N PRO A 394 28.99 11.24 -22.96
CA PRO A 394 30.26 11.67 -22.35
C PRO A 394 30.24 13.07 -21.77
N ALA A 395 29.35 13.94 -22.23
CA ALA A 395 29.27 15.30 -21.72
C ALA A 395 28.44 15.41 -20.44
N GLU A 396 27.89 14.31 -19.96
CA GLU A 396 27.06 14.34 -18.76
C GLU A 396 27.83 14.83 -17.55
N LYS A 397 29.04 14.30 -17.36
CA LYS A 397 29.86 14.70 -16.22
C LYS A 397 30.23 16.17 -16.29
N GLU A 398 30.61 16.66 -17.47
CA GLU A 398 30.97 18.07 -17.62
C GLU A 398 29.78 18.97 -17.34
N VAL A 399 28.60 18.61 -17.86
CA VAL A 399 27.42 19.44 -17.63
C VAL A 399 27.04 19.44 -16.15
N ALA A 400 27.10 18.27 -15.50
CA ALA A 400 26.77 18.20 -14.08
C ALA A 400 27.75 19.03 -13.25
N GLU A 401 29.04 18.97 -13.59
CA GLU A 401 30.03 19.78 -12.88
C GLU A 401 29.76 21.27 -13.07
N TYR A 402 29.44 21.67 -14.30
CA TYR A 402 29.14 23.08 -14.56
C TYR A 402 27.86 23.51 -13.85
N TYR A 403 26.94 22.58 -13.59
CA TYR A 403 25.69 22.93 -12.91
C TYR A 403 25.94 23.45 -11.51
N ALA A 404 26.83 22.80 -10.77
CA ALA A 404 27.14 23.23 -9.40
C ALA A 404 28.29 24.22 -9.38
N HIS A 415 23.22 28.19 -19.83
CA HIS A 415 23.59 27.01 -20.60
C HIS A 415 25.06 27.09 -21.04
N PRO A 416 25.82 26.05 -20.76
CA PRO A 416 27.24 26.04 -21.15
C PRO A 416 27.40 25.97 -22.67
N LEU A 417 28.58 26.38 -23.12
CA LEU A 417 28.89 26.36 -24.55
C LEU A 417 28.90 24.94 -25.11
N VAL A 418 29.08 23.93 -24.26
CA VAL A 418 28.99 22.54 -24.72
C VAL A 418 27.60 22.27 -25.27
N ILE A 419 26.57 22.77 -24.61
CA ILE A 419 25.20 22.57 -25.09
C ILE A 419 25.01 23.29 -26.43
N GLU A 420 25.61 24.47 -26.58
CA GLU A 420 25.51 25.19 -27.85
C GLU A 420 26.19 24.42 -28.97
N LYS A 421 27.37 23.87 -28.72
CA LYS A 421 28.06 23.07 -29.74
C LYS A 421 27.26 21.83 -30.10
N LEU A 422 26.70 21.16 -29.09
CA LEU A 422 25.88 19.97 -29.36
C LEU A 422 24.63 20.33 -30.14
N LYS A 423 24.02 21.47 -29.83
CA LYS A 423 22.85 21.93 -30.57
C LYS A 423 23.19 22.21 -32.02
N GLU A 424 24.34 22.86 -32.26
CA GLU A 424 24.77 23.10 -33.64
C GLU A 424 25.01 21.80 -34.38
N ILE A 425 25.67 20.83 -33.71
CA ILE A 425 25.95 19.55 -34.34
C ILE A 425 24.66 18.82 -34.68
N ALA A 426 23.69 18.85 -33.75
CA ALA A 426 22.42 18.17 -33.99
C ALA A 426 21.63 18.84 -35.12
N LYS A 427 21.66 20.16 -35.17
CA LYS A 427 20.99 20.87 -36.26
C LYS A 427 21.64 20.55 -37.60
N ALA A 428 22.97 20.47 -37.63
CA ALA A 428 23.66 20.13 -38.87
C ALA A 428 23.35 18.70 -39.29
N GLU A 429 23.30 17.76 -38.34
CA GLU A 429 23.07 16.36 -38.65
C GLU A 429 21.63 16.07 -39.05
N GLY A 430 20.73 17.05 -38.93
CA GLY A 430 19.34 16.86 -39.28
C GLY A 430 18.43 16.50 -38.13
N LEU A 431 18.99 16.19 -36.96
CA LEU A 431 18.18 15.85 -35.79
C LEU A 431 17.92 17.14 -35.02
N TRP A 432 16.82 17.80 -35.37
CA TRP A 432 16.47 19.08 -34.77
C TRP A 432 14.99 19.35 -34.98
N ASN A 433 14.36 19.93 -33.96
CA ASN A 433 12.93 20.25 -33.98
C ASN A 433 12.11 19.01 -34.32
N LEU A 434 12.50 17.87 -33.75
CA LEU A 434 11.82 16.62 -34.04
C LEU A 434 10.35 16.68 -33.61
N PHE A 435 10.10 17.18 -32.38
CA PHE A 435 8.78 17.08 -31.79
C PHE A 435 7.71 17.84 -32.58
N LEU A 436 8.11 18.74 -33.47
CA LEU A 436 7.15 19.41 -34.32
C LEU A 436 6.50 18.40 -35.26
N PRO A 437 5.18 18.27 -35.27
CA PRO A 437 4.53 17.19 -36.04
C PRO A 437 4.47 17.43 -37.54
N ALA A 438 5.12 18.49 -38.05
CA ALA A 438 5.11 18.75 -39.49
C ALA A 438 6.52 18.91 -40.02
N VAL A 439 7.42 19.44 -39.18
CA VAL A 439 8.82 19.61 -39.60
C VAL A 439 9.60 18.31 -39.57
N SER A 440 8.99 17.23 -39.08
CA SER A 440 9.63 15.92 -39.02
C SER A 440 8.82 14.83 -39.71
N GLY A 441 7.49 14.87 -39.60
CA GLY A 441 6.62 14.03 -40.39
C GLY A 441 6.32 12.65 -39.84
N LEU A 442 6.96 12.24 -38.75
CA LEU A 442 6.70 10.91 -38.21
C LEU A 442 5.34 10.85 -37.54
N SER A 443 4.90 9.63 -37.24
CA SER A 443 3.63 9.38 -36.58
C SER A 443 3.81 9.53 -35.07
N GLN A 444 2.70 9.34 -34.34
CA GLN A 444 2.72 9.57 -32.89
C GLN A 444 3.49 8.47 -32.17
N VAL A 445 3.35 7.21 -32.62
CA VAL A 445 4.03 6.11 -31.93
C VAL A 445 5.54 6.25 -32.05
N ASP A 446 6.04 6.58 -33.24
CA ASP A 446 7.46 6.84 -33.40
C ASP A 446 7.90 8.01 -32.54
N TYR A 447 7.03 9.02 -32.41
CA TYR A 447 7.35 10.16 -31.56
C TYR A 447 7.52 9.72 -30.10
N ALA A 448 6.61 8.87 -29.62
CA ALA A 448 6.71 8.39 -28.25
C ALA A 448 7.95 7.54 -28.04
N LEU A 449 8.29 6.69 -29.01
CA LEU A 449 9.49 5.87 -28.87
C LEU A 449 10.74 6.74 -28.84
N ILE A 450 10.83 7.74 -29.71
CA ILE A 450 11.97 8.64 -29.70
C ILE A 450 12.04 9.40 -28.38
N ALA A 451 10.90 9.92 -27.90
CA ALA A 451 10.90 10.65 -26.64
C ALA A 451 11.36 9.77 -25.49
N GLU A 452 10.94 8.51 -25.48
CA GLU A 452 11.44 7.56 -24.49
C GLU A 452 12.95 7.39 -24.61
N GLU A 453 13.46 7.35 -25.83
CA GLU A 453 14.90 7.17 -26.01
C GLU A 453 15.69 8.40 -25.56
N THR A 454 15.09 9.60 -25.64
CA THR A 454 15.77 10.82 -25.26
C THR A 454 15.33 11.38 -23.91
N GLY A 455 14.53 10.63 -23.15
CA GLY A 455 14.23 11.06 -21.79
C GLY A 455 15.25 10.63 -20.76
N LYS A 456 16.22 9.80 -21.14
CA LYS A 456 17.14 9.23 -20.17
C LYS A 456 18.12 10.30 -19.65
N CYS A 457 18.69 11.09 -20.56
CA CYS A 457 19.57 12.17 -20.15
C CYS A 457 18.75 13.36 -19.67
N PHE A 458 19.22 13.99 -18.59
CA PHE A 458 18.43 15.05 -17.96
C PHE A 458 18.23 16.24 -18.88
N PHE A 459 19.28 16.66 -19.59
CA PHE A 459 19.23 17.81 -20.46
C PHE A 459 19.09 17.45 -21.94
N ALA A 460 18.79 16.19 -22.24
CA ALA A 460 18.70 15.76 -23.63
C ALA A 460 17.67 16.53 -24.46
N PRO A 461 16.45 16.82 -23.98
CA PRO A 461 15.50 17.55 -24.84
C PRO A 461 15.97 18.92 -25.26
N ASP A 462 16.90 19.54 -24.52
CA ASP A 462 17.40 20.84 -24.91
C ASP A 462 18.20 20.79 -26.20
N VAL A 463 18.90 19.69 -26.46
CA VAL A 463 19.73 19.59 -27.66
C VAL A 463 18.85 19.46 -28.90
N PHE A 464 17.76 18.71 -28.81
CA PHE A 464 16.88 18.47 -29.94
C PHE A 464 15.81 19.55 -30.11
N ASN A 465 15.83 20.59 -29.27
CA ASN A 465 14.84 21.66 -29.30
C ASN A 465 13.43 21.09 -29.12
N CYS A 466 13.25 20.39 -28.00
CA CYS A 466 11.96 19.81 -27.63
C CYS A 466 11.69 20.05 -26.16
N GLN A 467 11.97 21.27 -25.69
CA GLN A 467 11.78 21.58 -24.28
C GLN A 467 10.30 21.55 -23.92
N ALA A 468 10.03 21.48 -22.61
CA ALA A 468 8.66 21.36 -22.15
C ALA A 468 7.76 22.54 -22.52
N PRO A 469 8.15 23.80 -22.27
CA PRO A 469 7.21 24.90 -22.54
C PRO A 469 7.13 25.28 -24.01
N ASP A 470 8.26 25.18 -24.72
CA ASP A 470 8.34 25.72 -26.07
C ASP A 470 7.46 24.95 -27.05
N THR A 471 7.36 23.63 -26.90
CA THR A 471 6.69 22.82 -27.91
C THR A 471 5.18 23.06 -27.93
N GLY A 472 4.56 23.31 -26.77
CA GLY A 472 3.14 23.61 -26.76
C GLY A 472 2.82 24.90 -27.49
N ASN A 473 3.59 25.95 -27.22
CA ASN A 473 3.40 27.21 -27.93
C ASN A 473 3.66 27.05 -29.42
N MET A 474 4.68 26.26 -29.78
CA MET A 474 4.97 26.03 -31.19
C MET A 474 3.81 25.34 -31.89
N GLU A 475 3.25 24.31 -31.26
CA GLU A 475 2.12 23.60 -31.84
C GLU A 475 0.90 24.50 -31.95
N VAL A 476 0.63 25.32 -30.93
CA VAL A 476 -0.50 26.23 -30.98
C VAL A 476 -0.33 27.23 -32.12
N LEU A 477 0.88 27.78 -32.26
CA LEU A 477 1.14 28.72 -33.35
C LEU A 477 0.95 28.07 -34.71
N HIS A 478 1.49 26.85 -34.89
CA HIS A 478 1.48 26.22 -36.21
C HIS A 478 0.07 25.76 -36.59
N LEU A 479 -0.62 25.06 -35.68
CA LEU A 479 -1.89 24.44 -36.01
C LEU A 479 -2.96 25.47 -36.36
N TYR A 480 -3.36 26.30 -35.40
CA TYR A 480 -4.37 27.33 -35.61
C TYR A 480 -3.78 28.67 -35.20
N GLY A 481 -3.10 29.32 -36.13
CA GLY A 481 -2.46 30.59 -35.85
C GLY A 481 -2.53 31.52 -37.05
N SER A 482 -2.59 32.80 -36.77
CA SER A 482 -2.63 33.81 -37.81
C SER A 482 -1.32 33.81 -38.60
N GLU A 483 -1.42 33.99 -39.91
CA GLU A 483 -0.22 33.99 -40.76
C GLU A 483 0.73 35.11 -40.36
N GLN A 484 0.19 36.31 -40.10
CA GLN A 484 1.04 37.40 -39.62
C GLN A 484 1.66 37.06 -38.28
N GLN A 485 0.87 36.52 -37.35
CA GLN A 485 1.39 36.12 -36.06
C GLN A 485 2.41 35.00 -36.20
N LYS A 486 2.14 34.05 -37.10
CA LYS A 486 3.08 32.96 -37.33
C LYS A 486 4.42 33.50 -37.82
N LYS A 487 4.40 34.34 -38.86
CA LYS A 487 5.63 34.91 -39.36
C LYS A 487 6.34 35.76 -38.30
N GLN A 488 5.58 36.43 -37.43
CA GLN A 488 6.19 37.28 -36.43
C GLN A 488 6.88 36.46 -35.33
N TRP A 489 6.26 35.35 -34.91
CA TRP A 489 6.70 34.65 -33.71
C TRP A 489 7.40 33.32 -33.98
N LEU A 490 6.83 32.46 -34.81
CA LEU A 490 7.39 31.12 -35.00
C LEU A 490 8.79 31.18 -35.58
N GLU A 491 9.03 32.11 -36.52
CA GLU A 491 10.37 32.26 -37.06
C GLU A 491 11.41 32.55 -35.98
N PRO A 492 11.07 33.17 -34.85
CA PRO A 492 12.03 33.29 -33.75
C PRO A 492 12.06 32.08 -32.82
N LEU A 493 11.27 31.05 -33.11
CA LEU A 493 11.23 29.82 -32.33
C LEU A 493 11.83 28.64 -33.07
N LEU A 494 11.42 28.42 -34.32
CA LEU A 494 11.92 27.28 -35.09
C LEU A 494 13.42 27.37 -35.32
N ARG A 495 14.00 28.56 -35.25
CA ARG A 495 15.44 28.73 -35.36
C ARG A 495 16.12 28.82 -34.00
N GLY A 496 15.37 28.65 -32.91
CA GLY A 496 15.95 28.73 -31.59
C GLY A 496 16.38 30.11 -31.16
N ASP A 497 15.84 31.16 -31.80
CA ASP A 497 16.24 32.51 -31.45
C ASP A 497 15.71 32.91 -30.08
N ILE A 498 14.43 32.67 -29.81
CA ILE A 498 13.80 33.05 -28.56
C ILE A 498 13.06 31.85 -27.97
N THR A 499 12.86 31.91 -26.66
CA THR A 499 12.14 30.88 -25.93
C THR A 499 10.67 31.27 -25.81
N SER A 500 9.91 30.56 -24.98
CA SER A 500 8.51 30.88 -24.75
C SER A 500 8.13 30.39 -23.35
N VAL A 501 6.87 30.61 -22.99
CA VAL A 501 6.36 30.21 -21.68
C VAL A 501 4.85 30.14 -21.76
N PHE A 502 4.28 29.08 -21.18
CA PHE A 502 2.84 28.88 -21.12
C PHE A 502 2.41 28.98 -19.67
N CYS A 503 1.61 30.00 -19.36
CA CYS A 503 1.26 30.31 -17.97
C CYS A 503 -0.25 30.45 -17.82
N MET A 504 -0.81 29.69 -16.87
CA MET A 504 -2.19 29.92 -16.46
C MET A 504 -2.35 29.90 -14.94
N THR A 505 -1.31 29.59 -14.18
CA THR A 505 -1.40 29.55 -12.73
C THR A 505 -1.12 30.92 -12.12
N CYS A 519 -6.29 34.98 -14.62
CA CYS A 519 -6.22 36.43 -14.49
C CYS A 519 -7.28 37.10 -15.36
N THR A 520 -7.16 38.41 -15.52
CA THR A 520 -8.11 39.20 -16.29
C THR A 520 -7.57 39.43 -17.70
N ILE A 521 -8.41 39.15 -18.70
CA ILE A 521 -8.07 39.40 -20.10
C ILE A 521 -9.15 40.30 -20.69
N GLN A 522 -9.71 41.18 -19.86
CA GLN A 522 -10.86 41.97 -20.27
C GLN A 522 -10.55 42.86 -21.46
N ARG A 523 -11.54 43.03 -22.33
CA ARG A 523 -11.39 43.85 -23.52
C ARG A 523 -11.43 45.34 -23.18
N GLY A 527 -8.56 47.45 -28.42
CA GLY A 527 -7.57 46.57 -27.82
C GLY A 527 -8.05 45.91 -26.54
N TYR A 528 -7.19 45.08 -25.95
CA TYR A 528 -7.50 44.37 -24.72
C TYR A 528 -6.37 44.53 -23.73
N ILE A 529 -6.71 44.50 -22.44
CA ILE A 529 -5.75 44.64 -21.36
C ILE A 529 -5.75 43.37 -20.53
N VAL A 530 -4.57 42.94 -20.09
CA VAL A 530 -4.39 41.70 -19.34
C VAL A 530 -3.64 42.06 -18.07
N ASN A 531 -4.37 42.32 -16.99
CA ASN A 531 -3.79 42.62 -15.69
C ASN A 531 -4.03 41.44 -14.76
N GLY A 532 -2.96 40.88 -14.23
CA GLY A 532 -3.07 39.74 -13.34
C GLY A 532 -1.71 39.28 -12.89
N LYS A 533 -1.72 38.32 -11.96
CA LYS A 533 -0.50 37.78 -11.37
C LYS A 533 -0.34 36.31 -11.77
N LYS A 534 0.81 35.99 -12.33
CA LYS A 534 1.13 34.60 -12.69
C LYS A 534 1.83 33.91 -11.53
N TRP A 535 2.11 32.62 -11.72
CA TRP A 535 2.72 31.81 -10.68
C TRP A 535 3.21 30.51 -11.28
N TRP A 536 4.36 30.04 -10.80
CA TRP A 536 4.94 28.75 -11.22
C TRP A 536 5.21 28.69 -12.72
N SER A 537 5.41 29.85 -13.35
CA SER A 537 5.63 29.90 -14.79
C SER A 537 7.01 29.32 -15.09
N SER A 538 7.04 28.09 -15.60
CA SER A 538 8.31 27.42 -15.89
C SER A 538 9.01 28.09 -17.06
N GLY A 539 10.34 28.21 -16.94
CA GLY A 539 11.14 28.79 -18.01
C GLY A 539 10.98 30.27 -18.20
N ALA A 540 10.50 30.99 -17.18
CA ALA A 540 10.29 32.42 -17.31
C ALA A 540 11.55 33.24 -17.03
N GLY A 541 12.60 32.62 -16.50
CA GLY A 541 13.82 33.32 -16.17
C GLY A 541 14.92 33.26 -17.20
N ASN A 542 14.70 32.58 -18.32
CA ASN A 542 15.73 32.47 -19.34
C ASN A 542 15.98 33.83 -19.98
N PRO A 543 17.25 34.18 -20.23
CA PRO A 543 17.53 35.47 -20.88
C PRO A 543 16.98 35.57 -22.30
N LYS A 544 16.74 34.44 -22.97
CA LYS A 544 16.21 34.44 -24.33
C LYS A 544 14.71 34.12 -24.36
N CYS A 545 13.98 34.54 -23.32
CA CYS A 545 12.55 34.30 -23.24
C CYS A 545 11.83 35.60 -23.56
N LYS A 546 11.19 35.66 -24.72
CA LYS A 546 10.50 36.86 -25.18
C LYS A 546 8.99 36.67 -25.25
N ILE A 547 8.52 35.66 -25.97
CA ILE A 547 7.09 35.44 -26.12
C ILE A 547 6.51 34.89 -24.82
N ALA A 548 5.19 34.91 -24.71
CA ALA A 548 4.48 34.37 -23.57
C ALA A 548 3.02 34.19 -23.93
N ILE A 549 2.50 32.97 -23.74
CA ILE A 549 1.12 32.65 -24.04
C ILE A 549 0.36 32.48 -22.74
N VAL A 550 -0.68 33.28 -22.55
CA VAL A 550 -1.49 33.26 -21.34
C VAL A 550 -2.93 33.01 -21.74
N LEU A 551 -3.54 31.97 -21.19
CA LEU A 551 -4.95 31.66 -21.42
C LEU A 551 -5.71 32.00 -20.14
N GLY A 552 -6.13 33.25 -20.02
CA GLY A 552 -6.84 33.74 -18.86
C GLY A 552 -8.22 34.26 -19.21
N ARG A 553 -8.97 34.58 -18.15
CA ARG A 553 -10.33 35.08 -18.30
C ARG A 553 -10.34 36.46 -18.95
N ARG A 563 -17.67 31.09 -21.21
CA ARG A 563 -16.60 30.84 -22.16
C ARG A 563 -15.54 31.94 -22.08
N GLN A 564 -14.85 32.03 -20.95
CA GLN A 564 -13.81 33.03 -20.74
C GLN A 564 -12.46 32.60 -21.29
N HIS A 565 -12.35 31.39 -21.85
CA HIS A 565 -11.09 30.89 -22.37
C HIS A 565 -10.72 31.67 -23.63
N SER A 566 -9.77 32.59 -23.49
CA SER A 566 -9.27 33.38 -24.61
C SER A 566 -7.77 33.56 -24.43
N MET A 567 -6.98 32.79 -25.18
CA MET A 567 -5.53 32.82 -25.07
C MET A 567 -4.97 33.86 -26.02
N ILE A 568 -4.15 34.76 -25.48
CA ILE A 568 -3.58 35.87 -26.24
C ILE A 568 -2.08 35.94 -25.96
N LEU A 569 -1.30 36.08 -27.03
CA LEU A 569 0.14 36.25 -26.87
C LEU A 569 0.44 37.59 -26.20
N VAL A 570 1.43 37.58 -25.32
CA VAL A 570 1.86 38.82 -24.65
C VAL A 570 3.38 38.85 -24.59
N PRO A 571 4.04 39.69 -25.39
CA PRO A 571 5.50 39.81 -25.30
C PRO A 571 5.92 40.29 -23.92
N MET A 572 7.02 39.71 -23.42
CA MET A 572 7.49 40.04 -22.08
C MET A 572 8.18 41.39 -22.02
N ASP A 573 8.62 41.93 -23.15
CA ASP A 573 9.23 43.25 -23.18
C ASP A 573 8.20 44.37 -23.06
N THR A 574 6.92 44.06 -23.18
CA THR A 574 5.89 45.08 -23.07
C THR A 574 5.85 45.66 -21.67
N PRO A 575 5.51 46.93 -21.52
CA PRO A 575 5.46 47.54 -20.18
C PRO A 575 4.43 46.85 -19.30
N GLY A 576 4.77 46.76 -18.01
CA GLY A 576 3.90 46.15 -17.02
C GLY A 576 4.29 44.72 -16.65
N VAL A 577 5.15 44.08 -17.42
CA VAL A 577 5.60 42.73 -17.14
C VAL A 577 6.92 42.82 -16.37
N GLU A 578 6.97 42.16 -15.21
CA GLU A 578 8.16 42.20 -14.37
C GLU A 578 8.21 40.93 -13.52
N LEU A 579 9.31 40.20 -13.60
CA LEU A 579 9.48 39.00 -12.78
C LEU A 579 9.58 39.39 -11.31
N ILE A 580 8.92 38.59 -10.47
CA ILE A 580 8.80 38.94 -9.05
C ILE A 580 9.91 38.28 -8.24
N ARG A 581 9.92 36.95 -8.21
CA ARG A 581 10.88 36.21 -7.39
C ARG A 581 11.00 34.81 -7.95
N PRO A 582 12.12 34.13 -7.70
CA PRO A 582 12.25 32.74 -8.14
C PRO A 582 11.67 31.77 -7.13
N LEU A 583 11.06 30.70 -7.66
CA LEU A 583 10.43 29.67 -6.85
C LEU A 583 11.35 28.44 -6.81
N SER A 584 11.60 27.93 -5.61
CA SER A 584 12.50 26.81 -5.39
C SER A 584 11.70 25.57 -4.98
N VAL A 585 11.99 24.45 -5.65
CA VAL A 585 11.36 23.18 -5.35
C VAL A 585 12.41 22.28 -4.70
N PHE A 586 12.20 21.96 -3.42
CA PHE A 586 13.11 21.11 -2.66
C PHE A 586 14.51 21.70 -2.58
N GLY A 587 14.60 23.02 -2.73
CA GLY A 587 15.88 23.70 -2.63
C GLY A 587 16.73 23.64 -3.88
N TYR A 588 16.15 23.27 -5.01
CA TYR A 588 16.83 23.31 -6.30
C TYR A 588 16.27 24.46 -7.11
N MET A 589 17.14 25.35 -7.58
CA MET A 589 16.72 26.48 -8.40
C MET A 589 16.33 26.06 -9.81
N ASP A 590 16.69 24.85 -10.25
CA ASP A 590 16.38 24.35 -11.58
C ASP A 590 16.88 25.30 -12.66
N ASN A 591 18.21 25.43 -12.72
CA ASN A 591 18.84 26.33 -13.69
C ASN A 591 18.62 25.87 -15.13
N MET A 592 18.25 24.61 -15.34
CA MET A 592 18.01 24.10 -16.68
C MET A 592 16.55 23.69 -16.85
N HIS A 596 11.62 28.82 -12.38
CA HIS A 596 10.24 28.93 -11.91
C HIS A 596 9.96 30.33 -11.37
N TRP A 597 10.59 31.33 -11.97
CA TRP A 597 10.42 32.70 -11.50
C TRP A 597 8.99 33.16 -11.69
N GLU A 598 8.44 33.81 -10.65
CA GLU A 598 7.09 34.31 -10.72
C GLU A 598 6.99 35.51 -11.67
N VAL A 599 5.83 35.65 -12.29
CA VAL A 599 5.56 36.70 -13.27
C VAL A 599 4.39 37.54 -12.80
N HIS A 600 4.50 38.85 -12.99
CA HIS A 600 3.43 39.79 -12.65
C HIS A 600 3.11 40.63 -13.88
N PHE A 601 1.83 40.71 -14.24
CA PHE A 601 1.36 41.49 -15.37
C PHE A 601 0.43 42.57 -14.84
N ASN A 602 0.91 43.81 -14.80
CA ASN A 602 0.17 44.94 -14.24
C ASN A 602 -0.31 45.82 -15.39
N HIS A 603 -1.49 45.49 -15.93
CA HIS A 603 -2.15 46.27 -16.97
C HIS A 603 -1.25 46.48 -18.19
N VAL A 604 -0.92 45.36 -18.82
CA VAL A 604 -0.12 45.41 -20.05
C VAL A 604 -1.02 45.77 -21.22
N ARG A 605 -0.57 46.71 -22.05
CA ARG A 605 -1.31 47.13 -23.22
C ARG A 605 -0.77 46.38 -24.44
N VAL A 606 -1.64 45.61 -25.08
CA VAL A 606 -1.25 44.82 -26.25
C VAL A 606 -2.31 44.99 -27.33
N PRO A 607 -1.93 44.94 -28.61
CA PRO A 607 -2.92 45.08 -29.67
C PRO A 607 -3.77 43.83 -29.80
N ALA A 608 -4.87 43.97 -30.56
CA ALA A 608 -5.75 42.83 -30.81
C ALA A 608 -5.10 41.79 -31.71
N SER A 609 -4.05 42.17 -32.44
CA SER A 609 -3.34 41.19 -33.28
C SER A 609 -2.68 40.11 -32.42
N ASN A 610 -2.15 40.50 -31.25
CA ASN A 610 -1.49 39.56 -30.37
C ASN A 610 -2.43 38.50 -29.81
N LEU A 611 -3.74 38.69 -29.92
CA LEU A 611 -4.69 37.70 -29.45
C LEU A 611 -4.98 36.66 -30.53
N ARG A 625 -4.17 19.44 -28.89
CA ARG A 625 -4.02 20.40 -27.80
C ARG A 625 -3.07 19.87 -26.73
N LEU A 626 -3.62 19.15 -25.75
CA LEU A 626 -2.82 18.62 -24.64
C LEU A 626 -2.39 17.18 -24.85
N GLY A 627 -2.87 16.52 -25.91
CA GLY A 627 -2.59 15.12 -26.12
C GLY A 627 -1.13 14.82 -26.32
N PRO A 628 -0.52 15.44 -27.33
CA PRO A 628 0.93 15.23 -27.53
C PRO A 628 1.75 15.65 -26.33
N GLY A 629 1.36 16.73 -25.66
CA GLY A 629 2.10 17.16 -24.48
C GLY A 629 2.10 16.11 -23.39
N ARG A 630 0.94 15.57 -23.07
CA ARG A 630 0.86 14.53 -22.04
C ARG A 630 1.61 13.28 -22.47
N ILE A 631 1.52 12.91 -23.75
CA ILE A 631 2.19 11.71 -24.23
C ILE A 631 3.70 11.84 -24.07
N HIS A 632 4.26 12.97 -24.50
CA HIS A 632 5.71 13.15 -24.40
C HIS A 632 6.15 13.30 -22.94
N HIS A 633 5.34 13.97 -22.12
CA HIS A 633 5.68 14.12 -20.71
C HIS A 633 5.62 12.82 -19.95
N CYS A 634 4.86 11.84 -20.45
CA CYS A 634 4.89 10.51 -19.85
C CYS A 634 6.04 9.67 -20.39
N MET A 635 6.35 9.81 -21.69
CA MET A 635 7.43 9.03 -22.28
C MET A 635 8.77 9.41 -21.68
N ARG A 636 9.01 10.71 -21.48
CA ARG A 636 10.27 11.13 -20.87
C ARG A 636 10.42 10.58 -19.46
N THR A 637 9.32 10.58 -18.70
CA THR A 637 9.36 10.01 -17.35
C THR A 637 9.63 8.51 -17.39
N VAL A 638 9.07 7.81 -18.38
CA VAL A 638 9.34 6.38 -18.51
C VAL A 638 10.82 6.14 -18.79
N GLY A 639 11.41 6.92 -19.68
CA GLY A 639 12.84 6.78 -19.95
C GLY A 639 13.68 7.07 -18.72
N LEU A 640 13.30 8.09 -17.95
CA LEU A 640 14.00 8.38 -16.71
C LEU A 640 13.93 7.21 -15.73
N ALA A 641 12.75 6.59 -15.61
CA ALA A 641 12.61 5.45 -14.72
C ALA A 641 13.45 4.27 -15.19
N GLU A 642 13.53 4.07 -16.50
CA GLU A 642 14.37 2.99 -17.02
C GLU A 642 15.84 3.21 -16.68
N ARG A 643 16.31 4.44 -16.83
CA ARG A 643 17.71 4.72 -16.46
C ARG A 643 17.93 4.54 -14.97
N ILE A 644 16.96 4.96 -14.15
CA ILE A 644 17.08 4.80 -12.71
C ILE A 644 17.18 3.31 -12.35
N LEU A 645 16.35 2.48 -12.99
CA LEU A 645 16.40 1.05 -12.72
C LEU A 645 17.73 0.45 -13.14
N GLN A 646 18.27 0.90 -14.28
CA GLN A 646 19.60 0.41 -14.68
C GLN A 646 20.65 0.76 -13.64
N ILE A 647 20.63 2.02 -13.17
CA ILE A 647 21.62 2.45 -12.18
C ILE A 647 21.48 1.63 -10.90
N MET A 648 20.24 1.41 -10.46
CA MET A 648 20.02 0.68 -9.21
C MET A 648 20.45 -0.79 -9.34
N CYS A 649 20.19 -1.40 -10.49
CA CYS A 649 20.66 -2.77 -10.71
C CYS A 649 22.17 -2.85 -10.70
N ASP A 650 22.85 -1.91 -11.37
CA ASP A 650 24.30 -1.91 -11.38
C ASP A 650 24.86 -1.74 -9.98
N ARG A 651 24.27 -0.84 -9.19
CA ARG A 651 24.75 -0.64 -7.83
C ARG A 651 24.49 -1.85 -6.95
N ALA A 652 23.34 -2.51 -7.13
CA ALA A 652 23.04 -3.70 -6.34
C ALA A 652 24.02 -4.83 -6.66
N VAL A 653 24.38 -4.97 -7.94
CA VAL A 653 25.36 -6.00 -8.30
C VAL A 653 26.75 -5.65 -7.77
N GLN A 654 27.14 -4.38 -7.89
CA GLN A 654 28.50 -3.99 -7.49
C GLN A 654 28.72 -4.20 -6.00
N ARG A 655 27.76 -3.84 -5.17
CA ARG A 655 27.90 -3.99 -3.72
C ARG A 655 27.60 -5.41 -3.28
N HIS A 665 20.58 -9.67 -1.62
CA HIS A 665 19.48 -10.12 -0.77
C HIS A 665 18.21 -10.31 -1.59
N GLU A 666 17.19 -10.91 -0.96
CA GLU A 666 15.95 -11.18 -1.66
C GLU A 666 15.09 -9.93 -1.83
N VAL A 667 15.15 -9.01 -0.86
CA VAL A 667 14.29 -7.83 -0.92
C VAL A 667 14.69 -6.91 -2.07
N VAL A 668 15.99 -6.77 -2.33
CA VAL A 668 16.43 -5.94 -3.44
C VAL A 668 16.00 -6.56 -4.76
N ALA A 669 16.06 -7.89 -4.87
CA ALA A 669 15.58 -8.56 -6.07
C ALA A 669 14.09 -8.34 -6.26
N HIS A 670 13.31 -8.41 -5.19
CA HIS A 670 11.88 -8.15 -5.29
C HIS A 670 11.61 -6.72 -5.74
N TRP A 671 12.39 -5.77 -5.21
CA TRP A 671 12.25 -4.37 -5.64
C TRP A 671 12.54 -4.21 -7.12
N ILE A 672 13.60 -4.87 -7.61
CA ILE A 672 13.95 -4.79 -9.02
C ILE A 672 12.82 -5.34 -9.88
N ALA A 673 12.29 -6.50 -9.49
CA ALA A 673 11.22 -7.11 -10.27
C ALA A 673 9.98 -6.22 -10.32
N LYS A 674 9.60 -5.66 -9.18
CA LYS A 674 8.42 -4.79 -9.14
C LYS A 674 8.64 -3.55 -9.99
N SER A 675 9.85 -2.98 -9.94
CA SER A 675 10.15 -1.81 -10.76
C SER A 675 10.03 -2.12 -12.24
N ARG A 676 10.56 -3.28 -12.66
CA ARG A 676 10.46 -3.67 -14.07
C ARG A 676 9.01 -3.85 -14.48
N ILE A 677 8.20 -4.48 -13.63
CA ILE A 677 6.79 -4.69 -13.95
C ILE A 677 6.09 -3.35 -14.15
N ALA A 678 6.30 -2.43 -13.22
CA ALA A 678 5.64 -1.12 -13.32
C ALA A 678 6.09 -0.37 -14.56
N ILE A 679 7.39 -0.42 -14.88
CA ILE A 679 7.90 0.28 -16.06
C ILE A 679 7.25 -0.27 -17.32
N GLU A 680 7.18 -1.60 -17.44
CA GLU A 680 6.57 -2.19 -18.62
C GLU A 680 5.11 -1.80 -18.75
N GLU A 681 4.36 -1.85 -17.65
CA GLU A 681 2.94 -1.50 -17.72
C GLU A 681 2.74 -0.04 -18.13
N ILE A 682 3.55 0.87 -17.57
CA ILE A 682 3.39 2.28 -17.90
C ILE A 682 3.76 2.53 -19.36
N ARG A 683 4.83 1.90 -19.85
CA ARG A 683 5.20 2.08 -21.25
C ARG A 683 4.08 1.60 -22.17
N LEU A 684 3.48 0.45 -21.84
CA LEU A 684 2.39 -0.06 -22.66
C LEU A 684 1.21 0.90 -22.67
N LEU A 685 0.85 1.45 -21.50
CA LEU A 685 -0.25 2.40 -21.45
C LEU A 685 0.04 3.64 -22.30
N THR A 686 1.26 4.17 -22.18
CA THR A 686 1.60 5.37 -22.95
C THR A 686 1.53 5.11 -24.44
N LEU A 687 2.07 3.97 -24.90
CA LEU A 687 2.03 3.66 -26.32
C LEU A 687 0.61 3.44 -26.80
N LYS A 688 -0.24 2.81 -25.98
CA LYS A 688 -1.63 2.63 -26.38
C LYS A 688 -2.34 3.96 -26.54
N ALA A 689 -2.11 4.89 -25.61
CA ALA A 689 -2.73 6.21 -25.72
C ALA A 689 -2.24 6.94 -26.96
N ALA A 690 -0.93 6.87 -27.24
CA ALA A 690 -0.40 7.52 -28.42
C ALA A 690 -0.99 6.95 -29.70
N HIS A 691 -1.11 5.63 -29.78
CA HIS A 691 -1.68 5.00 -30.96
C HIS A 691 -3.15 5.35 -31.11
N SER A 692 -3.89 5.44 -30.00
CA SER A 692 -5.28 5.84 -30.07
C SER A 692 -5.42 7.27 -30.58
N ILE A 693 -4.53 8.16 -30.15
CA ILE A 693 -4.53 9.51 -30.69
C ILE A 693 -4.22 9.49 -32.19
N ASP A 694 -3.27 8.66 -32.60
CA ASP A 694 -2.85 8.63 -33.99
C ASP A 694 -3.98 8.13 -34.90
N THR A 695 -4.58 7.00 -34.56
CA THR A 695 -5.48 6.34 -35.50
C THR A 695 -6.87 6.94 -35.48
N LEU A 696 -7.56 6.85 -34.36
CA LEU A 696 -8.98 7.22 -34.28
C LEU A 696 -9.15 8.65 -33.79
N GLY A 697 -8.53 9.59 -34.50
CA GLY A 697 -8.67 11.00 -34.19
C GLY A 697 -8.05 11.37 -32.86
N SER A 698 -8.21 12.64 -32.50
CA SER A 698 -7.66 13.18 -31.26
C SER A 698 -8.71 13.50 -30.22
N ALA A 699 -10.00 13.44 -30.56
CA ALA A 699 -11.07 13.72 -29.62
C ALA A 699 -11.59 12.48 -28.92
N SER A 700 -11.09 11.29 -29.28
CA SER A 700 -11.53 10.03 -28.69
C SER A 700 -10.44 9.36 -27.87
N ALA A 701 -9.57 10.14 -27.25
CA ALA A 701 -8.48 9.58 -26.45
C ALA A 701 -8.25 10.37 -25.17
N ARG A 702 -9.30 11.02 -24.64
CA ARG A 702 -9.16 11.74 -23.39
C ARG A 702 -9.02 10.79 -22.20
N LYS A 703 -9.74 9.66 -22.25
CA LYS A 703 -9.69 8.70 -21.16
C LYS A 703 -8.29 8.14 -20.96
N GLU A 704 -7.64 7.73 -22.05
CA GLU A 704 -6.29 7.19 -21.94
C GLU A 704 -5.30 8.27 -21.49
N ILE A 705 -5.51 9.52 -21.92
CA ILE A 705 -4.62 10.60 -21.52
C ILE A 705 -4.72 10.84 -20.01
N ALA A 706 -5.94 10.89 -19.48
CA ALA A 706 -6.11 11.01 -18.04
C ALA A 706 -5.51 9.80 -17.32
N MET A 707 -5.65 8.62 -17.90
CA MET A 707 -5.14 7.41 -17.27
C MET A 707 -3.62 7.45 -17.15
N ILE A 708 -2.94 7.90 -18.21
CA ILE A 708 -1.47 7.97 -18.14
C ILE A 708 -1.05 9.14 -17.26
N LYS A 709 -1.89 10.18 -17.15
CA LYS A 709 -1.58 11.26 -16.21
C LYS A 709 -1.67 10.79 -14.77
N VAL A 710 -2.54 9.81 -14.49
CA VAL A 710 -2.66 9.28 -13.14
C VAL A 710 -1.55 8.27 -12.84
N ALA A 711 -1.36 7.30 -13.73
CA ALA A 711 -0.61 6.10 -13.37
C ALA A 711 0.87 6.36 -13.19
N ALA A 712 1.50 7.04 -14.15
CA ALA A 712 2.97 7.06 -14.21
C ALA A 712 3.64 7.67 -12.98
N PRO A 713 3.28 8.88 -12.53
CA PRO A 713 4.09 9.53 -11.48
C PRO A 713 4.19 8.73 -10.19
N LYS A 714 3.11 8.05 -9.78
CA LYS A 714 3.16 7.30 -8.53
C LYS A 714 4.18 6.18 -8.58
N ALA A 715 4.11 5.36 -9.63
CA ALA A 715 5.05 4.24 -9.75
C ALA A 715 6.48 4.73 -9.95
N VAL A 716 6.66 5.82 -10.69
CA VAL A 716 8.01 6.33 -10.92
C VAL A 716 8.59 6.88 -9.62
N CYS A 717 7.77 7.57 -8.81
CA CYS A 717 8.24 8.05 -7.52
C CYS A 717 8.58 6.88 -6.60
N LYS A 718 7.78 5.82 -6.62
CA LYS A 718 8.10 4.64 -5.83
C LYS A 718 9.42 4.02 -6.26
N ILE A 719 9.67 3.94 -7.56
CA ILE A 719 10.94 3.40 -8.05
C ILE A 719 12.09 4.27 -7.61
N ALA A 720 11.94 5.59 -7.68
CA ALA A 720 13.00 6.49 -7.24
C ALA A 720 13.29 6.32 -5.76
N ASP A 721 12.23 6.18 -4.95
CA ASP A 721 12.42 5.96 -3.52
C ASP A 721 13.15 4.66 -3.25
N TRP A 722 12.78 3.58 -3.95
CA TRP A 722 13.48 2.32 -3.77
C TRP A 722 14.94 2.43 -4.17
N ALA A 723 15.22 3.15 -5.26
CA ALA A 723 16.61 3.32 -5.71
C ALA A 723 17.42 4.07 -4.67
N ILE A 724 16.88 5.19 -4.15
CA ILE A 724 17.65 5.97 -3.19
C ILE A 724 17.78 5.21 -1.88
N GLN A 725 16.83 4.32 -1.57
CA GLN A 725 16.98 3.48 -0.39
C GLN A 725 18.08 2.45 -0.58
N VAL A 726 18.13 1.81 -1.76
CA VAL A 726 19.18 0.83 -2.03
C VAL A 726 20.55 1.50 -1.98
N HIS A 727 20.66 2.72 -2.51
CA HIS A 727 21.94 3.44 -2.46
C HIS A 727 22.39 3.72 -1.04
N GLY A 728 21.46 3.74 -0.07
CA GLY A 728 21.81 3.96 1.32
C GLY A 728 22.15 5.41 1.63
N TYR A 736 26.50 11.46 -7.62
CA TYR A 736 25.61 10.47 -8.23
C TYR A 736 24.47 11.15 -8.99
N PRO A 737 24.26 10.74 -10.24
CA PRO A 737 23.16 11.35 -11.03
C PRO A 737 21.79 11.05 -10.47
N LEU A 738 21.64 10.06 -9.60
CA LEU A 738 20.32 9.71 -9.08
C LEU A 738 19.68 10.86 -8.33
N ALA A 739 20.48 11.80 -7.80
CA ALA A 739 19.92 12.96 -7.12
C ALA A 739 19.11 13.81 -8.08
N ASN A 740 19.65 14.07 -9.27
CA ASN A 740 18.93 14.85 -10.26
C ASN A 740 17.66 14.14 -10.71
N MET A 741 17.74 12.82 -10.90
CA MET A 741 16.56 12.05 -11.30
C MET A 741 15.48 12.11 -10.24
N TYR A 742 15.85 11.98 -8.97
CA TYR A 742 14.85 12.08 -7.90
C TYR A 742 14.27 13.49 -7.84
N ALA A 743 15.12 14.52 -8.04
CA ALA A 743 14.62 15.89 -8.04
C ALA A 743 13.57 16.08 -9.13
N ILE A 744 13.87 15.60 -10.35
CA ILE A 744 12.93 15.74 -11.46
C ILE A 744 11.65 14.96 -11.20
N ILE A 745 11.78 13.73 -10.69
CA ILE A 745 10.60 12.88 -10.46
C ILE A 745 9.71 13.49 -9.38
N ARG A 746 10.32 14.10 -8.36
CA ARG A 746 9.53 14.72 -7.31
C ARG A 746 8.88 16.01 -7.79
N THR A 747 9.61 16.81 -8.57
CA THR A 747 9.04 18.04 -9.11
C THR A 747 7.86 17.74 -10.02
N LEU A 748 7.98 16.72 -10.86
CA LEU A 748 6.91 16.34 -11.78
C LEU A 748 5.72 15.71 -11.07
N ARG A 749 5.85 15.36 -9.80
CA ARG A 749 4.75 14.77 -9.05
C ARG A 749 3.69 15.81 -8.72
N GLU A 756 -5.53 14.97 -7.23
CA GLU A 756 -6.38 13.80 -7.45
C GLU A 756 -7.75 14.18 -8.00
N VAL A 757 -7.75 14.94 -9.10
CA VAL A 757 -8.99 15.31 -9.78
C VAL A 757 -9.14 14.43 -11.02
N HIS A 758 -8.01 13.96 -11.54
CA HIS A 758 -8.03 13.11 -12.72
C HIS A 758 -8.73 11.79 -12.44
N LEU A 759 -8.64 11.29 -11.21
CA LEU A 759 -9.39 10.08 -10.86
C LEU A 759 -10.89 10.32 -10.93
N SER A 760 -11.35 11.48 -10.46
CA SER A 760 -12.77 11.81 -10.57
C SER A 760 -13.18 11.95 -12.03
N ALA A 761 -12.34 12.57 -12.85
CA ALA A 761 -12.65 12.68 -14.27
C ALA A 761 -12.76 11.31 -14.93
N ILE A 762 -11.81 10.42 -14.63
CA ILE A 762 -11.84 9.08 -15.20
C ILE A 762 -13.09 8.33 -14.74
N ALA A 763 -13.47 8.50 -13.47
CA ALA A 763 -14.68 7.86 -12.98
C ALA A 763 -15.91 8.36 -13.72
N LYS A 764 -15.97 9.67 -13.96
CA LYS A 764 -17.10 10.23 -14.70
C LYS A 764 -17.17 9.66 -16.11
N MET A 765 -16.02 9.61 -16.80
CA MET A 765 -16.01 9.06 -18.15
C MET A 765 -16.38 7.59 -18.17
N GLU A 766 -15.90 6.82 -17.19
CA GLU A 766 -16.22 5.41 -17.13
C GLU A 766 -17.71 5.19 -16.88
N LEU A 767 -18.30 6.00 -15.99
CA LEU A 767 -19.73 5.89 -15.74
C LEU A 767 -20.53 6.24 -16.99
N GLN A 768 -20.11 7.28 -17.71
CA GLN A 768 -20.80 7.63 -18.95
C GLN A 768 -20.68 6.50 -19.98
N ASP A 769 -19.50 5.89 -20.08
CA ASP A 769 -19.32 4.78 -21.02
C ASP A 769 -20.21 3.59 -20.65
N GLN A 770 -20.28 3.26 -19.36
CA GLN A 770 -21.13 2.15 -18.93
C GLN A 770 -22.60 2.46 -19.20
N ALA A 771 -23.01 3.70 -18.97
CA ALA A 771 -24.39 4.08 -19.27
C ALA A 771 -24.69 3.97 -20.76
N ARG A 772 -23.74 4.40 -21.60
CA ARG A 772 -23.94 4.33 -23.04
C ARG A 772 -24.01 2.89 -23.53
N ARG A 773 -23.16 2.01 -22.98
CA ARG A 773 -23.11 0.64 -23.46
C ARG A 773 -24.43 -0.08 -23.21
N LEU A 774 -25.04 0.15 -22.05
CA LEU A 774 -26.32 -0.46 -21.72
C LEU A 774 -27.46 0.16 -22.52
N PRO B 53 26.51 19.72 81.46
CA PRO B 53 26.43 18.24 81.40
C PRO B 53 25.27 17.77 80.53
N THR B 54 25.53 17.57 79.24
CA THR B 54 24.50 17.13 78.31
C THR B 54 24.96 16.03 77.37
N PHE B 55 26.20 15.57 77.47
CA PHE B 55 26.71 14.57 76.54
C PHE B 55 26.08 13.20 76.82
N PHE B 56 26.43 12.23 75.97
CA PHE B 56 25.88 10.89 76.09
C PHE B 56 26.38 10.22 77.37
N LEU B 57 25.58 9.30 77.88
CA LEU B 57 25.92 8.56 79.10
C LEU B 57 25.42 7.13 78.97
N GLN B 58 26.02 6.25 79.77
CA GLN B 58 25.65 4.83 79.76
C GLN B 58 25.60 4.28 81.18
N VAL B 65 21.10 9.61 78.06
CA VAL B 65 21.23 11.06 78.03
C VAL B 65 21.80 11.56 79.35
N LEU B 66 21.86 12.88 79.51
CA LEU B 66 22.40 13.49 80.71
C LEU B 66 21.40 14.50 81.24
N ARG B 67 21.83 15.30 82.22
CA ARG B 67 20.95 16.31 82.81
C ARG B 67 20.54 17.36 81.78
N LYS B 68 21.49 17.79 80.95
CA LYS B 68 21.23 18.81 79.93
C LYS B 68 20.67 20.09 80.52
N LYS B 80 22.73 28.04 74.68
CA LYS B 80 21.99 28.28 75.92
C LYS B 80 21.22 27.04 76.35
N ILE B 81 21.87 26.18 77.13
CA ILE B 81 21.22 24.96 77.61
C ILE B 81 20.10 25.27 78.58
N ASP B 82 20.13 26.44 79.23
CA ASP B 82 19.06 26.80 80.17
C ASP B 82 17.72 26.92 79.46
N ARG B 83 17.71 27.51 78.25
CA ARG B 83 16.46 27.62 77.51
C ARG B 83 15.91 26.25 77.13
N GLU B 84 16.78 25.33 76.70
CA GLU B 84 16.33 24.00 76.36
C GLU B 84 15.80 23.26 77.59
N PHE B 85 16.49 23.41 78.72
CA PHE B 85 16.01 22.77 79.95
C PHE B 85 14.67 23.32 80.38
N LYS B 86 14.48 24.64 80.26
CA LYS B 86 13.20 25.24 80.60
C LYS B 86 12.10 24.76 79.66
N ILE B 87 12.41 24.63 78.36
CA ILE B 87 11.43 24.14 77.40
C ILE B 87 11.04 22.70 77.73
N GLN B 88 12.02 21.86 78.07
CA GLN B 88 11.72 20.49 78.43
C GLN B 88 10.88 20.42 79.69
N LYS B 89 11.20 21.23 80.69
CA LYS B 89 10.42 21.24 81.93
C LYS B 89 8.99 21.69 81.67
N ALA B 90 8.81 22.72 80.84
CA ALA B 90 7.46 23.19 80.52
C ALA B 90 6.68 22.13 79.75
N LEU B 91 7.34 21.47 78.80
CA LEU B 91 6.67 20.42 78.03
C LEU B 91 6.26 19.26 78.93
N PHE B 92 7.11 18.91 79.90
CA PHE B 92 6.75 17.86 80.86
C PHE B 92 5.56 18.27 81.71
N SER B 93 5.32 19.57 81.86
CA SER B 93 4.19 20.07 82.63
C SER B 93 3.00 20.39 81.73
N VAL B 117 16.88 17.00 82.41
CA VAL B 117 17.24 15.78 83.13
C VAL B 117 16.62 14.57 82.45
N MET B 118 16.35 14.70 81.16
CA MET B 118 15.76 13.60 80.40
C MET B 118 16.72 12.42 80.34
N GLU B 119 16.16 11.21 80.43
CA GLU B 119 16.95 9.99 80.38
C GLU B 119 17.03 9.49 78.93
N HIS B 120 17.55 8.28 78.76
CA HIS B 120 17.66 7.70 77.42
C HIS B 120 16.30 7.31 76.88
N VAL B 121 16.17 7.34 75.56
CA VAL B 121 14.94 6.99 74.86
C VAL B 121 15.21 5.76 74.00
N GLN B 122 14.44 4.70 74.21
CA GLN B 122 14.60 3.46 73.46
C GLN B 122 13.69 3.51 72.24
N GLY B 123 14.19 4.15 71.18
CA GLY B 123 13.43 4.28 69.96
C GLY B 123 14.35 4.42 68.76
N ARG B 124 13.75 4.35 67.58
CA ARG B 124 14.48 4.45 66.33
C ARG B 124 14.66 5.90 65.92
N ILE B 125 15.61 6.13 65.03
CA ILE B 125 15.86 7.44 64.45
C ILE B 125 16.20 7.23 62.97
N PHE B 126 15.27 7.54 62.09
CA PHE B 126 15.46 7.33 60.65
C PHE B 126 16.44 8.37 60.14
N ARG B 127 17.69 7.96 59.92
CA ARG B 127 18.68 8.87 59.36
C ARG B 127 18.32 9.22 57.92
N ASP B 128 18.05 8.21 57.10
CA ASP B 128 17.58 8.44 55.73
C ASP B 128 16.11 8.86 55.77
N PHE B 129 15.80 9.94 55.05
CA PHE B 129 14.44 10.48 55.09
C PHE B 129 13.49 9.78 54.15
N SER B 130 13.97 8.82 53.34
CA SER B 130 13.09 8.04 52.48
C SER B 130 12.42 6.89 53.22
N ILE B 131 12.88 6.56 54.42
CA ILE B 131 12.32 5.47 55.23
C ILE B 131 12.27 4.19 54.40
N PRO B 132 13.41 3.56 54.12
CA PRO B 132 13.40 2.37 53.26
C PRO B 132 13.22 1.05 54.00
N GLY B 133 13.18 1.06 55.33
CA GLY B 133 13.08 -0.16 56.10
C GLY B 133 11.67 -0.60 56.45
N VAL B 134 10.64 0.05 55.89
CA VAL B 134 9.25 -0.27 56.21
C VAL B 134 8.45 -0.35 54.92
N SER B 135 7.19 -0.73 55.05
CA SER B 135 6.29 -0.87 53.92
C SER B 135 5.74 0.51 53.53
N SER B 136 4.75 0.53 52.65
CA SER B 136 4.16 1.79 52.20
C SER B 136 3.21 2.35 53.25
N ALA B 137 2.31 1.52 53.76
CA ALA B 137 1.37 1.98 54.79
C ALA B 137 2.11 2.45 56.03
N GLU B 138 3.20 1.76 56.40
CA GLU B 138 3.99 2.19 57.55
C GLU B 138 4.61 3.57 57.31
N ARG B 139 5.10 3.81 56.10
CA ARG B 139 5.67 5.11 55.77
C ARG B 139 4.62 6.21 55.86
N ALA B 140 3.44 5.95 55.30
CA ALA B 140 2.37 6.94 55.36
C ALA B 140 1.96 7.21 56.80
N ALA B 141 1.88 6.17 57.63
CA ALA B 141 1.54 6.35 59.02
C ALA B 141 2.60 7.15 59.75
N ILE B 142 3.88 6.91 59.45
CA ILE B 142 4.96 7.64 60.09
C ILE B 142 4.86 9.13 59.75
N TYR B 143 4.62 9.44 58.47
CA TYR B 143 4.58 10.85 58.09
C TYR B 143 3.31 11.53 58.62
N VAL B 144 2.19 10.80 58.67
CA VAL B 144 0.99 11.35 59.30
C VAL B 144 1.26 11.63 60.77
N SER B 145 1.96 10.74 61.45
CA SER B 145 2.23 10.92 62.88
C SER B 145 3.15 12.10 63.12
N VAL B 146 4.16 12.31 62.29
CA VAL B 146 5.02 13.48 62.49
C VAL B 146 4.25 14.76 62.19
N ALA B 147 3.37 14.73 61.18
CA ALA B 147 2.54 15.90 60.90
C ALA B 147 1.65 16.25 62.11
N GLU B 148 1.00 15.25 62.70
CA GLU B 148 0.12 15.55 63.81
C GLU B 148 0.87 15.89 65.09
N THR B 149 2.07 15.34 65.31
CA THR B 149 2.81 15.80 66.48
C THR B 149 3.31 17.23 66.30
N LEU B 150 3.68 17.61 65.08
CA LEU B 150 3.98 19.01 64.81
C LEU B 150 2.79 19.90 65.09
N ALA B 151 1.61 19.49 64.61
CA ALA B 151 0.40 20.28 64.82
C ALA B 151 0.07 20.40 66.30
N TRP B 152 0.19 19.29 67.04
CA TRP B 152 -0.15 19.31 68.46
C TRP B 152 0.85 20.16 69.25
N LEU B 153 2.12 20.14 68.87
CA LEU B 153 3.11 20.94 69.57
C LEU B 153 3.09 22.41 69.15
N HIS B 154 2.48 22.73 68.01
CA HIS B 154 2.40 24.12 67.58
C HIS B 154 1.11 24.79 68.04
N SER B 155 -0.04 24.21 67.68
CA SER B 155 -1.32 24.85 67.98
C SER B 155 -1.60 24.93 69.47
N LEU B 156 -0.93 24.12 70.29
CA LEU B 156 -1.15 24.16 71.73
C LEU B 156 -0.08 25.01 72.42
N GLY B 171 6.07 39.82 65.09
CA GLY B 171 6.49 39.48 63.74
C GLY B 171 7.98 39.69 63.52
N TYR B 172 8.81 39.01 64.31
CA TYR B 172 10.25 39.13 64.24
C TYR B 172 10.87 38.19 63.22
N CYS B 173 10.08 37.70 62.25
CA CYS B 173 10.63 36.83 61.22
C CYS B 173 11.68 37.56 60.38
N LYS B 174 11.42 38.83 60.06
CA LYS B 174 12.42 39.62 59.35
C LYS B 174 13.67 39.81 60.21
N ARG B 175 13.50 39.95 61.52
CA ARG B 175 14.65 40.05 62.41
C ARG B 175 15.46 38.77 62.39
N GLN B 176 14.80 37.62 62.40
CA GLN B 176 15.51 36.35 62.32
C GLN B 176 16.23 36.20 61.00
N VAL B 177 15.60 36.64 59.90
CA VAL B 177 16.24 36.57 58.60
C VAL B 177 17.48 37.45 58.57
N SER B 178 17.39 38.66 59.13
CA SER B 178 18.54 39.55 59.18
C SER B 178 19.67 38.96 60.03
N THR B 179 19.31 38.37 61.17
CA THR B 179 20.33 37.76 62.03
C THR B 179 21.02 36.60 61.32
N TRP B 180 20.24 35.75 60.62
CA TRP B 180 20.84 34.65 59.89
C TRP B 180 21.72 35.15 58.76
N THR B 181 21.30 36.21 58.07
CA THR B 181 22.12 36.78 57.00
C THR B 181 23.44 37.33 57.56
N LYS B 182 23.38 38.02 58.70
CA LYS B 182 24.59 38.53 59.32
C LYS B 182 25.52 37.39 59.72
N GLN B 183 24.96 36.34 60.32
CA GLN B 183 25.79 35.20 60.73
C GLN B 183 26.43 34.53 59.53
N TYR B 184 25.67 34.33 58.46
CA TYR B 184 26.22 33.70 57.26
C TYR B 184 27.30 34.55 56.62
N GLN B 185 27.07 35.87 56.55
CA GLN B 185 28.07 36.75 55.95
C GLN B 185 29.34 36.82 56.78
N ALA B 186 29.21 36.84 58.11
CA ALA B 186 30.40 36.89 58.96
C ALA B 186 31.15 35.58 58.94
N SER B 187 30.43 34.45 58.90
CA SER B 187 31.05 33.13 58.92
C SER B 187 31.46 32.64 57.54
N ALA B 188 31.16 33.40 56.49
CA ALA B 188 31.52 32.97 55.14
C ALA B 188 33.04 32.96 54.97
N HIS B 189 33.53 31.98 54.21
CA HIS B 189 34.96 31.84 53.96
C HIS B 189 35.33 31.83 52.48
N GLN B 190 34.36 31.70 51.58
CA GLN B 190 34.62 31.67 50.15
C GLN B 190 33.63 32.59 49.44
N SER B 191 34.01 33.03 48.25
CA SER B 191 33.15 33.90 47.46
C SER B 191 31.88 33.17 47.06
N ILE B 192 30.74 33.84 47.20
CA ILE B 192 29.44 33.26 46.89
C ILE B 192 28.50 34.36 46.43
N PRO B 193 28.56 34.79 45.17
CA PRO B 193 27.58 35.77 44.69
C PRO B 193 26.15 35.29 44.76
N ALA B 194 25.94 33.97 44.65
CA ALA B 194 24.58 33.43 44.73
C ALA B 194 23.97 33.69 46.11
N MET B 195 24.77 33.56 47.16
CA MET B 195 24.26 33.82 48.51
C MET B 195 23.83 35.28 48.66
N ASP B 196 24.65 36.21 48.17
CA ASP B 196 24.29 37.63 48.25
C ASP B 196 23.05 37.93 47.43
N GLN B 197 22.95 37.35 46.23
CA GLN B 197 21.76 37.56 45.40
C GLN B 197 20.51 37.02 46.08
N LEU B 198 20.60 35.83 46.69
CA LEU B 198 19.46 35.26 47.38
C LEU B 198 19.06 36.10 48.59
N SER B 199 20.05 36.59 49.33
CA SER B 199 19.75 37.45 50.47
C SER B 199 19.06 38.74 50.04
N THR B 200 19.56 39.35 48.95
CA THR B 200 18.94 40.56 48.44
C THR B 200 17.51 40.30 47.96
N TRP B 201 17.29 39.17 47.28
CA TRP B 201 15.95 38.84 46.81
C TRP B 201 15.00 38.58 47.98
N LEU B 202 15.49 37.90 49.03
CA LEU B 202 14.64 37.61 50.18
C LEU B 202 14.34 38.86 50.99
N MET B 203 15.29 39.80 51.05
CA MET B 203 15.05 41.04 51.78
C MET B 203 13.90 41.85 51.19
N LYS B 204 13.55 41.63 49.93
CA LYS B 204 12.44 42.32 49.30
C LYS B 204 11.09 41.65 49.56
N ASN B 205 11.08 40.53 50.28
CA ASN B 205 9.85 39.83 50.61
C ASN B 205 9.59 39.93 52.12
N LEU B 206 8.34 40.19 52.48
CA LEU B 206 7.93 40.36 53.85
C LEU B 206 6.68 39.53 54.12
N PRO B 207 6.41 39.20 55.40
CA PRO B 207 5.25 38.40 55.80
C PRO B 207 4.24 39.22 56.61
N CYS B 214 5.82 31.76 66.87
CA CYS B 214 5.40 31.09 68.09
C CYS B 214 6.56 30.27 68.67
N LEU B 215 6.23 29.15 69.30
CA LEU B 215 7.22 28.24 69.86
C LEU B 215 7.53 27.16 68.83
N VAL B 216 8.65 27.33 68.14
CA VAL B 216 9.05 26.40 67.08
C VAL B 216 10.22 25.56 67.58
N HIS B 217 10.55 24.53 66.80
CA HIS B 217 11.67 23.65 67.11
C HIS B 217 12.93 24.00 66.33
N GLY B 218 12.87 24.98 65.43
CA GLY B 218 14.04 25.43 64.71
C GLY B 218 14.52 24.51 63.63
N ASP B 219 14.85 23.27 63.99
CA ASP B 219 15.39 22.28 63.07
C ASP B 219 14.56 21.01 63.11
N PHE B 220 13.25 21.16 63.00
CA PHE B 220 12.33 20.02 63.03
C PHE B 220 12.50 19.22 61.75
N LYS B 221 13.19 18.10 61.84
CA LYS B 221 13.39 17.19 60.72
C LYS B 221 12.94 15.79 61.14
N LEU B 222 12.93 14.88 60.17
CA LEU B 222 12.66 13.48 60.50
C LEU B 222 13.82 12.82 61.23
N ASP B 223 14.98 13.46 61.30
CA ASP B 223 16.14 12.91 61.97
C ASP B 223 16.25 13.32 63.44
N ASN B 224 15.29 14.09 63.94
CA ASN B 224 15.30 14.54 65.33
C ASN B 224 14.04 14.08 66.05
N ILE B 225 13.56 12.88 65.71
CA ILE B 225 12.39 12.30 66.33
C ILE B 225 12.68 10.83 66.62
N VAL B 226 12.35 10.38 67.83
CA VAL B 226 12.51 9.00 68.24
C VAL B 226 11.13 8.37 68.37
N PHE B 227 10.87 7.34 67.57
CA PHE B 227 9.58 6.69 67.55
C PHE B 227 9.52 5.62 68.64
N HIS B 228 8.45 4.82 68.62
CA HIS B 228 8.35 3.69 69.52
C HIS B 228 9.14 2.51 68.96
N PRO B 229 9.69 1.65 69.81
CA PRO B 229 10.51 0.54 69.31
C PRO B 229 9.75 -0.42 68.42
N LYS B 230 8.46 -0.65 68.67
CA LYS B 230 7.68 -1.59 67.91
C LYS B 230 6.47 -0.96 67.21
N GLU B 231 6.20 0.32 67.45
CA GLU B 231 5.07 1.01 66.86
C GLU B 231 5.54 2.30 66.21
N CYS B 232 4.78 2.76 65.22
CA CYS B 232 5.14 3.99 64.50
C CYS B 232 4.35 5.17 65.09
N ARG B 233 4.82 5.62 66.24
CA ARG B 233 4.27 6.80 66.90
C ARG B 233 5.42 7.57 67.55
N VAL B 234 5.25 8.88 67.64
CA VAL B 234 6.31 9.73 68.18
C VAL B 234 6.35 9.59 69.69
N ILE B 235 7.53 9.33 70.23
CA ILE B 235 7.73 9.21 71.67
C ILE B 235 8.33 10.49 72.26
N ALA B 236 9.36 11.03 71.62
CA ALA B 236 10.00 12.24 72.10
C ALA B 236 10.61 13.00 70.92
N VAL B 237 10.86 14.29 71.14
CA VAL B 237 11.49 15.17 70.17
C VAL B 237 12.68 15.84 70.84
N LEU B 238 13.82 15.85 70.17
CA LEU B 238 15.07 16.34 70.74
C LEU B 238 15.63 17.47 69.88
N ASP B 239 16.80 17.97 70.30
CA ASP B 239 17.56 18.99 69.57
C ASP B 239 16.76 20.28 69.42
N TRP B 240 16.32 20.81 70.56
CA TRP B 240 15.62 22.08 70.61
C TRP B 240 16.61 23.19 70.99
N GLU B 241 17.54 23.44 70.08
CA GLU B 241 18.61 24.40 70.32
C GLU B 241 18.23 25.82 69.88
N LEU B 242 17.92 25.98 68.59
CA LEU B 242 17.57 27.29 68.03
C LEU B 242 16.05 27.41 67.99
N SER B 243 15.48 27.66 69.16
CA SER B 243 14.03 27.81 69.32
C SER B 243 13.72 29.22 69.76
N THR B 244 12.85 29.90 69.00
CA THR B 244 12.47 31.27 69.32
C THR B 244 11.13 31.62 68.68
N HIS B 247 6.92 32.86 64.18
CA HIS B 247 6.26 32.48 62.94
C HIS B 247 5.78 31.03 62.99
N PRO B 248 4.49 30.81 62.79
CA PRO B 248 3.93 29.45 62.84
C PRO B 248 4.00 28.68 61.53
N LEU B 249 4.68 29.20 60.50
CA LEU B 249 4.77 28.53 59.22
C LEU B 249 6.19 28.30 58.73
N THR B 250 7.19 28.96 59.33
CA THR B 250 8.56 28.76 58.89
C THR B 250 9.05 27.35 59.19
N ASP B 251 8.68 26.81 60.35
CA ASP B 251 9.10 25.45 60.70
C ASP B 251 8.54 24.42 59.74
N LEU B 252 7.29 24.61 59.30
CA LEU B 252 6.70 23.71 58.33
C LEU B 252 7.45 23.75 57.00
N ALA B 253 7.83 24.95 56.56
CA ALA B 253 8.62 25.06 55.33
C ALA B 253 9.99 24.39 55.49
N HIS B 254 10.62 24.56 56.65
CA HIS B 254 11.90 23.90 56.89
C HIS B 254 11.76 22.39 56.85
N LEU B 255 10.65 21.87 57.40
CA LEU B 255 10.42 20.44 57.36
C LEU B 255 10.19 19.95 55.94
N SER B 256 9.40 20.69 55.16
CA SER B 256 8.97 20.22 53.85
C SER B 256 9.91 20.58 52.71
N LEU B 257 10.97 21.36 52.97
CA LEU B 257 11.88 21.73 51.90
C LEU B 257 12.62 20.54 51.31
N PHE B 258 12.71 19.43 52.05
CA PHE B 258 13.48 18.28 51.58
C PHE B 258 12.92 17.67 50.31
N TYR B 259 11.66 17.96 49.96
CA TYR B 259 11.13 17.49 48.68
C TYR B 259 11.86 18.13 47.51
N TYR B 260 12.29 19.38 47.66
CA TYR B 260 13.02 20.09 46.60
C TYR B 260 14.53 20.03 46.80
N TRP B 261 15.04 18.95 47.37
CA TRP B 261 16.49 18.79 47.44
C TRP B 261 17.05 18.67 46.03
N PRO B 262 18.07 19.45 45.66
CA PRO B 262 18.51 19.49 44.27
C PRO B 262 18.94 18.12 43.77
N ARG B 263 18.59 17.84 42.52
CA ARG B 263 18.94 16.55 41.92
C ARG B 263 20.45 16.39 41.72
N THR B 264 21.20 17.49 41.73
CA THR B 264 22.64 17.43 41.59
C THR B 264 23.35 17.28 42.92
N LEU B 265 22.90 18.01 43.94
CA LEU B 265 23.53 17.93 45.25
C LEU B 265 23.17 16.62 45.92
N PRO B 266 24.14 15.87 46.45
CA PRO B 266 23.80 14.65 47.20
C PRO B 266 23.00 14.97 48.44
N MET B 267 22.12 14.04 48.81
CA MET B 267 21.26 14.25 49.96
C MET B 267 22.07 14.24 51.26
N ILE B 268 21.53 14.94 52.27
CA ILE B 268 22.20 15.06 53.55
C ILE B 268 21.85 13.88 54.44
N ASN B 269 22.64 13.68 55.50
CA ASN B 269 22.44 12.60 56.47
C ASN B 269 22.55 11.22 55.83
N ARG B 270 23.24 11.14 54.70
CA ARG B 270 23.49 9.87 54.00
C ARG B 270 22.20 9.12 53.73
N GLY B 271 21.32 9.76 52.94
CA GLY B 271 20.04 9.18 52.60
C GLY B 271 19.76 9.32 51.12
N SER B 272 18.70 8.63 50.69
CA SER B 272 18.26 8.70 49.31
C SER B 272 17.21 9.79 49.14
N HIS B 273 17.07 10.28 47.91
CA HIS B 273 16.07 11.30 47.62
C HIS B 273 14.67 10.73 47.81
N ILE B 274 13.73 11.60 48.14
CA ILE B 274 12.37 11.19 48.46
C ILE B 274 11.72 10.53 47.25
N PRO B 275 11.27 9.29 47.36
CA PRO B 275 10.63 8.63 46.22
C PRO B 275 9.20 9.10 46.02
N GLU B 276 8.68 8.82 44.83
CA GLU B 276 7.30 9.12 44.47
C GLU B 276 6.55 7.84 44.16
N ASN B 277 5.26 7.84 44.46
CA ASN B 277 4.39 6.68 44.26
C ASN B 277 4.93 5.47 45.00
N THR B 278 5.47 5.71 46.19
CA THR B 278 5.96 4.64 47.05
C THR B 278 5.14 4.49 48.33
N GLY B 279 4.58 5.56 48.87
CA GLY B 279 3.84 5.51 50.11
C GLY B 279 4.06 6.76 50.92
N ILE B 280 5.00 7.59 50.49
CA ILE B 280 5.29 8.86 51.14
C ILE B 280 4.22 9.86 50.71
N PRO B 281 3.79 10.76 51.59
CA PRO B 281 2.81 11.76 51.17
C PRO B 281 3.44 12.85 50.32
N LEU B 282 2.72 13.28 49.29
CA LEU B 282 3.17 14.40 48.48
C LEU B 282 3.12 15.68 49.31
N MET B 283 3.85 16.70 48.84
CA MET B 283 3.97 17.93 49.61
C MET B 283 2.60 18.57 49.86
N GLU B 284 1.77 18.65 48.83
CA GLU B 284 0.43 19.21 49.02
C GLU B 284 -0.39 18.36 49.98
N GLU B 285 -0.23 17.04 49.92
CA GLU B 285 -0.99 16.16 50.79
C GLU B 285 -0.60 16.38 52.25
N LEU B 286 0.72 16.46 52.53
CA LEU B 286 1.19 16.73 53.88
C LEU B 286 0.75 18.12 54.35
N ILE B 287 0.78 19.10 53.44
CA ILE B 287 0.35 20.45 53.78
C ILE B 287 -1.11 20.43 54.20
N SER B 288 -1.95 19.73 53.44
CA SER B 288 -3.37 19.63 53.78
C SER B 288 -3.57 18.92 55.11
N ILE B 289 -2.80 17.86 55.36
CA ILE B 289 -2.91 17.15 56.63
C ILE B 289 -2.62 18.10 57.79
N TYR B 290 -1.50 18.81 57.72
CA TYR B 290 -1.13 19.71 58.81
C TYR B 290 -2.14 20.83 58.97
N CYS B 291 -2.61 21.40 57.87
CA CYS B 291 -3.55 22.51 57.95
C CYS B 291 -4.87 22.06 58.55
N HIS B 292 -5.43 20.94 58.07
CA HIS B 292 -6.68 20.44 58.64
C HIS B 292 -6.51 20.02 60.09
N ARG B 293 -5.30 19.61 60.48
CA ARG B 293 -5.05 19.35 61.90
C ARG B 293 -5.07 20.66 62.69
N ARG B 294 -4.54 21.74 62.12
CA ARG B 294 -4.52 23.02 62.81
C ARG B 294 -5.88 23.72 62.73
N GLY B 295 -6.31 24.05 61.52
CA GLY B 295 -7.58 24.71 61.33
C GLY B 295 -7.54 25.81 60.28
N ILE B 296 -6.33 26.18 59.84
CA ILE B 296 -6.16 27.22 58.85
C ILE B 296 -6.64 26.74 57.49
N ASP B 297 -6.80 27.67 56.55
CA ASP B 297 -7.23 27.29 55.22
C ASP B 297 -6.11 26.55 54.48
N PRO B 298 -6.46 25.69 53.52
CA PRO B 298 -5.42 24.97 52.77
C PRO B 298 -4.45 25.87 52.04
N ASN B 299 -4.92 27.00 51.51
CA ASN B 299 -4.05 27.93 50.79
C ASN B 299 -3.23 28.74 51.79
N LEU B 300 -1.98 29.01 51.43
CA LEU B 300 -1.08 29.77 52.29
C LEU B 300 -0.44 30.91 51.51
N PRO B 301 -0.15 32.02 52.20
CA PRO B 301 0.44 33.18 51.52
C PRO B 301 1.96 33.24 51.67
N ASN B 302 2.58 33.91 50.70
CA ASN B 302 4.03 34.18 50.71
C ASN B 302 4.84 32.89 50.81
N TRP B 303 4.42 31.87 50.06
CA TRP B 303 5.06 30.56 50.16
C TRP B 303 6.44 30.59 49.53
N ASN B 304 6.62 31.36 48.46
CA ASN B 304 7.95 31.53 47.87
C ASN B 304 8.93 32.10 48.88
N PHE B 305 8.46 33.07 49.69
CA PHE B 305 9.32 33.61 50.74
C PHE B 305 9.68 32.54 51.76
N PHE B 306 8.74 31.66 52.09
CA PHE B 306 9.02 30.58 53.03
C PHE B 306 10.10 29.65 52.49
N MET B 307 9.97 29.25 51.22
CA MET B 307 10.99 28.39 50.62
C MET B 307 12.35 29.08 50.56
N ALA B 308 12.37 30.36 50.17
CA ALA B 308 13.63 31.07 50.09
C ALA B 308 14.29 31.15 51.47
N LEU B 309 13.52 31.49 52.49
CA LEU B 309 14.07 31.60 53.84
C LEU B 309 14.58 30.25 54.32
N SER B 310 13.84 29.18 54.05
CA SER B 310 14.24 27.85 54.49
C SER B 310 15.54 27.43 53.82
N PHE B 311 15.64 27.62 52.50
CA PHE B 311 16.85 27.24 51.80
C PHE B 311 18.05 28.07 52.23
N PHE B 312 17.83 29.37 52.44
CA PHE B 312 18.93 30.23 52.90
C PHE B 312 19.39 29.83 54.31
N LYS B 313 18.45 29.51 55.19
CA LYS B 313 18.81 29.05 56.53
C LYS B 313 19.58 27.75 56.48
N LEU B 314 19.16 26.82 55.63
CA LEU B 314 19.88 25.55 55.50
C LEU B 314 21.28 25.76 54.96
N ALA B 315 21.43 26.65 53.97
CA ALA B 315 22.75 26.95 53.44
C ALA B 315 23.65 27.58 54.51
N GLY B 316 23.09 28.49 55.31
CA GLY B 316 23.86 29.08 56.39
C GLY B 316 24.28 28.05 57.43
N ILE B 317 23.38 27.14 57.78
CA ILE B 317 23.70 26.09 58.75
C ILE B 317 24.81 25.20 58.21
N SER B 318 24.72 24.82 56.93
CA SER B 318 25.76 23.98 56.33
C SER B 318 27.10 24.71 56.31
N GLN B 319 27.10 26.00 55.95
CA GLN B 319 28.34 26.76 55.94
C GLN B 319 28.94 26.87 57.34
N GLY B 320 28.10 27.10 58.34
CA GLY B 320 28.59 27.16 59.71
C GLY B 320 29.17 25.83 60.18
N VAL B 321 28.51 24.73 59.82
CA VAL B 321 29.02 23.41 60.19
C VAL B 321 30.37 23.16 59.54
N TYR B 322 30.50 23.52 58.26
CA TYR B 322 31.76 23.33 57.56
C TYR B 322 32.87 24.18 58.18
N ARG B 323 32.54 25.43 58.53
CA ARG B 323 33.54 26.31 59.15
C ARG B 323 33.96 25.78 60.52
N ARG B 324 33.01 25.27 61.30
CA ARG B 324 33.34 24.71 62.60
C ARG B 324 34.21 23.46 62.45
N TYR B 325 33.91 22.62 61.45
CA TYR B 325 34.72 21.43 61.22
C TYR B 325 36.12 21.79 60.73
N LEU B 326 36.25 22.88 59.98
CA LEU B 326 37.57 23.30 59.51
C LEU B 326 38.49 23.66 60.68
N MET B 327 37.95 24.34 61.68
CA MET B 327 38.74 24.74 62.85
C MET B 327 39.11 23.53 63.69
N THR B 338 29.73 19.59 52.79
CA THR B 338 29.07 20.71 53.42
C THR B 338 29.64 22.03 52.93
N ALA B 339 30.94 22.03 52.61
CA ALA B 339 31.59 23.24 52.14
C ALA B 339 31.14 23.62 50.74
N ASN B 340 30.96 22.64 49.87
CA ASN B 340 30.59 22.88 48.47
C ASN B 340 29.09 22.83 48.22
N THR B 341 28.28 22.66 49.27
CA THR B 341 26.84 22.55 49.11
C THR B 341 26.11 23.88 49.21
N VAL B 342 26.81 24.97 49.56
CA VAL B 342 26.14 26.26 49.70
C VAL B 342 25.72 26.80 48.33
N GLN B 343 26.57 26.64 47.32
CA GLN B 343 26.24 27.13 45.98
C GLN B 343 25.02 26.45 45.38
N PRO B 344 24.92 25.11 45.35
CA PRO B 344 23.68 24.51 44.82
C PRO B 344 22.44 24.88 45.61
N LEU B 345 22.56 25.00 46.93
CA LEU B 345 21.41 25.39 47.74
C LEU B 345 20.95 26.81 47.40
N ALA B 346 21.90 27.74 47.28
CA ALA B 346 21.54 29.11 46.92
C ALA B 346 20.95 29.17 45.52
N GLU B 347 21.52 28.40 44.58
CA GLU B 347 21.00 28.39 43.22
C GLU B 347 19.57 27.86 43.18
N THR B 348 19.29 26.79 43.92
CA THR B 348 17.94 26.24 43.96
C THR B 348 16.97 27.18 44.65
N GLY B 349 17.42 27.86 45.71
CA GLY B 349 16.58 28.85 46.35
C GLY B 349 16.22 29.99 45.42
N LEU B 350 17.20 30.46 44.64
CA LEU B 350 16.93 31.50 43.65
C LEU B 350 15.98 30.99 42.58
N GLN B 351 16.14 29.73 42.17
CA GLN B 351 15.29 29.17 41.12
C GLN B 351 13.83 29.07 41.58
N LEU B 352 13.61 28.63 42.82
CA LEU B 352 12.25 28.53 43.33
C LEU B 352 11.72 29.85 43.90
N SER B 353 12.57 30.87 44.01
CA SER B 353 12.10 32.16 44.50
C SER B 353 11.17 32.85 43.52
N LYS B 354 11.20 32.48 42.24
CA LYS B 354 10.36 33.08 41.21
C LYS B 354 9.51 31.97 40.59
N ARG B 355 8.38 31.68 41.21
CA ARG B 355 7.46 30.65 40.75
C ARG B 355 6.12 30.84 41.45
N THR B 356 5.21 29.89 41.27
CA THR B 356 3.89 29.92 41.90
C THR B 356 3.67 28.56 42.58
N LEU B 357 4.12 28.44 43.82
CA LEU B 357 3.96 27.21 44.57
C LEU B 357 2.60 27.17 45.25
N ARG B 358 1.72 26.29 44.77
CA ARG B 358 0.36 26.18 45.28
C ARG B 358 0.41 25.35 46.56
N THR B 359 0.25 26.02 47.71
CA THR B 359 0.23 25.31 48.98
C THR B 359 -0.94 24.35 49.06
N THR B 360 -2.11 24.79 48.61
CA THR B 360 -3.30 23.95 48.68
C THR B 360 -3.17 22.76 47.74
N PRO B 361 -3.87 21.66 48.03
CA PRO B 361 -3.77 20.48 47.17
C PRO B 361 -4.31 20.78 45.79
N PRO B 362 -3.72 20.17 44.75
CA PRO B 362 -4.13 20.37 43.36
C PRO B 362 -3.68 19.23 42.45
N SER B 374 4.72 11.35 36.99
CA SER B 374 5.19 11.97 38.22
C SER B 374 4.79 13.44 38.28
N ARG B 375 4.57 13.94 39.50
CA ARG B 375 4.18 15.34 39.67
C ARG B 375 5.30 16.27 39.21
N ARG B 376 6.55 15.93 39.53
CA ARG B 376 7.67 16.75 39.07
C ARG B 376 7.73 16.80 37.56
N GLY B 377 7.46 15.67 36.90
CA GLY B 377 7.41 15.67 35.44
C GLY B 377 6.33 16.58 34.90
N GLN B 378 5.14 16.56 35.51
CA GLN B 378 4.06 17.42 35.06
C GLN B 378 4.40 18.89 35.25
N GLU B 379 5.00 19.25 36.39
CA GLU B 379 5.40 20.63 36.63
C GLU B 379 6.44 21.07 35.61
N VAL B 380 7.44 20.23 35.34
CA VAL B 380 8.48 20.58 34.38
C VAL B 380 7.88 20.73 32.99
N LEU B 381 6.96 19.85 32.62
CA LEU B 381 6.32 19.93 31.31
C LEU B 381 5.50 21.21 31.17
N THR B 382 4.77 21.58 32.23
CA THR B 382 4.00 22.81 32.20
C THR B 382 4.91 24.02 32.04
N ARG B 383 6.02 24.05 32.79
CA ARG B 383 6.97 25.15 32.65
C ARG B 383 7.57 25.19 31.25
N VAL B 384 7.85 24.02 30.68
CA VAL B 384 8.40 23.96 29.33
C VAL B 384 7.40 24.55 28.32
N LYS B 385 6.13 24.15 28.44
CA LYS B 385 5.12 24.67 27.53
C LYS B 385 4.96 26.17 27.65
N GLN B 386 4.95 26.68 28.90
CA GLN B 386 4.82 28.11 29.10
C GLN B 386 6.00 28.86 28.50
N PHE B 387 7.22 28.39 28.78
CA PHE B 387 8.41 29.05 28.23
C PHE B 387 8.41 29.01 26.72
N MET B 388 8.05 27.87 26.13
CA MET B 388 7.96 27.76 24.68
C MET B 388 7.00 28.79 24.12
N LYS B 389 5.72 28.70 24.51
CA LYS B 389 4.70 29.58 23.94
C LYS B 389 4.94 31.04 24.25
N GLN B 390 5.74 31.35 25.27
CA GLN B 390 6.02 32.75 25.58
C GLN B 390 7.27 33.28 24.90
N HIS B 391 8.21 32.43 24.53
CA HIS B 391 9.44 33.02 23.99
C HIS B 391 9.85 32.51 22.62
N VAL B 392 9.70 31.21 22.35
CA VAL B 392 10.44 30.65 21.21
C VAL B 392 9.60 30.61 19.93
N PHE B 393 8.28 30.48 20.03
CA PHE B 393 7.46 30.48 18.83
C PHE B 393 7.49 31.81 18.08
N PRO B 394 7.42 32.98 18.73
CA PRO B 394 7.53 34.24 17.96
C PRO B 394 8.84 34.41 17.23
N ALA B 395 9.91 33.75 17.67
CA ALA B 395 11.21 33.87 17.02
C ALA B 395 11.36 32.94 15.82
N GLU B 396 10.34 32.14 15.52
CA GLU B 396 10.43 31.20 14.41
C GLU B 396 10.64 31.91 13.08
N LYS B 397 9.87 32.97 12.84
CA LYS B 397 9.99 33.71 11.59
C LYS B 397 11.37 34.35 11.46
N GLU B 398 11.87 34.95 12.54
CA GLU B 398 13.19 35.58 12.49
C GLU B 398 14.28 34.56 12.23
N VAL B 399 14.21 33.40 12.89
CA VAL B 399 15.23 32.37 12.68
C VAL B 399 15.16 31.83 11.25
N ALA B 400 13.95 31.61 10.74
CA ALA B 400 13.82 31.11 9.37
C ALA B 400 14.35 32.12 8.36
N GLU B 401 14.08 33.40 8.58
CA GLU B 401 14.60 34.44 7.70
C GLU B 401 16.13 34.48 7.75
N TYR B 402 16.70 34.38 8.95
CA TYR B 402 18.16 34.38 9.07
C TYR B 402 18.76 33.13 8.44
N TYR B 403 18.01 32.03 8.37
CA TYR B 403 18.53 30.80 7.78
C TYR B 403 18.87 30.98 6.30
N ALA B 404 17.99 31.65 5.57
CA ALA B 404 18.21 31.87 4.14
C ALA B 404 18.96 33.17 3.89
N HIS B 415 24.80 30.14 14.26
CA HIS B 415 23.65 30.38 15.12
C HIS B 415 23.48 31.87 15.41
N PRO B 416 22.28 32.39 15.17
CA PRO B 416 22.04 33.82 15.43
C PRO B 416 22.08 34.13 16.93
N LEU B 417 22.29 35.42 17.22
CA LEU B 417 22.34 35.87 18.60
C LEU B 417 21.01 35.69 19.31
N VAL B 418 19.90 35.58 18.57
CA VAL B 418 18.61 35.28 19.19
C VAL B 418 18.67 33.94 19.90
N ILE B 419 19.30 32.95 19.29
CA ILE B 419 19.42 31.63 19.91
C ILE B 419 20.28 31.73 21.17
N GLU B 420 21.33 32.55 21.13
CA GLU B 420 22.17 32.73 22.32
C GLU B 420 21.39 33.38 23.45
N LYS B 421 20.60 34.40 23.15
CA LYS B 421 19.78 35.04 24.18
C LYS B 421 18.76 34.07 24.76
N LEU B 422 18.11 33.28 23.89
CA LEU B 422 17.14 32.30 24.36
C LEU B 422 17.81 31.23 25.21
N LYS B 423 19.02 30.81 24.83
CA LYS B 423 19.77 29.84 25.62
C LYS B 423 20.11 30.39 26.99
N GLU B 424 20.54 31.66 27.05
CA GLU B 424 20.82 32.27 28.34
C GLU B 424 19.57 32.36 29.20
N ILE B 425 18.43 32.74 28.59
CA ILE B 425 17.19 32.85 29.33
C ILE B 425 16.76 31.49 29.87
N ALA B 426 16.89 30.45 29.04
CA ALA B 426 16.50 29.11 29.48
C ALA B 426 17.41 28.59 30.58
N LYS B 427 18.70 28.87 30.48
CA LYS B 427 19.63 28.47 31.55
C LYS B 427 19.31 29.19 32.85
N ALA B 428 18.97 30.49 32.76
CA ALA B 428 18.62 31.24 33.96
C ALA B 428 17.33 30.72 34.57
N GLU B 429 16.34 30.39 33.74
CA GLU B 429 15.04 29.93 34.23
C GLU B 429 15.08 28.52 34.79
N GLY B 430 16.20 27.81 34.64
CA GLY B 430 16.32 26.46 35.14
C GLY B 430 16.04 25.37 34.13
N LEU B 431 15.52 25.73 32.95
CA LEU B 431 15.24 24.74 31.91
C LEU B 431 16.48 24.64 31.03
N TRP B 432 17.37 23.73 31.40
CA TRP B 432 18.63 23.56 30.69
C TRP B 432 19.20 22.19 31.01
N ASN B 433 19.80 21.57 29.99
CA ASN B 433 20.39 20.23 30.11
C ASN B 433 19.38 19.24 30.67
N LEU B 434 18.14 19.35 30.20
CA LEU B 434 17.07 18.48 30.69
C LEU B 434 17.38 17.01 30.39
N PHE B 435 17.80 16.72 29.14
CA PHE B 435 17.91 15.34 28.69
C PHE B 435 18.93 14.53 29.49
N LEU B 436 19.82 15.19 30.23
CA LEU B 436 20.74 14.47 31.09
C LEU B 436 19.97 13.76 32.19
N PRO B 437 20.10 12.44 32.33
CA PRO B 437 19.25 11.70 33.28
C PRO B 437 19.64 11.86 34.74
N ALA B 438 20.59 12.74 35.06
CA ALA B 438 20.98 12.95 36.46
C ALA B 438 20.91 14.41 36.83
N VAL B 439 21.17 15.30 35.86
CA VAL B 439 21.10 16.74 36.12
C VAL B 439 19.67 17.25 36.17
N SER B 440 18.69 16.41 35.87
CA SER B 440 17.28 16.78 35.90
C SER B 440 16.44 15.86 36.78
N GLY B 441 16.73 14.56 36.78
CA GLY B 441 16.16 13.65 37.75
C GLY B 441 14.82 13.03 37.39
N LEU B 442 14.20 13.46 36.29
CA LEU B 442 12.89 12.90 35.94
C LEU B 442 13.04 11.48 35.40
N SER B 443 11.91 10.79 35.29
CA SER B 443 11.86 9.43 34.78
C SER B 443 11.82 9.46 33.26
N GLN B 444 11.79 8.26 32.65
CA GLN B 444 11.87 8.16 31.20
C GLN B 444 10.58 8.63 30.54
N VAL B 445 9.42 8.31 31.13
CA VAL B 445 8.15 8.69 30.52
C VAL B 445 8.00 10.20 30.48
N ASP B 446 8.34 10.88 31.57
CA ASP B 446 8.32 12.34 31.57
C ASP B 446 9.30 12.89 30.54
N TYR B 447 10.45 12.21 30.38
CA TYR B 447 11.41 12.63 29.38
C TYR B 447 10.81 12.55 27.98
N ALA B 448 10.12 11.46 27.68
CA ALA B 448 9.51 11.31 26.36
C ALA B 448 8.42 12.34 26.14
N LEU B 449 7.61 12.62 27.16
CA LEU B 449 6.56 13.62 27.01
C LEU B 449 7.16 15.00 26.76
N ILE B 450 8.20 15.37 27.50
CA ILE B 450 8.85 16.66 27.28
C ILE B 450 9.46 16.72 25.88
N ALA B 451 10.14 15.65 25.45
CA ALA B 451 10.74 15.63 24.13
C ALA B 451 9.69 15.79 23.04
N GLU B 452 8.53 15.14 23.22
CA GLU B 452 7.41 15.34 22.31
C GLU B 452 6.97 16.80 22.29
N GLU B 453 6.94 17.43 23.47
CA GLU B 453 6.50 18.82 23.52
C GLU B 453 7.50 19.77 22.87
N THR B 454 8.79 19.42 22.87
CA THR B 454 9.82 20.27 22.28
C THR B 454 10.33 19.79 20.93
N GLY B 455 9.68 18.78 20.33
CA GLY B 455 10.03 18.41 18.98
C GLY B 455 9.32 19.21 17.91
N LYS B 456 8.35 20.04 18.28
CA LYS B 456 7.53 20.73 17.30
C LYS B 456 8.32 21.82 16.58
N CYS B 457 9.07 22.63 17.33
CA CYS B 457 9.91 23.65 16.72
C CYS B 457 11.19 23.01 16.19
N PHE B 458 11.61 23.46 15.01
CA PHE B 458 12.74 22.82 14.34
C PHE B 458 14.03 22.95 15.14
N PHE B 459 14.30 24.14 15.69
CA PHE B 459 15.52 24.40 16.43
C PHE B 459 15.32 24.36 17.94
N ALA B 460 14.18 23.87 18.41
CA ALA B 460 13.91 23.85 19.84
C ALA B 460 14.94 23.09 20.67
N PRO B 461 15.42 21.90 20.28
CA PRO B 461 16.40 21.20 21.14
C PRO B 461 17.69 21.96 21.35
N ASP B 462 18.04 22.90 20.46
CA ASP B 462 19.25 23.68 20.65
C ASP B 462 19.16 24.59 21.87
N VAL B 463 17.97 25.11 22.18
CA VAL B 463 17.82 26.03 23.30
C VAL B 463 17.99 25.29 24.62
N PHE B 464 17.46 24.07 24.72
CA PHE B 464 17.50 23.30 25.95
C PHE B 464 18.78 22.47 26.09
N ASN B 465 19.71 22.59 25.14
CA ASN B 465 20.96 21.83 25.14
C ASN B 465 20.66 20.33 25.16
N CYS B 466 19.91 19.89 24.15
CA CYS B 466 19.57 18.48 23.97
C CYS B 466 19.71 18.10 22.51
N GLN B 467 20.80 18.54 21.89
CA GLN B 467 21.02 18.25 20.47
C GLN B 467 21.24 16.76 20.26
N ALA B 468 21.10 16.34 19.00
CA ALA B 468 21.21 14.92 18.68
C ALA B 468 22.57 14.31 18.99
N PRO B 469 23.71 14.90 18.57
CA PRO B 469 24.99 14.21 18.80
C PRO B 469 25.51 14.38 20.22
N ASP B 470 25.26 15.54 20.83
CA ASP B 470 25.90 15.87 22.10
C ASP B 470 25.41 14.98 23.23
N THR B 471 24.13 14.62 23.25
CA THR B 471 23.57 13.93 24.40
C THR B 471 24.09 12.50 24.53
N GLY B 472 24.35 11.82 23.41
CA GLY B 472 24.92 10.48 23.50
C GLY B 472 26.31 10.49 24.11
N ASN B 473 27.16 11.41 23.65
CA ASN B 473 28.49 11.54 24.23
C ASN B 473 28.42 11.93 25.70
N MET B 474 27.49 12.82 26.04
CA MET B 474 27.34 13.22 27.44
C MET B 474 26.95 12.04 28.32
N GLU B 475 26.00 11.23 27.86
CA GLU B 475 25.59 10.06 28.62
C GLU B 475 26.72 9.05 28.74
N VAL B 476 27.47 8.82 27.67
CA VAL B 476 28.59 7.89 27.72
C VAL B 476 29.64 8.38 28.71
N LEU B 477 29.95 9.68 28.68
CA LEU B 477 30.92 10.23 29.63
C LEU B 477 30.45 10.08 31.07
N HIS B 478 29.17 10.40 31.33
CA HIS B 478 28.68 10.41 32.71
C HIS B 478 28.54 9.00 33.27
N LEU B 479 27.91 8.09 32.51
CA LEU B 479 27.59 6.77 33.02
C LEU B 479 28.83 5.96 33.36
N TYR B 480 29.63 5.62 32.35
CA TYR B 480 30.86 4.84 32.53
C TYR B 480 32.01 5.63 31.92
N GLY B 481 32.60 6.51 32.71
CA GLY B 481 33.68 7.34 32.23
C GLY B 481 34.71 7.58 33.31
N SER B 482 35.96 7.73 32.89
CA SER B 482 37.05 8.00 33.82
C SER B 482 36.86 9.37 34.47
N GLU B 483 37.18 9.45 35.76
CA GLU B 483 37.02 10.71 36.49
C GLU B 483 37.89 11.81 35.88
N GLN B 484 39.14 11.48 35.53
CA GLN B 484 40.00 12.45 34.85
C GLN B 484 39.42 12.85 33.51
N GLN B 485 38.96 11.86 32.72
CA GLN B 485 38.35 12.15 31.44
C GLN B 485 37.07 12.95 31.61
N LYS B 486 36.27 12.61 32.64
CA LYS B 486 35.05 13.36 32.90
C LYS B 486 35.36 14.82 33.20
N LYS B 487 36.28 15.08 34.13
CA LYS B 487 36.64 16.44 34.45
C LYS B 487 37.23 17.17 33.24
N GLN B 488 37.95 16.45 32.38
CA GLN B 488 38.57 17.10 31.23
C GLN B 488 37.53 17.49 30.18
N TRP B 489 36.53 16.63 29.95
CA TRP B 489 35.65 16.80 28.80
C TRP B 489 34.24 17.27 29.15
N LEU B 490 33.58 16.64 30.12
CA LEU B 490 32.19 16.95 30.40
C LEU B 490 32.02 18.41 30.84
N GLU B 491 32.97 18.91 31.65
CA GLU B 491 32.91 20.31 32.03
C GLU B 491 32.89 21.26 30.84
N PRO B 492 33.45 20.91 29.69
CA PRO B 492 33.27 21.75 28.49
C PRO B 492 32.01 21.44 27.70
N LEU B 493 31.18 20.52 28.18
CA LEU B 493 29.92 20.16 27.55
C LEU B 493 28.71 20.61 28.36
N LEU B 494 28.69 20.31 29.66
CA LEU B 494 27.56 20.68 30.51
C LEU B 494 27.37 22.19 30.58
N ARG B 495 28.41 22.96 30.33
CA ARG B 495 28.31 24.41 30.28
C ARG B 495 28.13 24.94 28.86
N GLY B 496 28.01 24.05 27.87
CA GLY B 496 27.85 24.48 26.50
C GLY B 496 29.08 25.11 25.88
N ASP B 497 30.27 24.85 26.44
CA ASP B 497 31.48 25.45 25.91
C ASP B 497 31.84 24.85 24.56
N ILE B 498 31.83 23.53 24.44
CA ILE B 498 32.21 22.85 23.22
C ILE B 498 31.13 21.83 22.84
N THR B 499 31.10 21.50 21.55
CA THR B 499 30.17 20.52 21.01
C THR B 499 30.84 19.14 20.99
N SER B 500 30.21 18.18 20.32
CA SER B 500 30.77 16.85 20.19
C SER B 500 30.24 16.23 18.90
N VAL B 501 30.67 15.00 18.63
CA VAL B 501 30.26 14.28 17.43
C VAL B 501 30.49 12.79 17.65
N PHE B 502 29.52 11.98 17.26
CA PHE B 502 29.60 10.53 17.36
C PHE B 502 29.65 9.96 15.95
N CYS B 503 30.77 9.33 15.60
CA CYS B 503 31.02 8.89 14.23
C CYS B 503 31.43 7.43 14.20
N MET B 504 30.71 6.64 13.40
CA MET B 504 31.17 5.29 13.10
C MET B 504 31.04 4.95 11.61
N THR B 505 30.46 5.83 10.80
CA THR B 505 30.30 5.57 9.37
C THR B 505 31.53 6.02 8.59
N CYS B 519 36.74 2.01 11.08
CA CYS B 519 38.13 2.33 10.78
C CYS B 519 39.07 1.53 11.67
N THR B 520 40.35 1.90 11.67
CA THR B 520 41.37 1.21 12.43
C THR B 520 41.62 1.94 13.75
N ILE B 521 41.61 1.18 14.85
CA ILE B 521 41.92 1.72 16.17
C ILE B 521 43.06 0.90 16.76
N GLN B 522 43.95 0.42 15.89
CA GLN B 522 44.99 -0.51 16.30
C GLN B 522 45.91 0.09 17.36
N ARG B 523 46.35 -0.74 18.29
CA ARG B 523 47.24 -0.30 19.36
C ARG B 523 48.66 -0.11 18.86
N GLY B 527 50.64 3.68 23.53
CA GLY B 527 49.54 4.42 22.94
C GLY B 527 48.87 3.67 21.80
N TYR B 528 47.83 4.29 21.23
CA TYR B 528 47.09 3.72 20.12
C TYR B 528 46.93 4.75 19.02
N ILE B 529 46.84 4.26 17.78
CA ILE B 529 46.69 5.10 16.61
C ILE B 529 45.38 4.77 15.93
N VAL B 530 44.69 5.80 15.44
CA VAL B 530 43.37 5.65 14.82
C VAL B 530 43.45 6.31 13.44
N ASN B 531 43.76 5.52 12.42
CA ASN B 531 43.81 5.99 11.05
C ASN B 531 42.61 5.44 10.28
N GLY B 532 41.81 6.32 9.72
CA GLY B 532 40.63 5.89 8.98
C GLY B 532 39.87 7.09 8.46
N LYS B 533 38.86 6.80 7.65
CA LYS B 533 38.04 7.82 7.01
C LYS B 533 36.61 7.74 7.56
N LYS B 534 36.11 8.87 8.05
CA LYS B 534 34.73 8.96 8.53
C LYS B 534 33.82 9.39 7.39
N TRP B 535 32.52 9.45 7.70
CA TRP B 535 31.51 9.77 6.70
C TRP B 535 30.20 10.08 7.40
N TRP B 536 29.47 11.06 6.88
CA TRP B 536 28.13 11.43 7.38
C TRP B 536 28.17 11.86 8.85
N SER B 537 29.31 12.33 9.32
CA SER B 537 29.45 12.73 10.72
C SER B 537 28.65 14.00 10.95
N SER B 538 27.49 13.86 11.59
CA SER B 538 26.62 15.00 11.84
C SER B 538 27.24 15.95 12.85
N GLY B 539 27.08 17.25 12.60
CA GLY B 539 27.59 18.26 13.51
C GLY B 539 29.08 18.40 13.55
N ALA B 540 29.78 17.95 12.51
CA ALA B 540 31.24 18.02 12.49
C ALA B 540 31.77 19.38 12.01
N GLY B 541 30.91 20.23 11.45
CA GLY B 541 31.31 21.51 10.93
C GLY B 541 31.13 22.69 11.85
N ASN B 542 30.62 22.47 13.06
CA ASN B 542 30.40 23.57 13.99
C ASN B 542 31.74 24.15 14.44
N PRO B 543 31.86 25.47 14.53
CA PRO B 543 33.13 26.06 15.00
C PRO B 543 33.46 25.70 16.44
N LYS B 544 32.47 25.34 17.25
CA LYS B 544 32.69 24.97 18.65
C LYS B 544 32.68 23.46 18.85
N CYS B 545 33.14 22.70 17.85
CA CYS B 545 33.18 21.25 17.93
C CYS B 545 34.62 20.82 18.16
N LYS B 546 34.91 20.35 19.37
CA LYS B 546 36.26 19.95 19.75
C LYS B 546 36.37 18.45 19.98
N ILE B 547 35.56 17.88 20.85
CA ILE B 547 35.63 16.46 21.16
C ILE B 547 35.09 15.65 19.99
N ALA B 548 35.36 14.35 20.01
CA ALA B 548 34.87 13.43 19.00
C ALA B 548 35.01 12.01 19.52
N ILE B 549 33.91 11.26 19.52
CA ILE B 549 33.89 9.88 19.98
C ILE B 549 33.75 8.96 18.77
N VAL B 550 34.72 8.07 18.60
CA VAL B 550 34.75 7.14 17.48
C VAL B 550 34.83 5.73 18.04
N LEU B 551 33.87 4.88 17.66
CA LEU B 551 33.87 3.48 18.06
C LEU B 551 34.23 2.65 16.83
N GLY B 552 35.53 2.46 16.61
CA GLY B 552 36.03 1.73 15.47
C GLY B 552 36.84 0.52 15.88
N ARG B 553 37.21 -0.27 14.87
CA ARG B 553 37.98 -1.49 15.09
C ARG B 553 39.38 -1.18 15.57
N ARG B 563 35.80 -9.07 19.11
CA ARG B 563 35.43 -7.96 19.97
C ARG B 563 36.29 -6.73 19.67
N GLN B 564 36.13 -6.17 18.48
CA GLN B 564 36.88 -5.00 18.06
C GLN B 564 36.25 -3.69 18.53
N HIS B 565 35.11 -3.75 19.21
CA HIS B 565 34.41 -2.55 19.66
C HIS B 565 35.22 -1.91 20.78
N SER B 566 35.92 -0.82 20.45
CA SER B 566 36.70 -0.06 21.43
C SER B 566 36.56 1.42 21.09
N MET B 567 35.72 2.13 21.84
CA MET B 567 35.46 3.54 21.59
C MET B 567 36.46 4.39 22.36
N ILE B 568 37.12 5.29 21.65
CA ILE B 568 38.17 6.14 22.23
C ILE B 568 37.91 7.58 21.80
N LEU B 569 38.00 8.50 22.77
CA LEU B 569 37.86 9.92 22.46
C LEU B 569 39.04 10.38 21.62
N VAL B 570 38.76 11.25 20.65
CA VAL B 570 39.82 11.82 19.81
C VAL B 570 39.55 13.31 19.60
N PRO B 571 40.32 14.19 20.24
CA PRO B 571 40.14 15.63 20.00
C PRO B 571 40.39 15.97 18.54
N MET B 572 39.57 16.88 18.01
CA MET B 572 39.67 17.25 16.61
C MET B 572 40.84 18.16 16.32
N ASP B 573 41.39 18.82 17.35
CA ASP B 573 42.56 19.67 17.17
C ASP B 573 43.84 18.86 17.02
N THR B 574 43.81 17.56 17.29
CA THR B 574 44.99 16.73 17.17
C THR B 574 45.43 16.65 15.71
N PRO B 575 46.73 16.53 15.45
CA PRO B 575 47.21 16.44 14.07
C PRO B 575 46.65 15.21 13.36
N GLY B 576 46.38 15.38 12.07
CA GLY B 576 45.86 14.31 11.24
C GLY B 576 44.36 14.38 11.00
N VAL B 577 43.64 15.19 11.75
CA VAL B 577 42.20 15.35 11.59
C VAL B 577 41.96 16.56 10.70
N GLU B 578 41.20 16.36 9.62
CA GLU B 578 40.92 17.43 8.67
C GLU B 578 39.60 17.14 7.97
N LEU B 579 38.67 18.09 8.03
CA LEU B 579 37.40 17.94 7.34
C LEU B 579 37.62 17.95 5.84
N ILE B 580 36.89 17.06 5.15
CA ILE B 580 37.12 16.85 3.72
C ILE B 580 36.18 17.71 2.89
N ARG B 581 34.88 17.47 3.01
CA ARG B 581 33.90 18.18 2.19
C ARG B 581 32.56 18.10 2.89
N PRO B 582 31.65 19.04 2.62
CA PRO B 582 30.30 18.96 3.20
C PRO B 582 29.38 18.10 2.37
N LEU B 583 28.50 17.37 3.07
CA LEU B 583 27.54 16.47 2.44
C LEU B 583 26.16 17.13 2.45
N SER B 584 25.51 17.14 1.30
CA SER B 584 24.21 17.79 1.13
C SER B 584 23.12 16.73 0.94
N VAL B 585 22.04 16.88 1.70
CA VAL B 585 20.89 16.00 1.61
C VAL B 585 19.75 16.78 0.97
N PHE B 586 19.35 16.37 -0.24
CA PHE B 586 18.28 17.02 -0.99
C PHE B 586 18.57 18.49 -1.26
N GLY B 587 19.85 18.84 -1.27
CA GLY B 587 20.26 20.20 -1.57
C GLY B 587 20.14 21.16 -0.40
N TYR B 588 20.00 20.65 0.81
CA TYR B 588 20.03 21.47 2.02
C TYR B 588 21.34 21.23 2.75
N MET B 589 22.08 22.30 3.03
CA MET B 589 23.34 22.19 3.75
C MET B 589 23.14 21.89 5.23
N ASP B 590 21.93 22.07 5.76
CA ASP B 590 21.63 21.82 7.17
C ASP B 590 22.55 22.61 8.08
N ASN B 591 22.43 23.94 8.00
CA ASN B 591 23.27 24.83 8.80
C ASN B 591 23.00 24.69 10.30
N MET B 592 21.87 24.12 10.68
CA MET B 592 21.54 23.94 12.09
C MET B 592 21.44 22.46 12.44
N HIS B 596 27.00 18.10 7.90
CA HIS B 596 27.33 16.72 7.55
C HIS B 596 28.70 16.64 6.88
N TRP B 597 29.61 17.51 7.30
CA TRP B 597 30.94 17.55 6.70
C TRP B 597 31.69 16.26 6.97
N GLU B 598 32.34 15.73 5.92
CA GLU B 598 33.10 14.50 6.05
C GLU B 598 34.37 14.74 6.87
N VAL B 599 34.80 13.70 7.57
CA VAL B 599 35.96 13.75 8.45
C VAL B 599 36.97 12.71 7.99
N HIS B 600 38.25 13.08 8.03
CA HIS B 600 39.34 12.17 7.69
C HIS B 600 40.34 12.15 8.83
N PHE B 601 40.70 10.96 9.30
CA PHE B 601 41.66 10.77 10.37
C PHE B 601 42.85 10.01 9.81
N ASN B 602 43.97 10.70 9.59
CA ASN B 602 45.16 10.13 8.98
C ASN B 602 46.22 9.95 10.06
N HIS B 603 46.18 8.80 10.74
CA HIS B 603 47.17 8.41 11.74
C HIS B 603 47.31 9.47 12.84
N VAL B 604 46.21 9.66 13.57
CA VAL B 604 46.21 10.59 14.70
C VAL B 604 46.86 9.91 15.90
N ARG B 605 47.76 10.62 16.57
CA ARG B 605 48.43 10.11 17.75
C ARG B 605 47.70 10.63 18.99
N VAL B 606 47.18 9.71 19.79
CA VAL B 606 46.44 10.08 21.00
C VAL B 606 46.91 9.20 22.15
N PRO B 607 46.92 9.71 23.39
CA PRO B 607 47.34 8.88 24.51
C PRO B 607 46.30 7.83 24.86
N ALA B 608 46.73 6.88 25.70
CA ALA B 608 45.81 5.83 26.16
C ALA B 608 44.75 6.38 27.11
N SER B 609 44.98 7.56 27.68
CA SER B 609 43.97 8.16 28.56
C SER B 609 42.70 8.50 27.77
N ASN B 610 42.87 8.96 26.53
CA ASN B 610 41.73 9.34 25.70
C ASN B 610 40.83 8.16 25.35
N LEU B 611 41.28 6.93 25.56
CA LEU B 611 40.46 5.76 25.30
C LEU B 611 39.61 5.41 26.51
N ARG B 625 22.49 2.81 26.76
CA ARG B 625 23.29 3.01 25.56
C ARG B 625 22.49 3.72 24.48
N LEU B 626 21.81 2.94 23.64
CA LEU B 626 21.03 3.49 22.53
C LEU B 626 19.55 3.67 22.86
N GLY B 627 19.10 3.21 24.02
CA GLY B 627 17.70 3.24 24.37
C GLY B 627 17.14 4.63 24.46
N PRO B 628 17.72 5.46 25.34
CA PRO B 628 17.25 6.85 25.42
C PRO B 628 17.39 7.60 24.11
N GLY B 629 18.46 7.34 23.36
CA GLY B 629 18.62 8.02 22.08
C GLY B 629 17.49 7.70 21.12
N ARG B 630 17.16 6.42 20.97
CA ARG B 630 16.07 6.04 20.08
C ARG B 630 14.74 6.59 20.57
N ILE B 631 14.52 6.57 21.89
CA ILE B 631 13.26 7.06 22.43
C ILE B 631 13.07 8.54 22.12
N HIS B 632 14.11 9.35 22.37
CA HIS B 632 13.99 10.78 22.11
C HIS B 632 13.91 11.07 20.61
N HIS B 633 14.65 10.31 19.80
CA HIS B 633 14.60 10.52 18.35
C HIS B 633 13.26 10.13 17.76
N CYS B 634 12.51 9.26 18.43
CA CYS B 634 11.15 8.97 17.99
C CYS B 634 10.15 10.00 18.51
N MET B 635 10.35 10.47 19.75
CA MET B 635 9.43 11.45 20.33
C MET B 635 9.48 12.77 19.56
N ARG B 636 10.69 13.22 19.19
CA ARG B 636 10.80 14.46 18.42
C ARG B 636 10.09 14.34 17.08
N THR B 637 10.24 13.18 16.43
CA THR B 637 9.55 12.96 15.16
C THR B 637 8.04 12.95 15.34
N VAL B 638 7.56 12.39 16.45
CA VAL B 638 6.12 12.40 16.72
C VAL B 638 5.62 13.83 16.88
N GLY B 639 6.35 14.66 17.62
CA GLY B 639 5.96 16.05 17.77
C GLY B 639 5.95 16.79 16.44
N LEU B 640 6.95 16.52 15.60
CA LEU B 640 6.99 17.12 14.27
C LEU B 640 5.77 16.72 13.45
N ALA B 641 5.39 15.44 13.50
CA ALA B 641 4.21 14.99 12.77
C ALA B 641 2.94 15.64 13.28
N GLU B 642 2.85 15.83 14.60
CA GLU B 642 1.68 16.51 15.15
C GLU B 642 1.58 17.95 14.66
N ARG B 643 2.70 18.65 14.62
CA ARG B 643 2.66 20.03 14.10
C ARG B 643 2.30 20.04 12.62
N ILE B 644 2.83 19.08 11.86
CA ILE B 644 2.51 19.00 10.43
C ILE B 644 1.01 18.78 10.24
N LEU B 645 0.42 17.89 11.04
CA LEU B 645 -1.01 17.64 10.94
C LEU B 645 -1.82 18.88 11.30
N GLN B 646 -1.39 19.62 12.32
CA GLN B 646 -2.08 20.87 12.65
C GLN B 646 -2.04 21.84 11.48
N ILE B 647 -0.86 22.01 10.87
CA ILE B 647 -0.73 22.93 9.75
C ILE B 647 -1.62 22.50 8.60
N MET B 648 -1.63 21.20 8.30
CA MET B 648 -2.42 20.71 7.16
C MET B 648 -3.92 20.87 7.42
N CYS B 649 -4.36 20.64 8.65
CA CYS B 649 -5.77 20.86 8.98
C CYS B 649 -6.14 22.33 8.84
N ASP B 650 -5.29 23.23 9.34
CA ASP B 650 -5.58 24.66 9.21
C ASP B 650 -5.65 25.07 7.75
N ARG B 651 -4.73 24.57 6.92
CA ARG B 651 -4.76 24.92 5.51
C ARG B 651 -5.97 24.35 4.80
N ALA B 652 -6.37 23.13 5.16
CA ALA B 652 -7.55 22.52 4.55
C ALA B 652 -8.81 23.31 4.90
N VAL B 653 -8.90 23.77 6.15
CA VAL B 653 -10.07 24.58 6.53
C VAL B 653 -10.05 25.94 5.84
N GLN B 654 -8.88 26.57 5.77
CA GLN B 654 -8.80 27.92 5.20
C GLN B 654 -9.19 27.93 3.73
N ARG B 655 -8.72 26.97 2.96
CA ARG B 655 -9.03 26.92 1.53
C ARG B 655 -10.40 26.30 1.28
N HIS B 665 -13.33 18.47 0.78
CA HIS B 665 -13.64 17.22 0.09
C HIS B 665 -13.50 16.04 1.04
N GLU B 666 -13.93 14.86 0.58
CA GLU B 666 -13.89 13.68 1.42
C GLU B 666 -12.49 13.09 1.53
N VAL B 667 -11.69 13.21 0.46
CA VAL B 667 -10.36 12.60 0.46
C VAL B 667 -9.44 13.29 1.46
N VAL B 668 -9.54 14.61 1.58
CA VAL B 668 -8.71 15.32 2.55
C VAL B 668 -9.10 14.94 3.96
N ALA B 669 -10.41 14.76 4.21
CA ALA B 669 -10.86 14.31 5.52
C ALA B 669 -10.33 12.91 5.83
N HIS B 670 -10.34 12.02 4.84
CA HIS B 670 -9.79 10.69 5.04
C HIS B 670 -8.30 10.74 5.35
N TRP B 671 -7.58 11.62 4.65
CA TRP B 671 -6.15 11.78 4.93
C TRP B 671 -5.91 12.26 6.35
N ILE B 672 -6.72 13.23 6.81
CA ILE B 672 -6.57 13.75 8.16
C ILE B 672 -6.81 12.64 9.18
N ALA B 673 -7.88 11.86 8.98
CA ALA B 673 -8.19 10.79 9.92
C ALA B 673 -7.07 9.75 9.98
N LYS B 674 -6.55 9.36 8.82
CA LYS B 674 -5.48 8.37 8.80
C LYS B 674 -4.23 8.90 9.48
N SER B 675 -3.91 10.18 9.25
CA SER B 675 -2.76 10.79 9.90
C SER B 675 -2.90 10.78 11.41
N ARG B 676 -4.09 11.13 11.91
CA ARG B 676 -4.33 11.12 13.36
C ARG B 676 -4.18 9.72 13.92
N ILE B 677 -4.72 8.72 13.23
CA ILE B 677 -4.61 7.34 13.70
C ILE B 677 -3.15 6.92 13.81
N ALA B 678 -2.37 7.20 12.77
CA ALA B 678 -0.96 6.81 12.78
C ALA B 678 -0.20 7.53 13.88
N ILE B 679 -0.48 8.82 14.07
CA ILE B 679 0.22 9.58 15.12
C ILE B 679 -0.08 8.99 16.49
N GLU B 680 -1.35 8.68 16.76
CA GLU B 680 -1.69 8.12 18.06
C GLU B 680 -1.01 6.77 18.28
N GLU B 681 -1.01 5.91 17.26
CA GLU B 681 -0.39 4.60 17.42
C GLU B 681 1.11 4.72 17.68
N ILE B 682 1.79 5.62 16.95
CA ILE B 682 3.22 5.76 17.13
C ILE B 682 3.54 6.34 18.51
N ARG B 683 2.76 7.32 18.97
CA ARG B 683 2.99 7.87 20.30
C ARG B 683 2.82 6.80 21.36
N LEU B 684 1.79 5.96 21.23
CA LEU B 684 1.59 4.89 22.20
C LEU B 684 2.76 3.92 22.21
N LEU B 685 3.25 3.54 21.03
CA LEU B 685 4.40 2.63 20.97
C LEU B 685 5.62 3.25 21.64
N THR B 686 5.89 4.51 21.35
CA THR B 686 7.07 5.16 21.95
C THR B 686 6.97 5.21 23.46
N LEU B 687 5.79 5.58 23.98
CA LEU B 687 5.63 5.64 25.43
C LEU B 687 5.74 4.27 26.07
N LYS B 688 5.21 3.23 25.41
CA LYS B 688 5.35 1.88 25.95
C LYS B 688 6.80 1.46 26.02
N ALA B 689 7.58 1.75 24.97
CA ALA B 689 9.00 1.40 24.99
C ALA B 689 9.73 2.16 26.09
N ALA B 690 9.43 3.45 26.25
CA ALA B 690 10.07 4.23 27.29
C ALA B 690 9.75 3.69 28.68
N HIS B 691 8.49 3.34 28.92
CA HIS B 691 8.09 2.80 30.22
C HIS B 691 8.74 1.44 30.46
N SER B 692 8.87 0.61 29.42
CA SER B 692 9.54 -0.66 29.58
C SER B 692 11.01 -0.48 29.93
N ILE B 693 11.67 0.51 29.32
CA ILE B 693 13.04 0.82 29.70
C ILE B 693 13.09 1.29 31.15
N ASP B 694 12.13 2.11 31.57
CA ASP B 694 12.16 2.67 32.91
C ASP B 694 11.98 1.58 33.97
N THR B 695 10.96 0.75 33.82
CA THR B 695 10.57 -0.15 34.91
C THR B 695 11.44 -1.40 34.95
N LEU B 696 11.38 -2.22 33.91
CA LEU B 696 12.01 -3.54 33.93
C LEU B 696 13.40 -3.49 33.29
N GLY B 697 14.26 -2.63 33.84
CA GLY B 697 15.62 -2.54 33.39
C GLY B 697 15.74 -2.02 31.97
N SER B 698 16.98 -1.98 31.48
CA SER B 698 17.28 -1.49 30.15
C SER B 698 17.71 -2.57 29.17
N ALA B 699 17.93 -3.80 29.64
CA ALA B 699 18.33 -4.90 28.77
C ALA B 699 17.15 -5.72 28.27
N SER B 700 15.93 -5.41 28.72
CA SER B 700 14.73 -6.15 28.32
C SER B 700 13.78 -5.29 27.48
N ALA B 701 14.32 -4.37 26.70
CA ALA B 701 13.49 -3.50 25.87
C ALA B 701 14.09 -3.27 24.49
N ARG B 702 14.88 -4.24 23.99
CA ARG B 702 15.44 -4.11 22.66
C ARG B 702 14.37 -4.29 21.58
N LYS B 703 13.42 -5.19 21.83
CA LYS B 703 12.37 -5.45 20.85
C LYS B 703 11.53 -4.20 20.59
N GLU B 704 11.10 -3.52 21.65
CA GLU B 704 10.30 -2.31 21.47
C GLU B 704 11.12 -1.21 20.82
N ILE B 705 12.42 -1.13 21.11
CA ILE B 705 13.26 -0.10 20.51
C ILE B 705 13.38 -0.32 19.01
N ALA B 706 13.61 -1.57 18.59
CA ALA B 706 13.63 -1.87 17.17
C ALA B 706 12.27 -1.60 16.54
N MET B 707 11.19 -1.89 17.26
CA MET B 707 9.85 -1.68 16.73
C MET B 707 9.58 -0.21 16.46
N ILE B 708 9.98 0.66 17.39
CA ILE B 708 9.76 2.10 17.17
C ILE B 708 10.74 2.62 16.13
N LYS B 709 11.90 1.99 15.99
CA LYS B 709 12.81 2.38 14.91
C LYS B 709 12.23 2.04 13.54
N VAL B 710 11.43 0.98 13.46
CA VAL B 710 10.81 0.62 12.20
C VAL B 710 9.58 1.47 11.91
N ALA B 711 8.67 1.58 12.88
CA ALA B 711 7.32 2.05 12.60
C ALA B 711 7.26 3.53 12.24
N ALA B 712 7.89 4.37 13.06
CA ALA B 712 7.63 5.82 12.98
C ALA B 712 7.98 6.45 11.63
N PRO B 713 9.19 6.27 11.08
CA PRO B 713 9.57 7.06 9.89
C PRO B 713 8.65 6.87 8.70
N LYS B 714 8.15 5.64 8.48
CA LYS B 714 7.30 5.40 7.32
C LYS B 714 6.01 6.20 7.40
N ALA B 715 5.32 6.10 8.54
CA ALA B 715 4.05 6.82 8.69
C ALA B 715 4.27 8.33 8.70
N VAL B 716 5.37 8.79 9.30
CA VAL B 716 5.62 10.23 9.33
C VAL B 716 5.93 10.75 7.94
N CYS B 717 6.68 9.99 7.14
CA CYS B 717 6.94 10.39 5.76
C CYS B 717 5.64 10.40 4.94
N LYS B 718 4.77 9.42 5.17
CA LYS B 718 3.48 9.42 4.48
C LYS B 718 2.66 10.65 4.85
N ILE B 719 2.65 11.03 6.13
CA ILE B 719 1.92 12.22 6.56
C ILE B 719 2.50 13.46 5.91
N ALA B 720 3.83 13.56 5.85
CA ALA B 720 4.45 14.72 5.22
C ALA B 720 4.09 14.79 3.74
N ASP B 721 4.08 13.64 3.05
CA ASP B 721 3.71 13.63 1.64
C ASP B 721 2.26 14.07 1.46
N TRP B 722 1.35 13.59 2.31
CA TRP B 722 -0.03 14.02 2.21
C TRP B 722 -0.17 15.51 2.46
N ALA B 723 0.57 16.04 3.42
CA ALA B 723 0.51 17.47 3.72
C ALA B 723 0.99 18.29 2.53
N ILE B 724 2.13 17.91 1.95
CA ILE B 724 2.65 18.70 0.84
C ILE B 724 1.76 18.54 -0.39
N GLN B 725 1.05 17.41 -0.50
CA GLN B 725 0.10 17.26 -1.59
C GLN B 725 -1.11 18.17 -1.39
N VAL B 726 -1.63 18.24 -0.16
CA VAL B 726 -2.77 19.11 0.13
C VAL B 726 -2.39 20.56 -0.13
N HIS B 727 -1.17 20.96 0.24
CA HIS B 727 -0.73 22.33 0.00
C HIS B 727 -0.67 22.66 -1.49
N GLY B 728 -0.56 21.65 -2.36
CA GLY B 728 -0.54 21.88 -3.79
C GLY B 728 0.77 22.44 -4.29
N TYR B 736 6.69 28.86 3.77
CA TYR B 736 5.96 27.87 4.57
C TYR B 736 6.91 26.98 5.34
N PRO B 737 6.67 26.83 6.65
CA PRO B 737 7.55 25.97 7.46
C PRO B 737 7.48 24.50 7.08
N LEU B 738 6.46 24.08 6.34
CA LEU B 738 6.33 22.67 5.99
C LEU B 738 7.51 22.17 5.17
N ALA B 739 8.22 23.07 4.46
CA ALA B 739 9.40 22.66 3.71
C ALA B 739 10.48 22.13 4.65
N ASN B 740 10.74 22.84 5.74
CA ASN B 740 11.73 22.40 6.70
C ASN B 740 11.33 21.08 7.35
N MET B 741 10.04 20.94 7.67
CA MET B 741 9.56 19.68 8.27
C MET B 741 9.73 18.52 7.31
N TYR B 742 9.41 18.71 6.03
CA TYR B 742 9.61 17.64 5.06
C TYR B 742 11.09 17.33 4.89
N ALA B 743 11.95 18.36 4.89
CA ALA B 743 13.38 18.13 4.79
C ALA B 743 13.88 17.26 5.95
N ILE B 744 13.46 17.60 7.18
CA ILE B 744 13.89 16.85 8.34
C ILE B 744 13.36 15.42 8.29
N ILE B 745 12.08 15.26 7.92
CA ILE B 745 11.46 13.93 7.90
C ILE B 745 12.13 13.04 6.85
N ARG B 746 12.51 13.64 5.71
CA ARG B 746 13.18 12.86 4.67
C ARG B 746 14.61 12.52 5.06
N THR B 747 15.32 13.48 5.67
CA THR B 747 16.68 13.20 6.12
C THR B 747 16.70 12.10 7.17
N LEU B 748 15.76 12.13 8.11
CA LEU B 748 15.69 11.11 9.15
C LEU B 748 15.24 9.76 8.63
N ARG B 749 14.76 9.68 7.40
CA ARG B 749 14.33 8.40 6.84
C ARG B 749 15.52 7.53 6.49
N GLU B 756 16.37 -1.80 5.97
CA GLU B 756 15.42 -2.82 6.40
C GLU B 756 16.11 -4.02 7.03
N VAL B 757 16.96 -3.76 8.03
CA VAL B 757 17.62 -4.82 8.78
C VAL B 757 16.91 -4.99 10.11
N HIS B 758 16.27 -3.92 10.58
CA HIS B 758 15.56 -3.96 11.85
C HIS B 758 14.39 -4.92 11.79
N LEU B 759 13.77 -5.07 10.62
CA LEU B 759 12.70 -6.06 10.47
C LEU B 759 13.24 -7.48 10.66
N SER B 760 14.42 -7.76 10.11
CA SER B 760 15.02 -9.07 10.30
C SER B 760 15.37 -9.28 11.78
N ALA B 761 15.89 -8.26 12.44
CA ALA B 761 16.20 -8.37 13.86
C ALA B 761 14.94 -8.66 14.68
N ILE B 762 13.85 -7.94 14.39
CA ILE B 762 12.60 -8.15 15.11
C ILE B 762 12.08 -9.56 14.85
N ALA B 763 12.20 -10.04 13.62
CA ALA B 763 11.77 -11.40 13.32
C ALA B 763 12.57 -12.42 14.11
N LYS B 764 13.88 -12.21 14.20
CA LYS B 764 14.72 -13.13 14.98
C LYS B 764 14.30 -13.14 16.44
N MET B 765 14.10 -11.95 17.02
CA MET B 765 13.69 -11.88 18.42
C MET B 765 12.32 -12.52 18.64
N GLU B 766 11.39 -12.31 17.71
CA GLU B 766 10.06 -12.89 17.84
C GLU B 766 10.12 -14.41 17.76
N LEU B 767 10.95 -14.93 16.84
CA LEU B 767 11.10 -16.38 16.74
C LEU B 767 11.71 -16.96 18.01
N GLN B 768 12.71 -16.27 18.57
CA GLN B 768 13.31 -16.73 19.82
C GLN B 768 12.28 -16.71 20.95
N ASP B 769 11.45 -15.67 21.01
CA ASP B 769 10.43 -15.59 22.05
C ASP B 769 9.41 -16.72 21.91
N GLN B 770 8.97 -16.99 20.68
CA GLN B 770 8.02 -18.07 20.46
C GLN B 770 8.63 -19.43 20.82
N ALA B 771 9.91 -19.63 20.49
CA ALA B 771 10.57 -20.86 20.87
C ALA B 771 10.67 -21.00 22.39
N ARG B 772 10.98 -19.91 23.08
CA ARG B 772 11.08 -19.95 24.53
C ARG B 772 9.74 -20.23 25.18
N ARG B 773 8.66 -19.63 24.66
CA ARG B 773 7.35 -19.78 25.29
C ARG B 773 6.89 -21.23 25.24
N LEU B 774 7.13 -21.91 24.13
CA LEU B 774 6.75 -23.32 23.99
C LEU B 774 7.66 -24.22 24.82
N PRO C 53 -5.12 -37.14 -79.51
CA PRO C 53 -3.71 -36.75 -79.33
C PRO C 53 -3.57 -35.44 -78.56
N THR C 54 -3.46 -35.55 -77.23
CA THR C 54 -3.33 -34.36 -76.38
C THR C 54 -2.28 -34.50 -75.30
N PHE C 55 -1.58 -35.63 -75.22
CA PHE C 55 -0.60 -35.84 -74.16
C PHE C 55 0.64 -34.96 -74.38
N PHE C 56 1.56 -35.03 -73.42
CA PHE C 56 2.77 -34.23 -73.48
C PHE C 56 3.66 -34.69 -74.63
N LEU C 57 4.46 -33.76 -75.15
CA LEU C 57 5.38 -34.05 -76.24
C LEU C 57 6.66 -33.26 -76.04
N GLN C 58 7.72 -33.73 -76.69
CA GLN C 58 9.03 -33.08 -76.60
C GLN C 58 9.71 -33.04 -77.96
N VAL C 65 3.29 -29.48 -75.83
CA VAL C 65 1.91 -29.90 -75.92
C VAL C 65 1.68 -30.68 -77.21
N LEU C 66 0.42 -31.02 -77.48
CA LEU C 66 0.06 -31.79 -78.66
C LEU C 66 -1.07 -31.06 -79.39
N ARG C 67 -1.66 -31.73 -80.38
CA ARG C 67 -2.74 -31.14 -81.15
C ARG C 67 -3.96 -30.87 -80.27
N LYS C 68 -4.29 -31.80 -79.39
CA LYS C 68 -5.44 -31.67 -78.49
C LYS C 68 -6.74 -31.45 -79.25
N LYS C 80 -14.71 -34.57 -73.95
CA LYS C 80 -14.96 -34.01 -75.27
C LYS C 80 -13.85 -33.04 -75.68
N ILE C 81 -12.80 -33.56 -76.30
CA ILE C 81 -11.69 -32.72 -76.74
C ILE C 81 -12.10 -31.78 -77.85
N ASP C 82 -13.17 -32.11 -78.59
CA ASP C 82 -13.63 -31.23 -79.67
C ASP C 82 -14.08 -29.88 -79.13
N ARG C 83 -14.79 -29.89 -77.99
CA ARG C 83 -15.23 -28.63 -77.39
C ARG C 83 -14.04 -27.77 -76.96
N GLU C 84 -13.02 -28.40 -76.36
CA GLU C 84 -11.85 -27.65 -75.95
C GLU C 84 -11.10 -27.09 -77.16
N PHE C 85 -10.98 -27.89 -78.22
CA PHE C 85 -10.32 -27.41 -79.43
C PHE C 85 -11.08 -26.25 -80.05
N LYS C 86 -12.41 -26.32 -80.07
CA LYS C 86 -13.21 -25.23 -80.60
C LYS C 86 -13.06 -23.98 -79.74
N ILE C 87 -13.02 -24.14 -78.42
CA ILE C 87 -12.84 -23.00 -77.53
C ILE C 87 -11.48 -22.35 -77.77
N GLN C 88 -10.43 -23.16 -77.93
CA GLN C 88 -9.11 -22.61 -78.19
C GLN C 88 -9.07 -21.89 -79.52
N LYS C 89 -9.69 -22.47 -80.55
CA LYS C 89 -9.71 -21.82 -81.87
C LYS C 89 -10.46 -20.49 -81.81
N ALA C 90 -11.59 -20.45 -81.10
CA ALA C 90 -12.35 -19.21 -80.97
C ALA C 90 -11.56 -18.17 -80.19
N LEU C 91 -10.88 -18.58 -79.12
CA LEU C 91 -10.08 -17.65 -78.34
C LEU C 91 -8.93 -17.08 -79.18
N PHE C 92 -8.32 -17.93 -80.01
CA PHE C 92 -7.26 -17.45 -80.91
C PHE C 92 -7.80 -16.45 -81.92
N SER C 93 -9.10 -16.50 -82.20
CA SER C 93 -9.73 -15.56 -83.14
C SER C 93 -10.37 -14.39 -82.40
N VAL C 117 -4.26 -27.28 -81.26
CA VAL C 117 -2.93 -27.44 -81.82
C VAL C 117 -1.94 -26.53 -81.11
N MET C 118 -2.26 -26.18 -79.87
CA MET C 118 -1.39 -25.30 -79.09
C MET C 118 -0.06 -25.99 -78.82
N GLU C 119 1.02 -25.21 -78.86
CA GLU C 119 2.36 -25.72 -78.62
C GLU C 119 2.71 -25.56 -77.13
N HIS C 120 3.97 -25.80 -76.80
CA HIS C 120 4.41 -25.68 -75.41
C HIS C 120 4.46 -24.22 -74.98
N VAL C 121 4.27 -23.98 -73.69
CA VAL C 121 4.29 -22.65 -73.11
C VAL C 121 5.45 -22.59 -72.12
N GLN C 122 6.35 -21.63 -72.32
CA GLN C 122 7.51 -21.46 -71.44
C GLN C 122 7.15 -20.48 -70.34
N GLY C 123 6.51 -21.01 -69.29
CA GLY C 123 6.09 -20.18 -68.18
C GLY C 123 6.01 -21.00 -66.91
N ARG C 124 5.83 -20.30 -65.79
CA ARG C 124 5.74 -20.92 -64.48
C ARG C 124 4.32 -21.36 -64.19
N ILE C 125 4.19 -22.26 -63.22
CA ILE C 125 2.89 -22.71 -62.74
C ILE C 125 3.01 -22.87 -61.22
N PHE C 126 2.43 -21.95 -60.48
CA PHE C 126 2.51 -21.97 -59.02
C PHE C 126 1.63 -23.09 -58.50
N ARG C 127 2.25 -24.20 -58.11
CA ARG C 127 1.50 -25.31 -57.52
C ARG C 127 0.93 -24.90 -56.17
N ASP C 128 1.77 -24.35 -55.29
CA ASP C 128 1.31 -23.82 -54.01
C ASP C 128 0.61 -22.48 -54.24
N PHE C 129 -0.57 -22.33 -53.66
CA PHE C 129 -1.37 -21.13 -53.89
C PHE C 129 -0.97 -19.97 -53.00
N SER C 130 -0.03 -20.17 -52.07
CA SER C 130 0.46 -19.08 -51.24
C SER C 130 1.53 -18.25 -51.94
N ILE C 131 2.08 -18.74 -53.06
CA ILE C 131 3.11 -18.04 -53.82
C ILE C 131 4.26 -17.66 -52.89
N PRO C 132 5.07 -18.61 -52.43
CA PRO C 132 6.13 -18.28 -51.48
C PRO C 132 7.47 -17.89 -52.11
N GLY C 133 7.59 -17.98 -53.43
CA GLY C 133 8.84 -17.70 -54.10
C GLY C 133 9.03 -16.26 -54.56
N VAL C 134 8.14 -15.34 -54.18
CA VAL C 134 8.21 -13.95 -54.62
C VAL C 134 7.99 -13.05 -53.42
N SER C 135 8.13 -11.74 -53.65
CA SER C 135 7.96 -10.74 -52.62
C SER C 135 6.47 -10.45 -52.42
N SER C 136 6.16 -9.41 -51.65
CA SER C 136 4.77 -9.06 -51.39
C SER C 136 4.15 -8.35 -52.58
N ALA C 137 4.84 -7.34 -53.11
CA ALA C 137 4.32 -6.61 -54.27
C ALA C 137 4.14 -7.54 -55.46
N GLU C 138 5.06 -8.49 -55.65
CA GLU C 138 4.92 -9.45 -56.74
C GLU C 138 3.68 -10.32 -56.56
N ARG C 139 3.41 -10.74 -55.32
CA ARG C 139 2.21 -11.54 -55.05
C ARG C 139 0.95 -10.75 -55.35
N ALA C 140 0.91 -9.49 -54.90
CA ALA C 140 -0.25 -8.66 -55.17
C ALA C 140 -0.44 -8.44 -56.66
N ALA C 141 0.64 -8.22 -57.40
CA ALA C 141 0.55 -8.05 -58.83
C ALA C 141 0.06 -9.32 -59.51
N ILE C 142 0.52 -10.48 -59.05
CA ILE C 142 0.08 -11.75 -59.63
C ILE C 142 -1.42 -11.93 -59.44
N TYR C 143 -1.92 -11.65 -58.22
CA TYR C 143 -3.34 -11.86 -57.97
C TYR C 143 -4.19 -10.81 -58.70
N VAL C 144 -3.69 -9.58 -58.80
CA VAL C 144 -4.39 -8.57 -59.61
C VAL C 144 -4.46 -9.02 -61.07
N SER C 145 -3.37 -9.59 -61.58
CA SER C 145 -3.34 -10.01 -62.98
C SER C 145 -4.29 -11.17 -63.23
N VAL C 146 -4.38 -12.13 -62.31
CA VAL C 146 -5.33 -13.22 -62.51
C VAL C 146 -6.77 -12.71 -62.42
N ALA C 147 -7.02 -11.75 -61.51
CA ALA C 147 -8.35 -11.16 -61.43
C ALA C 147 -8.74 -10.48 -62.75
N GLU C 148 -7.82 -9.69 -63.32
CA GLU C 148 -8.16 -8.99 -64.55
C GLU C 148 -8.22 -9.91 -65.76
N THR C 149 -7.42 -10.98 -65.80
CA THR C 149 -7.59 -11.90 -66.92
C THR C 149 -8.90 -12.67 -66.81
N LEU C 150 -9.34 -13.00 -65.59
CA LEU C 150 -10.67 -13.56 -65.42
C LEU C 150 -11.74 -12.61 -65.91
N ALA C 151 -11.63 -11.33 -65.52
CA ALA C 151 -12.61 -10.34 -65.93
C ALA C 151 -12.63 -10.17 -67.45
N TRP C 152 -11.45 -10.12 -68.07
CA TRP C 152 -11.38 -9.93 -69.51
C TRP C 152 -11.92 -11.14 -70.26
N LEU C 153 -11.69 -12.34 -69.74
CA LEU C 153 -12.21 -13.54 -70.40
C LEU C 153 -13.68 -13.78 -70.11
N HIS C 154 -14.24 -13.15 -69.09
CA HIS C 154 -15.66 -13.32 -68.79
C HIS C 154 -16.51 -12.24 -69.45
N SER C 155 -16.22 -10.97 -69.16
CA SER C 155 -17.05 -9.88 -69.65
C SER C 155 -17.04 -9.75 -71.16
N LEU C 156 -16.02 -10.31 -71.83
CA LEU C 156 -15.95 -10.24 -73.29
C LEU C 156 -16.49 -11.52 -73.93
N GLY C 171 -30.51 -19.92 -67.32
CA GLY C 171 -30.24 -20.14 -65.91
C GLY C 171 -30.18 -21.62 -65.54
N TYR C 172 -29.27 -22.35 -66.18
CA TYR C 172 -29.11 -23.77 -65.96
C TYR C 172 -28.18 -24.09 -64.79
N CYS C 173 -27.97 -23.14 -63.88
CA CYS C 173 -27.12 -23.40 -62.72
C CYS C 173 -27.72 -24.50 -61.84
N LYS C 174 -29.04 -24.48 -61.66
CA LYS C 174 -29.69 -25.56 -60.93
C LYS C 174 -29.54 -26.88 -61.65
N ARG C 175 -29.57 -26.86 -62.98
CA ARG C 175 -29.34 -28.08 -63.75
C ARG C 175 -27.93 -28.61 -63.53
N GLN C 176 -26.94 -27.73 -63.51
CA GLN C 176 -25.58 -28.15 -63.24
C GLN C 176 -25.43 -28.70 -61.84
N VAL C 177 -26.10 -28.08 -60.86
CA VAL C 177 -26.06 -28.57 -59.49
C VAL C 177 -26.67 -29.97 -59.41
N SER C 178 -27.80 -30.18 -60.08
CA SER C 178 -28.44 -31.49 -60.08
C SER C 178 -27.56 -32.54 -60.75
N THR C 179 -26.92 -32.17 -61.87
CA THR C 179 -26.03 -33.11 -62.55
C THR C 179 -24.84 -33.48 -61.67
N TRP C 180 -24.25 -32.49 -60.99
CA TRP C 180 -23.13 -32.78 -60.10
C TRP C 180 -23.58 -33.64 -58.93
N THR C 181 -24.77 -33.39 -58.39
CA THR C 181 -25.28 -34.21 -57.29
C THR C 181 -25.49 -35.65 -57.75
N LYS C 182 -26.05 -35.84 -58.94
CA LYS C 182 -26.25 -37.18 -59.47
C LYS C 182 -24.91 -37.89 -59.67
N GLN C 183 -23.92 -37.18 -60.23
CA GLN C 183 -22.61 -37.79 -60.44
C GLN C 183 -21.96 -38.17 -59.12
N TYR C 184 -22.03 -37.29 -58.13
CA TYR C 184 -21.44 -37.59 -56.83
C TYR C 184 -22.13 -38.76 -56.15
N GLN C 185 -23.47 -38.81 -56.23
CA GLN C 185 -24.20 -39.90 -55.60
C GLN C 185 -23.92 -41.23 -56.28
N ALA C 186 -23.82 -41.22 -57.62
CA ALA C 186 -23.54 -42.47 -58.34
C ALA C 186 -22.12 -42.93 -58.12
N SER C 187 -21.17 -42.00 -58.05
CA SER C 187 -19.76 -42.33 -57.89
C SER C 187 -19.35 -42.51 -56.44
N ALA C 188 -20.26 -42.28 -55.49
CA ALA C 188 -19.92 -42.42 -54.08
C ALA C 188 -19.63 -43.89 -53.75
N HIS C 189 -18.67 -44.09 -52.85
CA HIS C 189 -18.27 -45.43 -52.44
C HIS C 189 -18.36 -45.65 -50.93
N GLN C 190 -18.52 -44.60 -50.14
CA GLN C 190 -18.59 -44.73 -48.69
C GLN C 190 -19.76 -43.89 -48.18
N SER C 191 -20.24 -44.24 -46.99
CA SER C 191 -21.35 -43.51 -46.38
C SER C 191 -20.93 -42.09 -46.06
N ILE C 192 -21.79 -41.14 -46.38
CA ILE C 192 -21.51 -39.72 -46.17
C ILE C 192 -22.82 -38.98 -45.91
N PRO C 193 -23.36 -39.02 -44.69
CA PRO C 193 -24.57 -38.23 -44.41
C PRO C 193 -24.37 -36.74 -44.59
N ALA C 194 -23.14 -36.25 -44.39
CA ALA C 194 -22.87 -34.83 -44.57
C ALA C 194 -23.09 -34.41 -46.03
N MET C 195 -22.69 -35.25 -46.97
CA MET C 195 -22.90 -34.93 -48.38
C MET C 195 -24.39 -34.83 -48.71
N ASP C 196 -25.19 -35.77 -48.22
CA ASP C 196 -26.63 -35.73 -48.46
C ASP C 196 -27.26 -34.50 -47.81
N GLN C 197 -26.84 -34.17 -46.58
CA GLN C 197 -27.37 -32.99 -45.91
C GLN C 197 -27.02 -31.72 -46.68
N LEU C 198 -25.77 -31.62 -47.16
CA LEU C 198 -25.36 -30.44 -47.92
C LEU C 198 -26.13 -30.34 -49.23
N SER C 199 -26.33 -31.47 -49.90
CA SER C 199 -27.11 -31.46 -51.15
C SER C 199 -28.55 -31.02 -50.90
N THR C 200 -29.16 -31.52 -49.83
CA THR C 200 -30.52 -31.13 -49.50
C THR C 200 -30.60 -29.64 -49.16
N TRP C 201 -29.62 -29.13 -48.41
CA TRP C 201 -29.61 -27.72 -48.06
C TRP C 201 -29.41 -26.84 -49.29
N LEU C 202 -28.54 -27.27 -50.22
CA LEU C 202 -28.30 -26.48 -51.42
C LEU C 202 -29.49 -26.53 -52.37
N MET C 203 -30.21 -27.65 -52.41
CA MET C 203 -31.39 -27.74 -53.27
C MET C 203 -32.47 -26.73 -52.89
N LYS C 204 -32.46 -26.23 -51.65
CA LYS C 204 -33.41 -25.23 -51.21
C LYS C 204 -33.00 -23.81 -51.56
N ASN C 205 -31.84 -23.63 -52.17
CA ASN C 205 -31.36 -22.32 -52.57
C ASN C 205 -31.34 -22.22 -54.10
N LEU C 206 -31.80 -21.09 -54.61
CA LEU C 206 -31.90 -20.84 -56.04
C LEU C 206 -31.31 -19.47 -56.36
N PRO C 207 -30.90 -19.26 -57.63
CA PRO C 207 -30.31 -18.00 -58.08
C PRO C 207 -31.21 -17.26 -59.07
N CYS C 214 -22.51 -18.16 -68.39
CA CYS C 214 -21.80 -17.73 -69.58
C CYS C 214 -20.71 -18.74 -69.96
N LEU C 215 -19.62 -18.24 -70.52
CA LEU C 215 -18.48 -19.07 -70.89
C LEU C 215 -17.48 -19.06 -69.74
N VAL C 216 -17.50 -20.12 -68.94
CA VAL C 216 -16.63 -20.23 -67.77
C VAL C 216 -15.53 -21.24 -68.06
N HIS C 217 -14.54 -21.28 -67.16
CA HIS C 217 -13.43 -22.22 -67.27
C HIS C 217 -13.61 -23.44 -66.39
N GLY C 218 -14.68 -23.51 -65.60
CA GLY C 218 -14.97 -24.68 -64.80
C GLY C 218 -14.09 -24.86 -63.59
N ASP C 219 -12.78 -24.96 -63.80
CA ASP C 219 -11.81 -25.20 -62.74
C ASP C 219 -10.73 -24.13 -62.76
N PHE C 220 -11.14 -22.87 -62.81
CA PHE C 220 -10.21 -21.74 -62.84
C PHE C 220 -9.54 -21.63 -61.48
N LYS C 221 -8.30 -22.08 -61.39
CA LYS C 221 -7.49 -21.99 -60.18
C LYS C 221 -6.18 -21.30 -60.52
N LEU C 222 -5.39 -21.01 -59.49
CA LEU C 222 -4.05 -20.49 -59.71
C LEU C 222 -3.10 -21.55 -60.25
N ASP C 223 -3.49 -22.82 -60.25
CA ASP C 223 -2.65 -23.90 -60.74
C ASP C 223 -2.87 -24.22 -62.22
N ASN C 224 -3.75 -23.49 -62.89
CA ASN C 224 -4.04 -23.72 -64.31
C ASN C 224 -3.76 -22.46 -65.12
N ILE C 225 -2.72 -21.71 -64.72
CA ILE C 225 -2.32 -20.50 -65.42
C ILE C 225 -0.80 -20.50 -65.53
N VAL C 226 -0.30 -20.20 -66.73
CA VAL C 226 1.13 -20.11 -67.00
C VAL C 226 1.49 -18.65 -67.22
N PHE C 227 2.35 -18.11 -66.37
CA PHE C 227 2.73 -16.72 -66.43
C PHE C 227 3.88 -16.53 -67.42
N HIS C 228 4.45 -15.33 -67.45
CA HIS C 228 5.63 -15.08 -68.25
C HIS C 228 6.87 -15.55 -67.50
N PRO C 229 7.91 -15.99 -68.21
CA PRO C 229 9.10 -16.51 -67.52
C PRO C 229 9.79 -15.49 -66.64
N LYS C 230 9.79 -14.21 -67.01
CA LYS C 230 10.47 -13.18 -66.25
C LYS C 230 9.54 -12.08 -65.75
N GLU C 231 8.27 -12.10 -66.13
CA GLU C 231 7.31 -11.09 -65.73
C GLU C 231 6.07 -11.75 -65.16
N CYS C 232 5.36 -11.03 -64.29
CA CYS C 232 4.16 -11.56 -63.65
C CYS C 232 2.92 -11.09 -64.43
N ARG C 233 2.70 -11.74 -65.56
CA ARG C 233 1.51 -11.51 -66.37
C ARG C 233 1.06 -12.84 -66.96
N VAL C 234 -0.24 -12.96 -67.18
CA VAL C 234 -0.80 -14.21 -67.67
C VAL C 234 -0.50 -14.35 -69.16
N ILE C 235 0.05 -15.50 -69.54
CA ILE C 235 0.36 -15.80 -70.93
C ILE C 235 -0.70 -16.70 -71.56
N ALA C 236 -1.10 -17.76 -70.86
CA ALA C 236 -2.10 -18.68 -71.38
C ALA C 236 -2.85 -19.33 -70.21
N VAL C 237 -4.03 -19.85 -70.52
CA VAL C 237 -4.87 -20.56 -69.56
C VAL C 237 -5.22 -21.92 -70.16
N LEU C 238 -5.08 -22.97 -69.38
CA LEU C 238 -5.25 -24.34 -69.84
C LEU C 238 -6.33 -25.05 -69.03
N ASP C 239 -6.54 -26.32 -69.37
CA ASP C 239 -7.46 -27.21 -68.65
C ASP C 239 -8.90 -26.68 -68.71
N TRP C 240 -9.37 -26.46 -69.93
CA TRP C 240 -10.75 -26.05 -70.16
C TRP C 240 -11.59 -27.28 -70.54
N GLU C 241 -11.75 -28.15 -69.55
CA GLU C 241 -12.45 -29.42 -69.76
C GLU C 241 -13.96 -29.30 -69.49
N LEU C 242 -14.31 -28.91 -68.26
CA LEU C 242 -15.72 -28.80 -67.86
C LEU C 242 -16.14 -27.34 -67.99
N SER C 243 -16.37 -26.93 -69.24
CA SER C 243 -16.78 -25.56 -69.57
C SER C 243 -18.17 -25.59 -70.17
N THR C 244 -19.08 -24.82 -69.57
CA THR C 244 -20.46 -24.76 -70.05
C THR C 244 -21.14 -23.47 -69.60
N HIS C 247 -23.66 -19.22 -65.71
CA HIS C 247 -23.55 -18.39 -64.51
C HIS C 247 -22.23 -17.63 -64.49
N PRO C 248 -22.29 -16.31 -64.42
CA PRO C 248 -21.07 -15.49 -64.40
C PRO C 248 -20.45 -15.28 -63.03
N LEU C 249 -20.94 -15.96 -61.99
CA LEU C 249 -20.40 -15.79 -60.64
C LEU C 249 -19.95 -17.09 -59.98
N THR C 250 -20.34 -18.25 -60.53
CA THR C 250 -19.92 -19.51 -59.93
C THR C 250 -18.41 -19.73 -60.04
N ASP C 251 -17.83 -19.35 -61.18
CA ASP C 251 -16.39 -19.52 -61.37
C ASP C 251 -15.61 -18.67 -60.38
N LEU C 252 -16.08 -17.45 -60.10
CA LEU C 252 -15.42 -16.60 -59.12
C LEU C 252 -15.46 -17.22 -57.73
N ALA C 253 -16.60 -17.80 -57.36
CA ALA C 253 -16.69 -18.49 -56.07
C ALA C 253 -15.76 -19.70 -56.02
N HIS C 254 -15.66 -20.45 -57.11
CA HIS C 254 -14.75 -21.58 -57.15
C HIS C 254 -13.31 -21.13 -57.00
N LEU C 255 -12.96 -20.00 -57.61
CA LEU C 255 -11.61 -19.47 -57.47
C LEU C 255 -11.33 -19.01 -56.04
N SER C 256 -12.30 -18.33 -55.42
CA SER C 256 -12.06 -17.70 -54.13
C SER C 256 -12.36 -18.59 -52.93
N LEU C 257 -12.88 -19.80 -53.15
CA LEU C 257 -13.18 -20.67 -52.02
C LEU C 257 -11.94 -21.10 -51.25
N PHE C 258 -10.76 -21.01 -51.87
CA PHE C 258 -9.53 -21.49 -51.22
C PHE C 258 -9.19 -20.70 -49.97
N TYR C 259 -9.76 -19.51 -49.78
CA TYR C 259 -9.55 -18.78 -48.54
C TYR C 259 -10.16 -19.52 -47.35
N TYR C 260 -11.27 -20.21 -47.56
CA TYR C 260 -11.94 -20.97 -46.51
C TYR C 260 -11.56 -22.45 -46.53
N TRP C 261 -10.34 -22.78 -46.94
CA TRP C 261 -9.90 -24.16 -46.84
C TRP C 261 -9.82 -24.55 -45.37
N PRO C 262 -10.43 -25.68 -44.97
CA PRO C 262 -10.53 -25.99 -43.54
C PRO C 262 -9.17 -26.09 -42.88
N ARG C 263 -9.09 -25.57 -41.65
CA ARG C 263 -7.84 -25.60 -40.90
C ARG C 263 -7.41 -27.01 -40.54
N THR C 264 -8.33 -27.97 -40.56
CA THR C 264 -8.00 -29.36 -40.25
C THR C 264 -7.57 -30.13 -41.48
N LEU C 265 -8.26 -29.94 -42.61
CA LEU C 265 -7.92 -30.65 -43.83
C LEU C 265 -6.63 -30.09 -44.42
N PRO C 266 -5.65 -30.92 -44.77
CA PRO C 266 -4.45 -30.41 -45.43
C PRO C 266 -4.78 -29.81 -46.78
N MET C 267 -4.01 -28.79 -47.16
CA MET C 267 -4.26 -28.10 -48.41
C MET C 267 -3.95 -28.99 -49.60
N ILE C 268 -4.62 -28.71 -50.72
CA ILE C 268 -4.48 -29.50 -51.94
C ILE C 268 -3.29 -28.99 -52.74
N ASN C 269 -2.83 -29.82 -53.69
CA ASN C 269 -1.71 -29.48 -54.58
C ASN C 269 -0.41 -29.25 -53.81
N ARG C 270 -0.33 -29.80 -52.61
CA ARG C 270 0.88 -29.73 -51.78
C ARG C 270 1.33 -28.29 -51.58
N GLY C 271 0.46 -27.49 -50.96
CA GLY C 271 0.73 -26.10 -50.71
C GLY C 271 0.38 -25.72 -49.28
N SER C 272 0.79 -24.51 -48.91
CA SER C 272 0.49 -23.97 -47.60
C SER C 272 -0.80 -23.16 -47.64
N HIS C 273 -1.44 -23.02 -46.48
CA HIS C 273 -2.66 -22.22 -46.39
C HIS C 273 -2.36 -20.76 -46.68
N ILE C 274 -3.35 -20.05 -47.20
CA ILE C 274 -3.19 -18.66 -47.63
C ILE C 274 -2.81 -17.79 -46.44
N PRO C 275 -1.68 -17.10 -46.49
CA PRO C 275 -1.27 -16.25 -45.37
C PRO C 275 -2.04 -14.93 -45.37
N GLU C 276 -2.00 -14.26 -44.22
CA GLU C 276 -2.60 -12.95 -44.04
C GLU C 276 -1.54 -11.92 -43.70
N ASN C 277 -1.76 -10.69 -44.14
CA ASN C 277 -0.82 -9.59 -43.93
C ASN C 277 0.55 -9.93 -44.50
N THR C 278 0.55 -10.61 -45.65
CA THR C 278 1.78 -10.94 -46.35
C THR C 278 1.91 -10.23 -47.68
N GLY C 279 0.81 -9.96 -48.37
CA GLY C 279 0.85 -9.33 -49.68
C GLY C 279 -0.24 -9.87 -50.57
N ILE C 280 -0.90 -10.93 -50.12
CA ILE C 280 -2.01 -11.53 -50.84
C ILE C 280 -3.25 -10.66 -50.62
N PRO C 281 -4.11 -10.50 -51.62
CA PRO C 281 -5.33 -9.71 -51.40
C PRO C 281 -6.35 -10.48 -50.59
N LEU C 282 -7.03 -9.77 -49.68
CA LEU C 282 -8.12 -10.37 -48.94
C LEU C 282 -9.29 -10.65 -49.87
N MET C 283 -10.19 -11.53 -49.42
CA MET C 283 -11.28 -11.97 -50.27
C MET C 283 -12.15 -10.80 -50.73
N GLU C 284 -12.50 -9.91 -49.81
CA GLU C 284 -13.29 -8.74 -50.19
C GLU C 284 -12.51 -7.85 -51.16
N GLU C 285 -11.20 -7.73 -50.96
CA GLU C 285 -10.40 -6.89 -51.83
C GLU C 285 -10.38 -7.44 -53.25
N LEU C 286 -10.17 -8.76 -53.39
CA LEU C 286 -10.19 -9.40 -54.70
C LEU C 286 -11.58 -9.30 -55.34
N ILE C 287 -12.63 -9.45 -54.52
CA ILE C 287 -13.99 -9.34 -55.03
C ILE C 287 -14.22 -7.95 -55.59
N SER C 288 -13.78 -6.92 -54.87
CA SER C 288 -13.92 -5.54 -55.36
C SER C 288 -13.13 -5.32 -56.63
N ILE C 289 -11.91 -5.87 -56.70
CA ILE C 289 -11.10 -5.73 -57.91
C ILE C 289 -11.84 -6.32 -59.11
N TYR C 290 -12.33 -7.55 -58.98
CA TYR C 290 -13.01 -8.19 -60.10
C TYR C 290 -14.28 -7.45 -60.47
N CYS C 291 -15.06 -7.02 -59.48
CA CYS C 291 -16.31 -6.34 -59.76
C CYS C 291 -16.07 -5.01 -60.46
N HIS C 292 -15.14 -4.19 -59.95
CA HIS C 292 -14.84 -2.92 -60.60
C HIS C 292 -14.24 -3.13 -61.98
N ARG C 293 -13.55 -4.25 -62.20
CA ARG C 293 -13.10 -4.58 -63.55
C ARG C 293 -14.28 -4.89 -64.45
N ARG C 294 -15.30 -5.58 -63.93
CA ARG C 294 -16.47 -5.93 -64.73
C ARG C 294 -17.42 -4.74 -64.85
N GLY C 295 -17.96 -4.28 -63.73
CA GLY C 295 -18.88 -3.16 -63.74
C GLY C 295 -20.06 -3.34 -62.80
N ILE C 296 -20.23 -4.55 -62.26
CA ILE C 296 -21.32 -4.85 -61.36
C ILE C 296 -21.09 -4.15 -60.02
N ASP C 297 -22.13 -4.11 -59.19
CA ASP C 297 -21.99 -3.49 -57.88
C ASP C 297 -21.13 -4.36 -56.96
N PRO C 298 -20.47 -3.76 -55.97
CA PRO C 298 -19.64 -4.56 -55.06
C PRO C 298 -20.41 -5.63 -54.30
N ASN C 299 -21.66 -5.35 -53.93
CA ASN C 299 -22.47 -6.33 -53.21
C ASN C 299 -22.99 -7.38 -54.18
N LEU C 300 -23.05 -8.63 -53.72
CA LEU C 300 -23.52 -9.74 -54.53
C LEU C 300 -24.59 -10.53 -53.80
N PRO C 301 -25.54 -11.10 -54.54
CA PRO C 301 -26.63 -11.86 -53.91
C PRO C 301 -26.37 -13.36 -53.89
N ASN C 302 -27.01 -14.02 -52.93
CA ASN C 302 -26.98 -15.48 -52.81
C ASN C 302 -25.55 -16.02 -52.70
N TRP C 303 -24.73 -15.33 -51.91
CA TRP C 303 -23.32 -15.70 -51.82
C TRP C 303 -23.14 -16.99 -51.05
N ASN C 304 -23.98 -17.23 -50.04
CA ASN C 304 -23.94 -18.50 -49.33
C ASN C 304 -24.20 -19.67 -50.28
N PHE C 305 -25.14 -19.49 -51.21
CA PHE C 305 -25.39 -20.52 -52.21
C PHE C 305 -24.16 -20.75 -53.08
N PHE C 306 -23.45 -19.68 -53.44
CA PHE C 306 -22.24 -19.81 -54.24
C PHE C 306 -21.19 -20.62 -53.50
N MET C 307 -20.95 -20.30 -52.23
CA MET C 307 -19.98 -21.07 -51.44
C MET C 307 -20.40 -22.53 -51.29
N ALA C 308 -21.68 -22.77 -51.02
CA ALA C 308 -22.14 -24.15 -50.87
C ALA C 308 -21.94 -24.93 -52.16
N LEU C 309 -22.30 -24.33 -53.29
CA LEU C 309 -22.16 -25.02 -54.58
C LEU C 309 -20.69 -25.27 -54.87
N SER C 310 -19.82 -24.30 -54.59
CA SER C 310 -18.40 -24.46 -54.87
C SER C 310 -17.80 -25.59 -54.02
N PHE C 311 -18.12 -25.61 -52.73
CA PHE C 311 -17.58 -26.64 -51.86
C PHE C 311 -18.11 -28.02 -52.24
N PHE C 312 -19.40 -28.10 -52.58
CA PHE C 312 -19.97 -29.38 -53.00
C PHE C 312 -19.33 -29.88 -54.30
N LYS C 313 -19.11 -28.97 -55.25
CA LYS C 313 -18.45 -29.34 -56.50
C LYS C 313 -17.03 -29.83 -56.25
N LEU C 314 -16.30 -29.15 -55.37
CA LEU C 314 -14.94 -29.57 -55.05
C LEU C 314 -14.93 -30.94 -54.38
N ALA C 315 -15.87 -31.17 -53.47
CA ALA C 315 -15.96 -32.48 -52.82
C ALA C 315 -16.28 -33.57 -53.84
N GLY C 316 -17.19 -33.29 -54.77
CA GLY C 316 -17.50 -34.26 -55.81
C GLY C 316 -16.30 -34.55 -56.70
N ILE C 317 -15.55 -33.51 -57.07
CA ILE C 317 -14.36 -33.70 -57.90
C ILE C 317 -13.33 -34.54 -57.16
N SER C 318 -13.12 -34.27 -55.87
CA SER C 318 -12.17 -35.06 -55.09
C SER C 318 -12.61 -36.51 -54.99
N GLN C 319 -13.91 -36.75 -54.75
CA GLN C 319 -14.40 -38.11 -54.67
C GLN C 319 -14.24 -38.84 -56.00
N GLY C 320 -14.52 -38.16 -57.11
CA GLY C 320 -14.33 -38.77 -58.41
C GLY C 320 -12.88 -39.10 -58.70
N VAL C 321 -11.97 -38.20 -58.32
CA VAL C 321 -10.55 -38.46 -58.51
C VAL C 321 -10.11 -39.66 -57.69
N TYR C 322 -10.57 -39.74 -56.44
CA TYR C 322 -10.22 -40.88 -55.60
C TYR C 322 -10.76 -42.19 -56.16
N ARG C 323 -12.00 -42.16 -56.66
CA ARG C 323 -12.59 -43.37 -57.24
C ARG C 323 -11.84 -43.79 -58.50
N ARG C 324 -11.46 -42.82 -59.34
CA ARG C 324 -10.70 -43.15 -60.54
C ARG C 324 -9.33 -43.72 -60.19
N TYR C 325 -8.68 -43.17 -59.15
CA TYR C 325 -7.38 -43.69 -58.73
C TYR C 325 -7.51 -45.08 -58.12
N LEU C 326 -8.64 -45.37 -57.47
CA LEU C 326 -8.83 -46.70 -56.89
C LEU C 326 -8.88 -47.78 -57.98
N MET C 327 -9.54 -47.49 -59.09
CA MET C 327 -9.64 -48.44 -60.20
C MET C 327 -8.30 -48.63 -60.88
N THR C 338 -7.49 -37.70 -50.76
CA THR C 338 -8.65 -37.34 -51.56
C THR C 338 -9.87 -38.14 -51.13
N ALA C 339 -9.65 -39.37 -50.67
CA ALA C 339 -10.75 -40.21 -50.24
C ALA C 339 -11.37 -39.72 -48.94
N ASN C 340 -10.54 -39.27 -48.00
CA ASN C 340 -11.00 -38.84 -46.68
C ASN C 340 -11.27 -37.34 -46.60
N THR C 341 -11.16 -36.61 -47.71
CA THR C 341 -11.34 -35.17 -47.69
C THR C 341 -12.78 -34.74 -47.99
N VAL C 342 -13.66 -35.68 -48.37
CA VAL C 342 -15.03 -35.31 -48.69
C VAL C 342 -15.79 -34.89 -47.43
N GLN C 343 -15.57 -35.59 -46.32
CA GLN C 343 -16.27 -35.26 -45.07
C GLN C 343 -15.91 -33.87 -44.55
N PRO C 344 -14.63 -33.49 -44.41
CA PRO C 344 -14.34 -32.12 -43.97
C PRO C 344 -14.86 -31.06 -44.92
N LEU C 345 -14.81 -31.31 -46.23
CA LEU C 345 -15.33 -30.34 -47.18
C LEU C 345 -16.83 -30.16 -47.02
N ALA C 346 -17.57 -31.27 -46.89
CA ALA C 346 -19.02 -31.16 -46.69
C ALA C 346 -19.34 -30.48 -45.37
N GLU C 347 -18.58 -30.79 -44.31
CA GLU C 347 -18.83 -30.16 -43.02
C GLU C 347 -18.60 -28.66 -43.09
N THR C 348 -17.52 -28.23 -43.76
CA THR C 348 -17.25 -26.80 -43.89
C THR C 348 -18.28 -26.11 -44.77
N GLY C 349 -18.74 -26.79 -45.83
CA GLY C 349 -19.80 -26.23 -46.65
C GLY C 349 -21.08 -26.03 -45.86
N LEU C 350 -21.44 -27.01 -45.03
CA LEU C 350 -22.61 -26.87 -44.17
C LEU C 350 -22.41 -25.74 -43.17
N GLN C 351 -21.20 -25.61 -42.63
CA GLN C 351 -20.93 -24.57 -41.64
C GLN C 351 -21.07 -23.17 -42.24
N LEU C 352 -20.55 -22.97 -43.46
CA LEU C 352 -20.66 -21.67 -44.10
C LEU C 352 -21.99 -21.48 -44.84
N SER C 353 -22.81 -22.53 -44.95
CA SER C 353 -24.11 -22.38 -45.59
C SER C 353 -25.07 -21.53 -44.79
N LYS C 354 -24.84 -21.37 -43.48
CA LYS C 354 -25.70 -20.58 -42.60
C LYS C 354 -24.86 -19.47 -41.99
N ARG C 355 -24.73 -18.36 -42.70
CA ARG C 355 -23.95 -17.22 -42.25
C ARG C 355 -24.33 -16.01 -43.11
N THR C 356 -23.60 -14.91 -42.95
CA THR C 356 -23.82 -13.69 -43.72
C THR C 356 -22.46 -13.25 -44.29
N LEU C 357 -22.13 -13.78 -45.46
CA LEU C 357 -20.87 -13.44 -46.11
C LEU C 357 -21.03 -12.16 -46.93
N ARG C 358 -20.39 -11.08 -46.47
CA ARG C 358 -20.50 -9.77 -47.12
C ARG C 358 -19.54 -9.76 -48.30
N THR C 359 -20.10 -9.85 -49.52
CA THR C 359 -19.27 -9.80 -50.71
C THR C 359 -18.56 -8.46 -50.84
N THR C 360 -19.27 -7.38 -50.56
CA THR C 360 -18.68 -6.05 -50.69
C THR C 360 -17.59 -5.85 -49.63
N PRO C 361 -16.63 -4.97 -49.90
CA PRO C 361 -15.55 -4.75 -48.94
C PRO C 361 -16.10 -4.16 -47.65
N PRO C 362 -15.51 -4.51 -46.51
CA PRO C 362 -15.93 -4.03 -45.19
C PRO C 362 -14.83 -4.15 -44.14
N SER C 374 -6.10 -10.23 -37.11
CA SER C 374 -6.47 -10.92 -38.34
C SER C 374 -7.98 -10.85 -38.57
N ARG C 375 -8.37 -10.84 -39.84
CA ARG C 375 -9.80 -10.76 -40.18
C ARG C 375 -10.54 -12.00 -39.69
N ARG C 376 -9.92 -13.18 -39.84
CA ARG C 376 -10.55 -14.40 -39.34
C ARG C 376 -10.76 -14.33 -37.84
N GLY C 377 -9.78 -13.78 -37.11
CA GLY C 377 -9.95 -13.61 -35.67
C GLY C 377 -11.11 -12.69 -35.33
N GLN C 378 -11.25 -11.59 -36.07
CA GLN C 378 -12.35 -10.67 -35.82
C GLN C 378 -13.70 -11.32 -36.10
N GLU C 379 -13.80 -12.08 -37.20
CA GLU C 379 -15.05 -12.77 -37.51
C GLU C 379 -15.38 -13.79 -36.42
N VAL C 380 -14.40 -14.56 -35.97
CA VAL C 380 -14.64 -15.56 -34.94
C VAL C 380 -15.06 -14.89 -33.64
N LEU C 381 -14.41 -13.77 -33.30
CA LEU C 381 -14.77 -13.05 -32.08
C LEU C 381 -16.19 -12.50 -32.15
N THR C 382 -16.58 -11.97 -33.31
CA THR C 382 -17.93 -11.46 -33.47
C THR C 382 -18.95 -12.59 -33.33
N ARG C 383 -18.67 -13.74 -33.94
CA ARG C 383 -19.58 -14.88 -33.80
C ARG C 383 -19.65 -15.35 -32.36
N VAL C 384 -18.52 -15.33 -31.65
CA VAL C 384 -18.50 -15.73 -30.25
C VAL C 384 -19.38 -14.80 -29.41
N LYS C 385 -19.23 -13.48 -29.64
CA LYS C 385 -20.03 -12.52 -28.89
C LYS C 385 -21.51 -12.69 -29.16
N GLN C 386 -21.87 -12.89 -30.44
CA GLN C 386 -23.27 -13.08 -30.79
C GLN C 386 -23.84 -14.34 -30.13
N PHE C 387 -23.11 -15.45 -30.23
CA PHE C 387 -23.57 -16.70 -29.61
C PHE C 387 -23.70 -16.55 -28.11
N MET C 388 -22.73 -15.92 -27.47
CA MET C 388 -22.79 -15.68 -26.03
C MET C 388 -24.05 -14.91 -25.67
N LYS C 389 -24.17 -13.67 -26.19
CA LYS C 389 -25.29 -12.81 -25.81
C LYS C 389 -26.63 -13.38 -26.23
N GLN C 390 -26.67 -14.31 -27.18
CA GLN C 390 -27.94 -14.90 -27.58
C GLN C 390 -28.29 -16.16 -26.81
N HIS C 391 -27.31 -16.87 -26.27
CA HIS C 391 -27.71 -18.14 -25.66
C HIS C 391 -27.28 -18.31 -24.21
N VAL C 392 -26.07 -17.88 -23.84
CA VAL C 392 -25.51 -18.38 -22.58
C VAL C 392 -25.77 -17.45 -21.40
N PHE C 393 -25.88 -16.14 -21.64
CA PHE C 393 -26.18 -15.23 -20.54
C PHE C 393 -27.55 -15.47 -19.91
N PRO C 394 -28.64 -15.70 -20.67
CA PRO C 394 -29.92 -15.99 -20.01
C PRO C 394 -29.91 -17.25 -19.15
N ALA C 395 -29.02 -18.19 -19.41
CA ALA C 395 -28.95 -19.42 -18.63
C ALA C 395 -28.14 -19.27 -17.35
N GLU C 396 -27.59 -18.09 -17.09
CA GLU C 396 -26.78 -17.88 -15.90
C GLU C 396 -27.58 -18.11 -14.62
N LYS C 397 -28.79 -17.56 -14.57
CA LYS C 397 -29.62 -17.73 -13.38
C LYS C 397 -29.99 -19.18 -13.16
N GLU C 398 -30.36 -19.89 -14.22
CA GLU C 398 -30.72 -21.31 -14.09
C GLU C 398 -29.53 -22.13 -13.62
N VAL C 399 -28.35 -21.88 -14.18
CA VAL C 399 -27.17 -22.64 -13.77
C VAL C 399 -26.81 -22.34 -12.32
N ALA C 400 -26.89 -21.07 -11.91
CA ALA C 400 -26.58 -20.71 -10.53
C ALA C 400 -27.56 -21.36 -9.57
N GLU C 401 -28.85 -21.37 -9.93
CA GLU C 401 -29.86 -22.02 -9.09
C GLU C 401 -29.59 -23.52 -8.97
N TYR C 402 -29.25 -24.16 -10.09
CA TYR C 402 -28.94 -25.59 -10.05
C TYR C 402 -27.67 -25.87 -9.25
N TYR C 403 -26.76 -24.90 -9.17
CA TYR C 403 -25.52 -25.11 -8.42
C TYR C 403 -25.80 -25.34 -6.94
N ALA C 404 -26.70 -24.55 -6.36
CA ALA C 404 -27.03 -24.69 -4.94
C ALA C 404 -28.18 -25.66 -4.73
N HIS C 415 -22.95 -31.65 -14.09
CA HIS C 415 -23.31 -30.66 -15.09
C HIS C 415 -24.76 -30.83 -15.53
N PRO C 416 -25.53 -29.75 -15.47
CA PRO C 416 -26.94 -29.82 -15.88
C PRO C 416 -27.08 -30.06 -17.38
N LEU C 417 -28.26 -30.56 -17.76
CA LEU C 417 -28.54 -30.82 -19.16
C LEU C 417 -28.54 -29.55 -20.00
N VAL C 418 -28.73 -28.38 -19.38
CA VAL C 418 -28.63 -27.12 -20.11
C VAL C 418 -27.24 -26.96 -20.68
N ILE C 419 -26.21 -27.32 -19.92
CA ILE C 419 -24.84 -27.22 -20.41
C ILE C 419 -24.63 -28.19 -21.56
N GLU C 420 -25.23 -29.38 -21.49
CA GLU C 420 -25.11 -30.34 -22.58
C GLU C 420 -25.77 -29.81 -23.85
N LYS C 421 -26.95 -29.23 -23.73
CA LYS C 421 -27.62 -28.66 -24.90
C LYS C 421 -26.82 -27.51 -25.49
N LEU C 422 -26.27 -26.64 -24.63
CA LEU C 422 -25.45 -25.53 -25.12
C LEU C 422 -24.18 -26.04 -25.79
N LYS C 423 -23.58 -27.09 -25.25
CA LYS C 423 -22.40 -27.70 -25.86
C LYS C 423 -22.72 -28.26 -27.23
N GLU C 424 -23.86 -28.95 -27.35
CA GLU C 424 -24.27 -29.46 -28.66
C GLU C 424 -24.50 -28.34 -29.65
N ILE C 425 -25.16 -27.26 -29.20
CA ILE C 425 -25.43 -26.13 -30.08
C ILE C 425 -24.14 -25.48 -30.54
N ALA C 426 -23.18 -25.32 -29.62
CA ALA C 426 -21.91 -24.70 -29.97
C ALA C 426 -21.11 -25.58 -30.92
N LYS C 427 -21.13 -26.89 -30.71
CA LYS C 427 -20.45 -27.80 -31.62
C LYS C 427 -21.07 -27.76 -33.01
N ALA C 428 -22.41 -27.69 -33.08
CA ALA C 428 -23.08 -27.61 -34.37
C ALA C 428 -22.76 -26.29 -35.06
N GLU C 429 -22.72 -25.19 -34.32
CA GLU C 429 -22.48 -23.87 -34.90
C GLU C 429 -21.04 -23.67 -35.34
N GLY C 430 -20.14 -24.60 -35.00
CA GLY C 430 -18.75 -24.48 -35.37
C GLY C 430 -17.85 -23.90 -34.29
N LEU C 431 -18.43 -23.36 -33.22
CA LEU C 431 -17.64 -22.79 -32.13
C LEU C 431 -17.39 -23.90 -31.11
N TRP C 432 -16.29 -24.61 -31.30
CA TRP C 432 -15.95 -25.74 -30.45
C TRP C 432 -14.47 -26.04 -30.58
N ASN C 433 -13.86 -26.41 -29.45
CA ASN C 433 -12.43 -26.72 -29.39
C ASN C 433 -11.60 -25.58 -29.96
N LEU C 434 -12.00 -24.35 -29.64
CA LEU C 434 -11.30 -23.18 -30.16
C LEU C 434 -9.85 -23.15 -29.70
N PHE C 435 -9.62 -23.38 -28.40
CA PHE C 435 -8.30 -23.16 -27.82
C PHE C 435 -7.22 -24.07 -28.42
N LEU C 436 -7.61 -25.13 -29.12
CA LEU C 436 -6.63 -25.96 -29.80
C LEU C 436 -5.97 -25.16 -30.91
N PRO C 437 -4.65 -25.03 -30.93
CA PRO C 437 -3.99 -24.13 -31.89
C PRO C 437 -3.91 -24.67 -33.31
N ALA C 438 -4.55 -25.81 -33.60
CA ALA C 438 -4.52 -26.35 -34.96
C ALA C 438 -5.92 -26.62 -35.47
N VAL C 439 -6.83 -26.98 -34.55
CA VAL C 439 -8.23 -27.22 -34.95
C VAL C 439 -9.00 -25.94 -35.20
N SER C 440 -8.40 -24.79 -34.93
CA SER C 440 -9.04 -23.49 -35.15
C SER C 440 -8.21 -22.57 -36.03
N GLY C 441 -6.89 -22.58 -35.89
CA GLY C 441 -6.01 -21.91 -36.82
C GLY C 441 -5.71 -20.46 -36.56
N LEU C 442 -6.37 -19.83 -35.58
CA LEU C 442 -6.12 -18.42 -35.32
C LEU C 442 -4.76 -18.22 -34.65
N SER C 443 -4.33 -16.97 -34.60
CA SER C 443 -3.07 -16.59 -33.98
C SER C 443 -3.27 -16.43 -32.48
N GLN C 444 -2.17 -16.10 -31.78
CA GLN C 444 -2.22 -16.02 -30.32
C GLN C 444 -3.00 -14.80 -29.85
N VAL C 445 -2.85 -13.66 -30.53
CA VAL C 445 -3.54 -12.44 -30.10
C VAL C 445 -5.04 -12.61 -30.21
N ASP C 446 -5.52 -13.18 -31.32
CA ASP C 446 -6.94 -13.46 -31.44
C ASP C 446 -7.40 -14.44 -30.37
N TYR C 447 -6.53 -15.40 -30.02
CA TYR C 447 -6.87 -16.34 -28.97
C TYR C 447 -7.06 -15.61 -27.63
N ALA C 448 -6.16 -14.68 -27.32
CA ALA C 448 -6.27 -13.94 -26.07
C ALA C 448 -7.52 -13.07 -26.06
N LEU C 449 -7.84 -12.43 -27.18
CA LEU C 449 -9.04 -11.61 -27.23
C LEU C 449 -10.30 -12.45 -27.05
N ILE C 450 -10.37 -13.61 -27.69
CA ILE C 450 -11.52 -14.49 -27.52
C ILE C 450 -11.61 -14.96 -26.08
N ALA C 451 -10.48 -15.37 -25.48
CA ALA C 451 -10.49 -15.84 -24.11
C ALA C 451 -10.97 -14.74 -23.16
N GLU C 452 -10.55 -13.50 -23.40
CA GLU C 452 -11.06 -12.37 -22.64
C GLU C 452 -12.57 -12.24 -22.81
N GLU C 453 -13.06 -12.44 -24.02
CA GLU C 453 -14.50 -12.31 -24.25
C GLU C 453 -15.29 -13.42 -23.58
N THR C 454 -14.70 -14.60 -23.40
CA THR C 454 -15.39 -15.73 -22.79
C THR C 454 -14.97 -16.01 -21.35
N GLY C 455 -14.18 -15.11 -20.74
CA GLY C 455 -13.90 -15.26 -19.33
C GLY C 455 -14.93 -14.64 -18.42
N LYS C 456 -15.90 -13.90 -18.97
CA LYS C 456 -16.84 -13.15 -18.15
C LYS C 456 -17.82 -14.09 -17.45
N CYS C 457 -18.38 -15.05 -18.18
CA CYS C 457 -19.27 -16.03 -17.58
C CYS C 457 -18.46 -17.09 -16.86
N PHE C 458 -18.94 -17.49 -15.67
CA PHE C 458 -18.17 -18.40 -14.83
C PHE C 458 -17.96 -19.75 -15.50
N PHE C 459 -19.00 -20.31 -16.12
CA PHE C 459 -18.93 -21.61 -16.74
C PHE C 459 -18.77 -21.55 -18.25
N ALA C 460 -18.46 -20.38 -18.80
CA ALA C 460 -18.35 -20.24 -20.24
C ALA C 460 -17.31 -21.16 -20.89
N PRO C 461 -16.10 -21.34 -20.35
CA PRO C 461 -15.13 -22.23 -21.02
C PRO C 461 -15.60 -23.66 -21.16
N ASP C 462 -16.54 -24.12 -20.33
CA ASP C 462 -17.04 -25.48 -20.45
C ASP C 462 -17.81 -25.69 -21.74
N VAL C 463 -18.51 -24.66 -22.23
CA VAL C 463 -19.32 -24.80 -23.44
C VAL C 463 -18.42 -24.93 -24.66
N PHE C 464 -17.33 -24.17 -24.71
CA PHE C 464 -16.43 -24.17 -25.85
C PHE C 464 -15.36 -25.26 -25.78
N ASN C 465 -15.40 -26.11 -24.75
CA ASN C 465 -14.41 -27.16 -24.54
C ASN C 465 -13.01 -26.57 -24.46
N CYS C 466 -12.84 -25.65 -23.51
CA CYS C 466 -11.55 -25.01 -23.24
C CYS C 466 -11.31 -24.94 -21.75
N GLN C 467 -11.60 -26.04 -21.05
CA GLN C 467 -11.43 -26.07 -19.59
C GLN C 467 -9.95 -25.96 -19.23
N ALA C 468 -9.70 -25.62 -17.96
CA ALA C 468 -8.34 -25.41 -17.51
C ALA C 468 -7.44 -26.64 -17.61
N PRO C 469 -7.84 -27.82 -17.12
CA PRO C 469 -6.89 -28.95 -17.15
C PRO C 469 -6.79 -29.62 -18.51
N ASP C 470 -7.90 -29.67 -19.25
CA ASP C 470 -7.97 -30.47 -20.46
C ASP C 470 -7.07 -29.92 -21.56
N THR C 471 -6.97 -28.59 -21.68
CA THR C 471 -6.29 -28.01 -22.82
C THR C 471 -4.77 -28.24 -22.77
N GLY C 472 -4.18 -28.25 -21.58
CA GLY C 472 -2.76 -28.54 -21.48
C GLY C 472 -2.43 -29.94 -21.93
N ASN C 473 -3.20 -30.92 -21.47
CA ASN C 473 -3.00 -32.30 -21.91
C ASN C 473 -3.24 -32.44 -23.40
N MET C 474 -4.25 -31.75 -23.92
CA MET C 474 -4.52 -31.81 -25.36
C MET C 474 -3.35 -31.26 -26.17
N GLU C 475 -2.80 -30.13 -25.74
CA GLU C 475 -1.66 -29.55 -26.44
C GLU C 475 -0.44 -30.46 -26.35
N VAL C 476 -0.18 -31.05 -25.18
CA VAL C 476 0.95 -31.95 -25.03
C VAL C 476 0.79 -33.16 -25.94
N LEU C 477 -0.42 -33.73 -25.99
CA LEU C 477 -0.66 -34.87 -26.87
C LEU C 477 -0.45 -34.51 -28.33
N HIS C 478 -0.99 -33.35 -28.76
CA HIS C 478 -0.95 -33.00 -30.18
C HIS C 478 0.47 -32.62 -30.62
N LEU C 479 1.14 -31.75 -29.86
CA LEU C 479 2.42 -31.21 -30.29
C LEU C 479 3.50 -32.29 -30.41
N TYR C 480 3.87 -32.91 -29.30
CA TYR C 480 4.89 -33.96 -29.27
C TYR C 480 4.28 -35.18 -28.61
N GLY C 481 3.63 -36.02 -29.40
CA GLY C 481 2.98 -37.20 -28.89
C GLY C 481 3.06 -38.35 -29.86
N SER C 482 3.12 -39.55 -29.33
CA SER C 482 3.17 -40.75 -30.15
C SER C 482 1.87 -40.91 -30.94
N GLU C 483 2.00 -41.36 -32.19
CA GLU C 483 0.81 -41.53 -33.04
C GLU C 483 -0.15 -42.55 -32.44
N GLN C 484 0.38 -43.67 -31.93
CA GLN C 484 -0.47 -44.64 -31.25
C GLN C 484 -1.12 -44.04 -30.02
N GLN C 485 -0.34 -43.32 -29.20
CA GLN C 485 -0.88 -42.67 -28.03
C GLN C 485 -1.89 -41.60 -28.41
N LYS C 486 -1.61 -40.85 -29.48
CA LYS C 486 -2.55 -39.83 -29.94
C LYS C 486 -3.88 -40.46 -30.33
N LYS C 487 -3.84 -41.49 -31.18
CA LYS C 487 -5.07 -42.16 -31.57
C LYS C 487 -5.79 -42.77 -30.38
N GLN C 488 -5.05 -43.25 -29.38
CA GLN C 488 -5.68 -43.88 -28.23
C GLN C 488 -6.38 -42.86 -27.34
N TRP C 489 -5.77 -41.69 -27.14
CA TRP C 489 -6.23 -40.76 -26.11
C TRP C 489 -6.92 -39.52 -26.66
N LEU C 490 -6.33 -38.84 -27.64
CA LEU C 490 -6.88 -37.57 -28.09
C LEU C 490 -8.28 -37.74 -28.68
N GLU C 491 -8.50 -38.84 -29.41
CA GLU C 491 -9.83 -39.11 -29.93
C GLU C 491 -10.89 -39.17 -28.84
N PRO C 492 -10.57 -39.55 -27.60
CA PRO C 492 -11.55 -39.44 -26.51
C PRO C 492 -11.59 -38.07 -25.84
N LEU C 493 -10.80 -37.12 -26.32
CA LEU C 493 -10.77 -35.76 -25.81
C LEU C 493 -11.35 -34.75 -26.78
N LEU C 494 -10.92 -34.78 -28.04
CA LEU C 494 -11.41 -33.83 -29.03
C LEU C 494 -12.91 -33.97 -29.26
N ARG C 495 -13.49 -35.12 -28.97
CA ARG C 495 -14.93 -35.31 -29.06
C ARG C 495 -15.63 -35.12 -27.72
N GLY C 496 -14.89 -34.73 -26.68
CA GLY C 496 -15.49 -34.54 -25.38
C GLY C 496 -15.93 -35.82 -24.69
N ASP C 497 -15.38 -36.97 -25.09
CA ASP C 497 -15.79 -38.23 -24.48
C ASP C 497 -15.29 -38.33 -23.05
N ILE C 498 -14.01 -38.04 -22.81
CA ILE C 498 -13.40 -38.17 -21.50
C ILE C 498 -12.66 -36.87 -21.15
N THR C 499 -12.49 -36.66 -19.86
CA THR C 499 -11.78 -35.50 -19.34
C THR C 499 -10.31 -35.86 -19.12
N SER C 500 -9.56 -35.00 -18.44
CA SER C 500 -8.17 -35.25 -18.13
C SER C 500 -7.81 -34.49 -16.85
N VAL C 501 -6.56 -34.64 -16.43
CA VAL C 501 -6.07 -33.98 -15.22
C VAL C 501 -4.55 -33.92 -15.29
N PHE C 502 -3.99 -32.77 -14.93
CA PHE C 502 -2.55 -32.56 -14.89
C PHE C 502 -2.15 -32.36 -13.44
N CYS C 503 -1.35 -33.29 -12.91
CA CYS C 503 -1.02 -33.32 -11.49
C CYS C 503 0.48 -33.42 -11.29
N MET C 504 1.03 -32.49 -10.51
CA MET C 504 2.40 -32.62 -10.04
C MET C 504 2.54 -32.30 -8.55
N THR C 505 1.48 -31.84 -7.88
CA THR C 505 1.55 -31.51 -6.47
C THR C 505 1.26 -32.73 -5.60
N CYS C 519 6.46 -37.20 -7.15
CA CYS C 519 6.39 -38.59 -6.72
C CYS C 519 7.46 -39.42 -7.42
N THR C 520 7.34 -40.75 -7.32
CA THR C 520 8.30 -41.67 -7.90
C THR C 520 7.79 -42.18 -9.24
N ILE C 521 8.64 -42.11 -10.27
CA ILE C 521 8.33 -42.64 -11.59
C ILE C 521 9.41 -43.63 -11.97
N GLN C 522 9.96 -44.33 -10.97
CA GLN C 522 11.12 -45.18 -11.19
C GLN C 522 10.82 -46.29 -12.18
N ARG C 523 11.82 -46.63 -12.99
CA ARG C 523 11.69 -47.68 -13.98
C ARG C 523 11.73 -49.07 -13.35
N GLY C 527 8.93 -52.20 -18.10
CA GLY C 527 7.93 -51.22 -17.70
C GLY C 527 8.40 -50.32 -16.58
N TYR C 528 7.53 -49.38 -16.19
CA TYR C 528 7.82 -48.44 -15.11
C TYR C 528 6.67 -48.40 -14.13
N ILE C 529 6.99 -48.10 -12.87
CA ILE C 529 6.01 -48.03 -11.80
C ILE C 529 6.01 -46.62 -11.24
N VAL C 530 4.81 -46.11 -10.92
CA VAL C 530 4.63 -44.74 -10.44
C VAL C 530 3.85 -44.84 -9.13
N ASN C 531 4.57 -44.88 -8.02
CA ASN C 531 3.97 -44.91 -6.69
C ASN C 531 4.19 -43.56 -6.01
N GLY C 532 3.11 -42.91 -5.62
CA GLY C 532 3.22 -41.61 -4.98
C GLY C 532 1.85 -41.07 -4.66
N LYS C 533 1.84 -39.95 -3.94
CA LYS C 533 0.62 -39.30 -3.49
C LYS C 533 0.47 -37.94 -4.18
N LYS C 534 -0.68 -37.74 -4.82
CA LYS C 534 -0.98 -36.45 -5.45
C LYS C 534 -1.70 -35.55 -4.47
N TRP C 535 -1.98 -34.32 -4.91
CA TRP C 535 -2.60 -33.32 -4.07
C TRP C 535 -3.08 -32.17 -4.93
N TRP C 536 -4.24 -31.61 -4.58
CA TRP C 536 -4.81 -30.43 -5.25
C TRP C 536 -5.06 -30.68 -6.74
N SER C 537 -5.24 -31.94 -7.12
CA SER C 537 -5.45 -32.28 -8.53
C SER C 537 -6.82 -31.78 -8.96
N SER C 538 -6.84 -30.68 -9.71
CA SER C 538 -8.10 -30.08 -10.15
C SER C 538 -8.79 -30.98 -11.17
N GLY C 539 -10.11 -31.07 -11.05
CA GLY C 539 -10.90 -31.85 -11.99
C GLY C 539 -10.74 -33.34 -11.88
N ALA C 540 -10.28 -33.84 -10.73
CA ALA C 540 -10.06 -35.27 -10.56
C ALA C 540 -11.33 -36.02 -10.14
N GLY C 541 -12.39 -35.31 -9.76
CA GLY C 541 -13.61 -35.92 -9.32
C GLY C 541 -14.70 -36.07 -10.36
N ASN C 542 -14.46 -35.64 -11.58
CA ASN C 542 -15.47 -35.73 -12.63
C ASN C 542 -15.72 -37.20 -12.98
N PRO C 543 -16.98 -37.59 -13.17
CA PRO C 543 -17.25 -38.99 -13.56
C PRO C 543 -16.68 -39.37 -14.91
N LYS C 544 -16.43 -38.40 -15.79
CA LYS C 544 -15.88 -38.67 -17.12
C LYS C 544 -14.38 -38.36 -17.19
N CYS C 545 -13.66 -38.56 -16.07
CA CYS C 545 -12.23 -38.31 -16.02
C CYS C 545 -11.51 -39.65 -16.06
N LYS C 546 -10.86 -39.94 -17.18
CA LYS C 546 -10.16 -41.20 -17.37
C LYS C 546 -8.65 -41.03 -17.45
N ILE C 547 -8.16 -40.19 -18.36
CA ILE C 547 -6.73 -40.00 -18.53
C ILE C 547 -6.18 -39.20 -17.36
N ALA C 548 -4.86 -39.20 -17.23
CA ALA C 548 -4.16 -38.44 -16.20
C ALA C 548 -2.70 -38.33 -16.57
N ILE C 549 -2.18 -37.10 -16.62
CA ILE C 549 -0.79 -36.84 -16.96
C ILE C 549 -0.06 -36.40 -15.70
N VAL C 550 0.98 -37.15 -15.35
CA VAL C 550 1.77 -36.89 -14.15
C VAL C 550 3.22 -36.72 -14.57
N LEU C 551 3.82 -35.59 -14.23
CA LEU C 551 5.23 -35.33 -14.49
C LEU C 551 5.97 -35.40 -13.16
N GLY C 552 6.39 -36.60 -12.79
CA GLY C 552 7.08 -36.84 -11.54
C GLY C 552 8.47 -37.42 -11.75
N ARG C 553 9.20 -37.52 -10.64
CA ARG C 553 10.56 -38.04 -10.67
C ARG C 553 10.58 -39.52 -11.02
N ARG C 563 17.95 -34.71 -14.20
CA ARG C 563 16.90 -34.66 -15.20
C ARG C 563 15.84 -35.72 -14.92
N GLN C 564 15.13 -35.58 -13.81
CA GLN C 564 14.09 -36.51 -13.42
C GLN C 564 12.74 -36.21 -14.06
N HIS C 565 12.65 -35.14 -14.86
CA HIS C 565 11.39 -34.75 -15.49
C HIS C 565 11.04 -35.78 -16.56
N SER C 566 10.09 -36.65 -16.26
CA SER C 566 9.60 -37.65 -17.21
C SER C 566 8.10 -37.79 -17.01
N MET C 567 7.33 -37.19 -17.92
CA MET C 567 5.87 -37.20 -17.83
C MET C 567 5.32 -38.42 -18.55
N ILE C 568 4.49 -39.19 -17.86
CA ILE C 568 3.94 -40.43 -18.39
C ILE C 568 2.44 -40.44 -18.13
N LEU C 569 1.67 -40.80 -19.15
CA LEU C 569 0.22 -40.93 -18.99
C LEU C 569 -0.09 -42.11 -18.07
N VAL C 570 -1.10 -41.93 -17.22
CA VAL C 570 -1.53 -43.00 -16.32
C VAL C 570 -3.06 -43.03 -16.28
N PRO C 571 -3.70 -44.01 -16.91
CA PRO C 571 -5.16 -44.11 -16.82
C PRO C 571 -5.60 -44.30 -15.37
N MET C 572 -6.71 -43.64 -15.02
CA MET C 572 -7.20 -43.69 -13.65
C MET C 572 -7.89 -45.00 -13.32
N ASP C 573 -8.32 -45.76 -14.33
CA ASP C 573 -8.93 -47.06 -14.10
C ASP C 573 -7.91 -48.13 -13.74
N THR C 574 -6.62 -47.85 -13.90
CA THR C 574 -5.60 -48.82 -13.57
C THR C 574 -5.59 -49.10 -12.08
N PRO C 575 -5.24 -50.32 -11.67
CA PRO C 575 -5.21 -50.65 -10.24
C PRO C 575 -4.20 -49.79 -9.49
N GLY C 576 -4.56 -49.44 -8.26
CA GLY C 576 -3.71 -48.64 -7.40
C GLY C 576 -4.10 -47.17 -7.33
N VAL C 577 -4.95 -46.70 -8.23
CA VAL C 577 -5.40 -45.32 -8.23
C VAL C 577 -6.73 -45.26 -7.48
N GLU C 578 -6.80 -44.38 -6.48
CA GLU C 578 -8.00 -44.24 -5.67
C GLU C 578 -8.06 -42.83 -5.10
N LEU C 579 -9.16 -42.13 -5.34
CA LEU C 579 -9.34 -40.80 -4.78
C LEU C 579 -9.46 -40.88 -3.27
N ILE C 580 -8.82 -39.93 -2.59
CA ILE C 580 -8.72 -39.98 -1.13
C ILE C 580 -9.84 -39.17 -0.49
N ARG C 581 -9.85 -37.86 -0.73
CA ARG C 581 -10.82 -36.98 -0.09
C ARG C 581 -10.93 -35.72 -0.92
N PRO C 582 -12.05 -35.00 -0.83
CA PRO C 582 -12.17 -33.73 -1.55
C PRO C 582 -11.60 -32.57 -0.75
N LEU C 583 -10.99 -31.63 -1.47
CA LEU C 583 -10.37 -30.45 -0.87
C LEU C 583 -11.28 -29.25 -1.09
N SER C 584 -11.55 -28.51 -0.03
CA SER C 584 -12.46 -27.36 -0.06
C SER C 584 -11.66 -26.07 0.11
N VAL C 585 -11.94 -25.11 -0.78
CA VAL C 585 -11.31 -23.80 -0.74
C VAL C 585 -12.37 -22.79 -0.29
N PHE C 586 -12.18 -22.22 0.90
CA PHE C 586 -13.10 -21.24 1.46
C PHE C 586 -14.50 -21.80 1.63
N GLY C 587 -14.59 -23.12 1.75
CA GLY C 587 -15.88 -23.77 1.97
C GLY C 587 -16.71 -23.96 0.72
N TYR C 588 -16.11 -23.83 -0.46
CA TYR C 588 -16.77 -24.13 -1.72
C TYR C 588 -16.19 -25.42 -2.28
N MET C 589 -17.06 -26.38 -2.57
CA MET C 589 -16.63 -27.65 -3.14
C MET C 589 -16.21 -27.53 -4.59
N ASP C 590 -16.57 -26.44 -5.27
CA ASP C 590 -16.23 -26.22 -6.68
C ASP C 590 -16.72 -27.36 -7.55
N ASN C 591 -18.05 -27.51 -7.60
CA ASN C 591 -18.66 -28.58 -8.38
C ASN C 591 -18.42 -28.42 -9.88
N MET C 592 -18.05 -27.24 -10.33
CA MET C 592 -17.78 -27.01 -11.75
C MET C 592 -16.32 -26.63 -11.98
N HIS C 596 -11.47 -30.75 -6.48
CA HIS C 596 -10.10 -30.75 -5.98
C HIS C 596 -9.83 -32.01 -5.16
N TRP C 597 -10.45 -33.12 -5.56
CA TRP C 597 -10.29 -34.37 -4.81
C TRP C 597 -8.86 -34.85 -4.88
N GLU C 598 -8.33 -35.28 -3.73
CA GLU C 598 -6.97 -35.78 -3.67
C GLU C 598 -6.87 -37.14 -4.36
N VAL C 599 -5.69 -37.41 -4.92
CA VAL C 599 -5.41 -38.63 -5.67
C VAL C 599 -4.25 -39.36 -5.01
N HIS C 600 -4.35 -40.68 -4.94
CA HIS C 600 -3.30 -41.53 -4.40
C HIS C 600 -2.96 -42.61 -5.42
N PHE C 601 -1.67 -42.75 -5.74
CA PHE C 601 -1.18 -43.74 -6.68
C PHE C 601 -0.26 -44.69 -5.93
N ASN C 602 -0.75 -45.90 -5.65
CA ASN C 602 -0.02 -46.89 -4.86
C ASN C 602 0.48 -47.99 -5.80
N HIS C 603 1.67 -47.76 -6.38
CA HIS C 603 2.35 -48.74 -7.23
C HIS C 603 1.47 -49.19 -8.39
N VAL C 604 1.14 -48.23 -9.25
CA VAL C 604 0.36 -48.52 -10.45
C VAL C 604 1.28 -49.12 -11.51
N ARG C 605 0.84 -50.20 -12.14
CA ARG C 605 1.60 -50.85 -13.19
C ARG C 605 1.09 -50.36 -14.54
N VAL C 606 1.97 -49.73 -15.31
CA VAL C 606 1.59 -49.20 -16.62
C VAL C 606 2.66 -49.58 -17.63
N PRO C 607 2.31 -49.80 -18.90
CA PRO C 607 3.32 -50.14 -19.89
C PRO C 607 4.17 -48.94 -20.26
N ALA C 608 5.28 -49.23 -20.95
CA ALA C 608 6.17 -48.16 -21.42
C ALA C 608 5.54 -47.33 -22.52
N SER C 609 4.49 -47.85 -23.17
CA SER C 609 3.80 -47.07 -24.20
C SER C 609 3.13 -45.83 -23.59
N ASN C 610 2.58 -45.98 -22.38
CA ASN C 610 1.90 -44.88 -21.72
C ASN C 610 2.83 -43.73 -21.37
N LEU C 611 4.15 -43.93 -21.42
CA LEU C 611 5.09 -42.86 -21.14
C LEU C 611 5.40 -42.07 -22.41
N ARG C 625 4.60 -24.87 -24.29
CA ARG C 625 4.43 -25.59 -23.03
C ARG C 625 3.46 -24.86 -22.11
N LEU C 626 3.99 -23.96 -21.28
CA LEU C 626 3.18 -23.21 -20.32
C LEU C 626 2.75 -21.84 -20.83
N GLY C 627 3.25 -21.41 -21.98
CA GLY C 627 2.98 -20.08 -22.48
C GLY C 627 1.52 -19.83 -22.76
N PRO C 628 0.92 -20.64 -23.64
CA PRO C 628 -0.52 -20.48 -23.90
C PRO C 628 -1.36 -20.65 -22.65
N GLY C 629 -0.98 -21.58 -21.77
CA GLY C 629 -1.74 -21.76 -20.54
C GLY C 629 -1.76 -20.51 -19.68
N ARG C 630 -0.60 -19.91 -19.46
CA ARG C 630 -0.54 -18.69 -18.66
C ARG C 630 -1.28 -17.55 -19.35
N ILE C 631 -1.17 -17.45 -20.67
CA ILE C 631 -1.83 -16.37 -21.39
C ILE C 631 -3.34 -16.46 -21.23
N HIS C 632 -3.90 -17.66 -21.44
CA HIS C 632 -5.34 -17.82 -21.32
C HIS C 632 -5.80 -17.67 -19.87
N HIS C 633 -5.01 -18.16 -18.92
CA HIS C 633 -5.38 -18.03 -17.51
C HIS C 633 -5.33 -16.59 -17.04
N CYS C 634 -4.56 -15.74 -17.71
CA CYS C 634 -4.59 -14.31 -17.39
C CYS C 634 -5.73 -13.60 -18.11
N MET C 635 -6.02 -14.00 -19.36
CA MET C 635 -7.09 -13.36 -20.11
C MET C 635 -8.44 -13.61 -19.47
N ARG C 636 -8.69 -14.85 -19.01
CA ARG C 636 -9.96 -15.14 -18.35
C ARG C 636 -10.12 -14.31 -17.09
N THR C 637 -9.04 -14.15 -16.32
CA THR C 637 -9.10 -13.33 -15.12
C THR C 637 -9.37 -11.87 -15.46
N VAL C 638 -8.79 -11.38 -16.56
CA VAL C 638 -9.06 -10.01 -16.98
C VAL C 638 -10.54 -9.83 -17.33
N GLY C 639 -11.11 -10.77 -18.06
CA GLY C 639 -12.53 -10.70 -18.37
C GLY C 639 -13.40 -10.73 -17.12
N LEU C 640 -13.03 -11.57 -16.15
CA LEU C 640 -13.75 -11.61 -14.89
C LEU C 640 -13.69 -10.27 -14.17
N ALA C 641 -12.52 -9.63 -14.15
CA ALA C 641 -12.38 -8.33 -13.51
C ALA C 641 -13.21 -7.27 -14.22
N GLU C 642 -13.27 -7.34 -15.55
CA GLU C 642 -14.10 -6.39 -16.29
C GLU C 642 -15.58 -6.54 -15.93
N ARG C 643 -16.05 -7.78 -15.84
CA ARG C 643 -17.45 -7.98 -15.45
C ARG C 643 -17.70 -7.50 -14.02
N ILE C 644 -16.74 -7.75 -13.12
CA ILE C 644 -16.88 -7.29 -11.74
C ILE C 644 -16.99 -5.77 -11.70
N LEU C 645 -16.15 -5.08 -12.48
CA LEU C 645 -16.19 -3.63 -12.50
C LEU C 645 -17.52 -3.13 -13.06
N GLN C 646 -18.04 -3.79 -14.09
CA GLN C 646 -19.36 -3.41 -14.60
C GLN C 646 -20.43 -3.54 -13.53
N ILE C 647 -20.43 -4.67 -12.81
CA ILE C 647 -21.43 -4.89 -11.77
C ILE C 647 -21.31 -3.83 -10.69
N MET C 648 -20.07 -3.52 -10.27
CA MET C 648 -19.88 -2.56 -9.20
C MET C 648 -20.29 -1.15 -9.62
N CYS C 649 -20.02 -0.78 -10.88
CA CYS C 649 -20.48 0.51 -11.37
C CYS C 649 -22.00 0.59 -11.40
N ASP C 650 -22.66 -0.47 -11.88
CA ASP C 650 -24.12 -0.47 -11.92
C ASP C 650 -24.70 -0.35 -10.52
N ARG C 651 -24.12 -1.07 -9.55
CA ARG C 651 -24.62 -1.00 -8.19
C ARG C 651 -24.38 0.37 -7.57
N ALA C 652 -23.22 0.98 -7.85
CA ALA C 652 -22.94 2.31 -7.32
C ALA C 652 -23.91 3.34 -7.88
N VAL C 653 -24.25 3.22 -9.17
CA VAL C 653 -25.21 4.16 -9.74
C VAL C 653 -26.61 3.92 -9.18
N GLN C 654 -27.01 2.65 -9.04
CA GLN C 654 -28.37 2.35 -8.59
C GLN C 654 -28.62 2.86 -7.17
N ARG C 655 -27.67 2.67 -6.27
CA ARG C 655 -27.83 3.11 -4.89
C ARG C 655 -27.53 4.59 -4.74
N HIS C 665 -20.53 9.10 -3.87
CA HIS C 665 -19.45 9.73 -3.11
C HIS C 665 -18.17 9.75 -3.93
N GLU C 666 -17.16 10.46 -3.42
CA GLU C 666 -15.90 10.59 -4.13
C GLU C 666 -15.04 9.33 -4.04
N VAL C 667 -15.12 8.62 -2.90
CA VAL C 667 -14.26 7.46 -2.70
C VAL C 667 -14.64 6.33 -3.66
N VAL C 668 -15.94 6.14 -3.90
CA VAL C 668 -16.36 5.10 -4.83
C VAL C 668 -15.91 5.44 -6.24
N ALA C 669 -15.97 6.72 -6.61
CA ALA C 669 -15.47 7.14 -7.92
C ALA C 669 -13.98 6.88 -8.04
N HIS C 670 -13.21 7.17 -6.99
CA HIS C 670 -11.79 6.89 -7.01
C HIS C 670 -11.51 5.40 -7.16
N TRP C 671 -12.30 4.57 -6.47
CA TRP C 671 -12.15 3.12 -6.60
C TRP C 671 -12.42 2.66 -8.02
N ILE C 672 -13.47 3.21 -8.65
CA ILE C 672 -13.80 2.84 -10.02
C ILE C 672 -12.65 3.21 -10.95
N ALA C 673 -12.13 4.43 -10.80
CA ALA C 673 -11.04 4.87 -11.67
C ALA C 673 -9.80 3.99 -11.52
N LYS C 674 -9.44 3.67 -10.28
CA LYS C 674 -8.27 2.83 -10.06
C LYS C 674 -8.47 1.44 -10.64
N SER C 675 -9.68 0.89 -10.49
CA SER C 675 -9.97 -0.42 -11.06
C SER C 675 -9.83 -0.41 -12.57
N ARG C 676 -10.35 0.63 -13.23
CA ARG C 676 -10.23 0.73 -14.68
C ARG C 676 -8.77 0.83 -15.10
N ILE C 677 -7.98 1.62 -14.38
CA ILE C 677 -6.56 1.76 -14.72
C ILE C 677 -5.86 0.41 -14.63
N ALA C 678 -6.09 -0.31 -13.54
CA ALA C 678 -5.43 -1.60 -13.36
C ALA C 678 -5.86 -2.59 -14.43
N ILE C 679 -7.15 -2.60 -14.77
CA ILE C 679 -7.64 -3.53 -15.79
C ILE C 679 -6.98 -3.25 -17.13
N GLU C 680 -6.90 -1.97 -17.52
CA GLU C 680 -6.27 -1.63 -18.78
C GLU C 680 -4.81 -2.04 -18.81
N GLU C 681 -4.08 -1.77 -17.73
CA GLU C 681 -2.66 -2.12 -17.70
C GLU C 681 -2.46 -3.63 -17.80
N ILE C 682 -3.27 -4.41 -17.09
CA ILE C 682 -3.11 -5.85 -17.12
C ILE C 682 -3.46 -6.40 -18.50
N ARG C 683 -4.52 -5.88 -19.13
CA ARG C 683 -4.86 -6.34 -20.47
C ARG C 683 -3.74 -6.05 -21.45
N LEU C 684 -3.14 -4.86 -21.35
CA LEU C 684 -2.04 -4.53 -22.24
C LEU C 684 -0.85 -5.47 -22.04
N LEU C 685 -0.52 -5.77 -20.78
CA LEU C 685 0.59 -6.69 -20.51
C LEU C 685 0.30 -8.07 -21.10
N THR C 686 -0.91 -8.57 -20.90
CA THR C 686 -1.25 -9.90 -21.42
C THR C 686 -1.15 -9.95 -22.93
N LEU C 687 -1.69 -8.92 -23.61
CA LEU C 687 -1.62 -8.91 -25.07
C LEU C 687 -0.19 -8.79 -25.56
N LYS C 688 0.65 -8.00 -24.87
CA LYS C 688 2.05 -7.90 -25.27
C LYS C 688 2.76 -9.24 -25.15
N ALA C 689 2.51 -9.96 -24.05
CA ALA C 689 3.13 -11.28 -23.88
C ALA C 689 2.66 -12.25 -24.96
N ALA C 690 1.35 -12.23 -25.27
CA ALA C 690 0.84 -13.11 -26.30
C ALA C 690 1.45 -12.81 -27.66
N HIS C 691 1.57 -11.53 -28.00
CA HIS C 691 2.16 -11.15 -29.28
C HIS C 691 3.63 -11.52 -29.33
N SER C 692 4.35 -11.38 -28.22
CA SER C 692 5.74 -11.79 -28.18
C SER C 692 5.89 -13.29 -28.39
N ILE C 693 4.99 -14.08 -27.80
CA ILE C 693 5.00 -15.51 -28.06
C ILE C 693 4.71 -15.79 -29.53
N ASP C 694 3.77 -15.06 -30.12
CA ASP C 694 3.37 -15.32 -31.49
C ASP C 694 4.51 -15.01 -32.47
N THR C 695 5.12 -13.84 -32.35
CA THR C 695 6.03 -13.37 -33.40
C THR C 695 7.42 -13.96 -33.24
N LEU C 696 8.10 -13.64 -32.14
CA LEU C 696 9.51 -13.99 -31.97
C LEU C 696 9.67 -15.29 -31.19
N GLY C 697 9.06 -16.35 -31.71
CA GLY C 697 9.19 -17.67 -31.12
C GLY C 697 8.55 -17.76 -29.75
N SER C 698 8.70 -18.93 -29.14
CA SER C 698 8.13 -19.21 -27.83
C SER C 698 9.16 -19.32 -26.72
N ALA C 699 10.45 -19.32 -27.05
CA ALA C 699 11.51 -19.41 -26.05
C ALA C 699 12.02 -18.05 -25.61
N SER C 700 11.53 -16.96 -26.21
CA SER C 700 11.97 -15.60 -25.88
C SER C 700 10.86 -14.78 -25.23
N ALA C 701 9.98 -15.43 -24.48
CA ALA C 701 8.88 -14.72 -23.83
C ALA C 701 8.63 -15.23 -22.42
N ARG C 702 9.67 -15.75 -21.76
CA ARG C 702 9.51 -16.22 -20.38
C ARG C 702 9.36 -15.04 -19.42
N LYS C 703 10.08 -13.94 -19.69
CA LYS C 703 10.01 -12.78 -18.81
C LYS C 703 8.61 -12.20 -18.75
N GLU C 704 7.97 -12.01 -19.91
CA GLU C 704 6.62 -11.47 -19.93
C GLU C 704 5.63 -12.44 -19.29
N ILE C 705 5.85 -13.75 -19.45
CA ILE C 705 4.94 -14.73 -18.85
C ILE C 705 5.02 -14.66 -17.33
N ALA C 706 6.23 -14.59 -16.79
CA ALA C 706 6.38 -14.42 -15.34
C ALA C 706 5.77 -13.09 -14.89
N MET C 707 5.92 -12.05 -15.70
CA MET C 707 5.40 -10.74 -15.34
C MET C 707 3.88 -10.75 -15.24
N ILE C 708 3.21 -11.41 -16.19
CA ILE C 708 1.75 -11.47 -16.12
C ILE C 708 1.31 -12.44 -15.03
N LYS C 709 2.14 -13.43 -14.71
CA LYS C 709 1.82 -14.30 -13.57
C LYS C 709 1.89 -13.55 -12.25
N VAL C 710 2.76 -12.54 -12.17
CA VAL C 710 2.85 -11.74 -10.95
C VAL C 710 1.74 -10.70 -10.88
N ALA C 711 1.57 -9.92 -11.95
CA ALA C 711 0.82 -8.68 -11.85
C ALA C 711 -0.68 -8.89 -11.64
N ALA C 712 -1.29 -9.75 -12.45
CA ALA C 712 -2.76 -9.79 -12.53
C ALA C 712 -3.45 -10.14 -11.22
N PRO C 713 -3.10 -11.24 -10.53
CA PRO C 713 -3.92 -11.66 -9.38
C PRO C 713 -4.04 -10.62 -8.28
N LYS C 714 -2.97 -9.86 -8.00
CA LYS C 714 -3.03 -8.88 -6.93
C LYS C 714 -4.06 -7.79 -7.22
N ALA C 715 -3.97 -7.20 -8.41
CA ALA C 715 -4.90 -6.13 -8.77
C ALA C 715 -6.33 -6.65 -8.89
N VAL C 716 -6.50 -7.87 -9.40
CA VAL C 716 -7.85 -8.41 -9.54
C VAL C 716 -8.45 -8.70 -8.17
N CYS C 717 -7.64 -9.21 -7.22
CA CYS C 717 -8.13 -9.42 -5.87
C CYS C 717 -8.49 -8.08 -5.20
N LYS C 718 -7.68 -7.05 -5.43
CA LYS C 718 -8.01 -5.73 -4.90
C LYS C 718 -9.33 -5.22 -5.46
N ILE C 719 -9.55 -5.41 -6.76
CA ILE C 719 -10.81 -4.97 -7.37
C ILE C 719 -11.98 -5.74 -6.78
N ALA C 720 -11.83 -7.05 -6.58
CA ALA C 720 -12.90 -7.84 -5.99
C ALA C 720 -13.20 -7.37 -4.57
N ASP C 721 -12.16 -7.07 -3.79
CA ASP C 721 -12.37 -6.57 -2.43
C ASP C 721 -13.11 -5.24 -2.44
N TRP C 722 -12.72 -4.33 -3.35
CA TRP C 722 -13.43 -3.06 -3.43
C TRP C 722 -14.88 -3.25 -3.83
N ALA C 723 -15.14 -4.17 -4.75
CA ALA C 723 -16.52 -4.43 -5.18
C ALA C 723 -17.35 -4.96 -4.02
N ILE C 724 -16.83 -5.95 -3.29
CA ILE C 724 -17.61 -6.52 -2.20
C ILE C 724 -17.76 -5.51 -1.07
N GLN C 725 -16.81 -4.57 -0.93
CA GLN C 725 -16.97 -3.52 0.05
C GLN C 725 -18.07 -2.55 -0.36
N VAL C 726 -18.11 -2.16 -1.64
CA VAL C 726 -19.15 -1.26 -2.13
C VAL C 726 -20.52 -1.91 -1.96
N HIS C 727 -20.63 -3.21 -2.23
CA HIS C 727 -21.90 -3.90 -2.06
C HIS C 727 -22.37 -3.89 -0.62
N GLY C 728 -21.47 -3.71 0.35
CA GLY C 728 -21.84 -3.65 1.75
C GLY C 728 -22.18 -5.00 2.33
N TYR C 736 -26.39 -12.81 -5.57
CA TYR C 736 -25.49 -11.96 -6.35
C TYR C 736 -24.35 -12.78 -6.93
N PRO C 737 -24.11 -12.63 -8.24
CA PRO C 737 -23.00 -13.38 -8.87
C PRO C 737 -21.64 -12.98 -8.37
N LEU C 738 -21.50 -11.83 -7.71
CA LEU C 738 -20.19 -11.38 -7.25
C LEU C 738 -19.56 -12.35 -6.27
N ALA C 739 -20.38 -13.16 -5.57
CA ALA C 739 -19.83 -14.17 -4.66
C ALA C 739 -19.00 -15.19 -5.43
N ASN C 740 -19.52 -15.69 -6.55
CA ASN C 740 -18.79 -16.65 -7.35
C ASN C 740 -17.51 -16.04 -7.91
N MET C 741 -17.59 -14.79 -8.36
CA MET C 741 -16.40 -14.12 -8.89
C MET C 741 -15.33 -13.96 -7.82
N TYR C 742 -15.73 -13.57 -6.61
CA TYR C 742 -14.75 -13.46 -5.53
C TYR C 742 -14.17 -14.82 -5.17
N ALA C 743 -15.01 -15.87 -5.17
CA ALA C 743 -14.51 -17.21 -4.89
C ALA C 743 -13.45 -17.61 -5.91
N ILE C 744 -13.73 -17.39 -7.20
CA ILE C 744 -12.78 -17.75 -8.24
C ILE C 744 -11.50 -16.93 -8.12
N ILE C 745 -11.63 -15.62 -7.88
CA ILE C 745 -10.46 -14.75 -7.81
C ILE C 745 -9.58 -15.12 -6.61
N ARG C 746 -10.21 -15.51 -5.50
CA ARG C 746 -9.43 -15.91 -4.33
C ARG C 746 -8.78 -17.27 -4.53
N THR C 747 -9.50 -18.21 -5.14
CA THR C 747 -8.92 -19.53 -5.41
C THR C 747 -7.73 -19.41 -6.35
N LEU C 748 -7.84 -18.58 -7.38
CA LEU C 748 -6.75 -18.40 -8.34
C LEU C 748 -5.57 -17.63 -7.75
N ARG C 749 -5.72 -17.03 -6.58
CA ARG C 749 -4.63 -16.30 -5.95
C ARG C 749 -3.58 -17.26 -5.40
N GLU C 756 5.62 -16.11 -3.97
CA GLU C 756 6.47 -15.01 -4.41
C GLU C 756 7.85 -15.50 -4.85
N VAL C 757 7.87 -16.46 -5.77
CA VAL C 757 9.12 -16.96 -6.34
C VAL C 757 9.29 -16.35 -7.73
N HIS C 758 8.17 -15.99 -8.35
CA HIS C 758 8.21 -15.40 -9.68
C HIS C 758 8.91 -14.05 -9.66
N LEU C 759 8.80 -13.31 -8.56
CA LEU C 759 9.54 -12.05 -8.44
C LEU C 759 11.05 -12.30 -8.45
N SER C 760 11.49 -13.34 -7.74
CA SER C 760 12.91 -13.68 -7.76
C SER C 760 13.35 -14.11 -9.16
N ALA C 761 12.52 -14.89 -9.85
CA ALA C 761 12.85 -15.29 -11.21
C ALA C 761 12.98 -14.08 -12.13
N ILE C 762 12.03 -13.14 -12.03
CA ILE C 762 12.07 -11.94 -12.86
C ILE C 762 13.31 -11.11 -12.54
N ALA C 763 13.66 -11.03 -11.26
CA ALA C 763 14.87 -10.30 -10.89
C ALA C 763 16.11 -10.93 -11.49
N LYS C 764 16.18 -12.27 -11.46
CA LYS C 764 17.32 -12.96 -12.06
C LYS C 764 17.41 -12.69 -13.55
N MET C 765 16.27 -12.78 -14.26
CA MET C 765 16.28 -12.52 -15.69
C MET C 765 16.65 -11.08 -16.00
N GLU C 766 16.16 -10.13 -15.20
CA GLU C 766 16.48 -8.73 -15.42
C GLU C 766 17.97 -8.47 -15.20
N LEU C 767 18.54 -9.08 -14.15
CA LEU C 767 19.97 -8.92 -13.91
C LEU C 767 20.79 -9.51 -15.05
N GLN C 768 20.38 -10.68 -15.55
CA GLN C 768 21.08 -11.27 -16.68
C GLN C 768 20.98 -10.37 -17.92
N ASP C 769 19.81 -9.79 -18.16
CA ASP C 769 19.65 -8.90 -19.31
C ASP C 769 20.53 -7.66 -19.18
N GLN C 770 20.58 -7.07 -17.98
CA GLN C 770 21.42 -5.90 -17.77
C GLN C 770 22.90 -6.25 -17.95
N ALA C 771 23.30 -7.42 -17.46
CA ALA C 771 24.68 -7.85 -17.66
C ALA C 771 25.00 -8.05 -19.13
N ARG C 772 24.07 -8.64 -19.88
CA ARG C 772 24.29 -8.86 -21.31
C ARG C 772 24.37 -7.55 -22.07
N ARG C 773 23.52 -6.58 -21.73
CA ARG C 773 23.48 -5.33 -22.48
C ARG C 773 24.79 -4.57 -22.36
N LEU C 774 25.39 -4.57 -21.16
CA LEU C 774 26.66 -3.90 -20.94
C LEU C 774 27.81 -4.67 -21.59
N PRO D 53 -27.83 -2.88 83.34
CA PRO D 53 -27.74 -1.45 82.98
C PRO D 53 -26.57 -1.16 82.05
N THR D 54 -26.81 -1.23 80.74
CA THR D 54 -25.76 -0.98 79.76
C THR D 54 -26.20 -0.10 78.61
N PHE D 55 -27.45 0.37 78.59
CA PHE D 55 -27.94 1.16 77.47
C PHE D 55 -27.31 2.56 77.48
N PHE D 56 -27.64 3.33 76.45
CA PHE D 56 -27.10 4.67 76.31
C PHE D 56 -27.62 5.59 77.42
N LEU D 57 -26.82 6.60 77.74
CA LEU D 57 -27.18 7.56 78.78
C LEU D 57 -26.68 8.94 78.37
N GLN D 58 -27.28 9.96 78.96
CA GLN D 58 -26.92 11.35 78.67
C GLN D 58 -26.89 12.18 79.96
N VAL D 65 -22.35 6.33 78.05
CA VAL D 65 -22.48 4.91 78.31
C VAL D 65 -23.07 4.69 79.70
N LEU D 66 -23.13 3.43 80.12
CA LEU D 66 -23.70 3.07 81.40
C LEU D 66 -22.70 2.18 82.15
N ARG D 67 -23.15 1.60 83.26
CA ARG D 67 -22.28 0.74 84.06
C ARG D 67 -21.86 -0.50 83.27
N LYS D 68 -22.79 -1.09 82.53
CA LYS D 68 -22.52 -2.30 81.74
C LYS D 68 -21.98 -3.43 82.58
N LYS D 80 -23.95 -12.40 78.44
CA LYS D 80 -23.24 -12.39 79.71
C LYS D 80 -22.46 -11.08 79.89
N ILE D 81 -23.12 -10.08 80.47
CA ILE D 81 -22.48 -8.79 80.71
C ILE D 81 -21.38 -8.89 81.74
N ASP D 82 -21.42 -9.91 82.61
CA ASP D 82 -20.37 -10.08 83.62
C ASP D 82 -19.01 -10.33 82.97
N ARG D 83 -18.99 -11.15 81.91
CA ARG D 83 -17.73 -11.41 81.22
C ARG D 83 -17.17 -10.14 80.58
N GLU D 84 -18.03 -9.33 79.96
CA GLU D 84 -17.58 -8.09 79.37
C GLU D 84 -17.07 -7.12 80.43
N PHE D 85 -17.77 -7.03 81.56
CA PHE D 85 -17.31 -6.16 82.64
C PHE D 85 -15.97 -6.62 83.19
N LYS D 86 -15.79 -7.92 83.34
CA LYS D 86 -14.51 -8.45 83.82
C LYS D 86 -13.40 -8.16 82.81
N ILE D 87 -13.69 -8.30 81.52
CA ILE D 87 -12.69 -8.02 80.49
C ILE D 87 -12.31 -6.54 80.53
N GLN D 88 -13.29 -5.65 80.68
CA GLN D 88 -12.99 -4.23 80.76
C GLN D 88 -12.17 -3.90 81.99
N LYS D 89 -12.51 -4.50 83.13
CA LYS D 89 -11.75 -4.25 84.36
C LYS D 89 -10.32 -4.75 84.22
N ALA D 90 -10.12 -5.92 83.62
CA ALA D 90 -8.77 -6.45 83.42
C ALA D 90 -7.98 -5.57 82.46
N LEU D 91 -8.62 -5.10 81.38
CA LEU D 91 -7.94 -4.23 80.44
C LEU D 91 -7.53 -2.92 81.09
N PHE D 92 -8.40 -2.38 81.95
CA PHE D 92 -8.05 -1.16 82.68
C PHE D 92 -6.88 -1.39 83.62
N SER D 93 -6.65 -2.63 84.03
CA SER D 93 -5.52 -2.96 84.91
C SER D 93 -4.33 -3.45 84.10
N VAL D 117 -18.21 -0.01 83.86
CA VAL D 117 -18.57 1.32 84.32
C VAL D 117 -17.95 2.37 83.42
N MET D 118 -17.66 1.98 82.19
CA MET D 118 -17.05 2.91 81.23
C MET D 118 -18.01 4.05 80.92
N GLU D 119 -17.45 5.25 80.77
CA GLU D 119 -18.23 6.44 80.46
C GLU D 119 -18.29 6.64 78.94
N HIS D 120 -18.80 7.79 78.52
CA HIS D 120 -18.90 8.08 77.09
C HIS D 120 -17.52 8.36 76.50
N VAL D 121 -17.37 8.06 75.21
CA VAL D 121 -16.13 8.27 74.48
C VAL D 121 -16.39 9.30 73.39
N GLN D 122 -15.62 10.38 73.39
CA GLN D 122 -15.76 11.44 72.40
C GLN D 122 -14.83 11.15 71.23
N GLY D 123 -15.32 10.30 70.32
CA GLY D 123 -14.54 9.93 69.16
C GLY D 123 -15.44 9.55 68.00
N ARG D 124 -14.82 9.38 66.84
CA ARG D 124 -15.53 9.03 65.62
C ARG D 124 -15.71 7.53 65.51
N ILE D 125 -16.65 7.12 64.67
CA ILE D 125 -16.89 5.71 64.36
C ILE D 125 -17.21 5.63 62.87
N PHE D 126 -16.26 5.15 62.08
CA PHE D 126 -16.43 5.06 60.63
C PHE D 126 -17.40 3.93 60.33
N ARG D 127 -18.64 4.29 60.01
CA ARG D 127 -19.63 3.29 59.62
C ARG D 127 -19.24 2.65 58.29
N ASP D 128 -18.96 3.47 57.29
CA ASP D 128 -18.47 2.97 56.00
C ASP D 128 -17.00 2.57 56.15
N PHE D 129 -16.68 1.37 55.67
CA PHE D 129 -15.33 0.85 55.83
C PHE D 129 -14.35 1.35 54.78
N SER D 130 -14.82 2.12 53.80
CA SER D 130 -13.93 2.71 52.81
C SER D 130 -13.27 3.99 53.31
N ILE D 131 -13.75 4.56 54.41
CA ILE D 131 -13.20 5.79 54.99
C ILE D 131 -13.14 6.88 53.92
N PRO D 132 -14.27 7.43 53.50
CA PRO D 132 -14.25 8.43 52.42
C PRO D 132 -14.07 9.87 52.88
N GLY D 133 -14.06 10.13 54.18
CA GLY D 133 -13.96 11.47 54.70
C GLY D 133 -12.56 11.98 54.97
N VAL D 134 -11.52 11.23 54.57
CA VAL D 134 -10.14 11.61 54.85
C VAL D 134 -9.32 11.43 53.57
N SER D 135 -8.05 11.83 53.64
CA SER D 135 -7.14 11.74 52.52
C SER D 135 -6.58 10.31 52.43
N SER D 136 -5.58 10.12 51.59
CA SER D 136 -4.98 8.80 51.41
C SER D 136 -4.06 8.46 52.57
N ALA D 137 -3.16 9.37 52.92
CA ALA D 137 -2.24 9.14 54.03
C ALA D 137 -3.00 8.92 55.33
N GLU D 138 -4.09 9.67 55.53
CA GLU D 138 -4.90 9.48 56.73
C GLU D 138 -5.52 8.09 56.77
N ARG D 139 -5.99 7.60 55.62
CA ARG D 139 -6.56 6.26 55.55
C ARG D 139 -5.51 5.20 55.88
N ALA D 140 -4.32 5.35 55.30
CA ALA D 140 -3.26 4.40 55.58
C ALA D 140 -2.87 4.42 57.05
N ALA D 141 -2.80 5.61 57.65
CA ALA D 141 -2.48 5.71 59.06
C ALA D 141 -3.56 5.07 59.92
N ILE D 142 -4.83 5.25 59.55
CA ILE D 142 -5.92 4.65 60.30
C ILE D 142 -5.82 3.13 60.28
N TYR D 143 -5.56 2.56 59.09
CA TYR D 143 -5.51 1.11 59.00
C TYR D 143 -4.25 0.55 59.68
N VAL D 144 -3.14 1.28 59.60
CA VAL D 144 -1.95 0.87 60.35
C VAL D 144 -2.23 0.89 61.84
N SER D 145 -2.95 1.91 62.32
CA SER D 145 -3.24 2.02 63.74
C SER D 145 -4.16 0.90 64.21
N VAL D 146 -5.17 0.53 63.41
CA VAL D 146 -6.03 -0.57 63.83
C VAL D 146 -5.25 -1.89 63.81
N ALA D 147 -4.35 -2.06 62.83
CA ALA D 147 -3.52 -3.27 62.81
C ALA D 147 -2.66 -3.36 64.07
N GLU D 148 -2.01 -2.26 64.46
CA GLU D 148 -1.15 -2.32 65.63
C GLU D 148 -1.92 -2.41 66.94
N THR D 149 -3.13 -1.83 67.02
CA THR D 149 -3.88 -2.03 68.25
C THR D 149 -4.38 -3.47 68.35
N LEU D 150 -4.73 -4.10 67.23
CA LEU D 150 -5.04 -5.52 67.24
C LEU D 150 -3.85 -6.34 67.72
N ALA D 151 -2.66 -6.03 67.18
CA ALA D 151 -1.46 -6.76 67.57
C ALA D 151 -1.15 -6.57 69.05
N TRP D 152 -1.28 -5.34 69.54
CA TRP D 152 -0.97 -5.07 70.95
C TRP D 152 -1.97 -5.74 71.87
N LEU D 153 -3.24 -5.80 71.48
CA LEU D 153 -4.25 -6.45 72.31
C LEU D 153 -4.22 -7.97 72.19
N HIS D 154 -3.60 -8.51 71.16
CA HIS D 154 -3.51 -9.96 71.01
C HIS D 154 -2.22 -10.52 71.62
N SER D 155 -1.07 -10.03 71.17
CA SER D 155 0.21 -10.59 71.61
C SER D 155 0.47 -10.37 73.09
N LEU D 156 -0.22 -9.41 73.72
CA LEU D 156 -0.03 -9.16 75.14
C LEU D 156 -1.11 -9.86 75.97
N GLY D 171 -7.16 -25.85 71.69
CA GLY D 171 -7.56 -25.78 70.30
C GLY D 171 -9.05 -26.05 70.10
N TYR D 172 -9.88 -25.22 70.72
CA TYR D 172 -11.33 -25.35 70.65
C TYR D 172 -11.93 -24.64 69.45
N CYS D 173 -11.13 -24.35 68.42
CA CYS D 173 -11.66 -23.71 67.23
C CYS D 173 -12.69 -24.60 66.54
N LYS D 174 -12.43 -25.91 66.48
CA LYS D 174 -13.42 -26.82 65.93
C LYS D 174 -14.68 -26.83 66.79
N ARG D 175 -14.53 -26.71 68.10
CA ARG D 175 -15.70 -26.63 68.98
C ARG D 175 -16.51 -25.38 68.69
N GLN D 176 -15.84 -24.25 68.47
CA GLN D 176 -16.55 -23.02 68.13
C GLN D 176 -17.25 -23.15 66.79
N VAL D 177 -16.60 -23.80 65.82
CA VAL D 177 -17.22 -24.00 64.52
C VAL D 177 -18.47 -24.87 64.65
N SER D 178 -18.39 -25.94 65.44
CA SER D 178 -19.54 -26.80 65.65
C SER D 178 -20.68 -26.06 66.35
N THR D 179 -20.34 -25.24 67.35
CA THR D 179 -21.36 -24.47 68.05
C THR D 179 -22.05 -23.48 67.11
N TRP D 180 -21.26 -22.79 66.27
CA TRP D 180 -21.84 -21.86 65.32
C TRP D 180 -22.70 -22.58 64.30
N THR D 181 -22.27 -23.76 63.85
CA THR D 181 -23.08 -24.54 62.91
C THR D 181 -24.40 -24.96 63.54
N LYS D 182 -24.36 -25.40 64.80
CA LYS D 182 -25.59 -25.78 65.49
C LYS D 182 -26.52 -24.59 65.64
N GLN D 183 -25.97 -23.43 66.02
CA GLN D 183 -26.80 -22.24 66.18
C GLN D 183 -27.43 -21.83 64.86
N TYR D 184 -26.64 -21.84 63.78
CA TYR D 184 -27.17 -21.47 62.47
C TYR D 184 -28.24 -22.44 62.00
N GLN D 185 -28.02 -23.74 62.20
CA GLN D 185 -29.00 -24.73 61.77
C GLN D 185 -30.29 -24.63 62.58
N ALA D 186 -30.18 -24.38 63.89
CA ALA D 186 -31.38 -24.26 64.71
C ALA D 186 -32.14 -22.98 64.41
N SER D 187 -31.41 -21.88 64.16
CA SER D 187 -32.03 -20.59 63.90
C SER D 187 -32.42 -20.39 62.45
N ALA D 188 -32.11 -21.34 61.57
CA ALA D 188 -32.44 -21.19 60.16
C ALA D 188 -33.96 -21.22 59.97
N HIS D 189 -34.44 -20.42 59.02
CA HIS D 189 -35.86 -20.33 58.73
C HIS D 189 -36.20 -20.62 57.27
N GLN D 190 -35.22 -20.68 56.37
CA GLN D 190 -35.46 -20.94 54.96
C GLN D 190 -34.46 -21.97 54.47
N SER D 191 -34.82 -22.65 53.38
CA SER D 191 -33.95 -23.66 52.80
C SER D 191 -32.67 -23.02 52.28
N ILE D 192 -31.54 -23.65 52.58
CA ILE D 192 -30.24 -23.14 52.17
C ILE D 192 -29.28 -24.31 51.96
N PRO D 193 -29.32 -24.98 50.81
CA PRO D 193 -28.34 -26.05 50.55
C PRO D 193 -26.91 -25.55 50.55
N ALA D 194 -26.69 -24.28 50.18
CA ALA D 194 -25.34 -23.74 50.17
C ALA D 194 -24.75 -23.71 51.58
N MET D 195 -25.56 -23.38 52.58
CA MET D 195 -25.08 -23.36 53.96
C MET D 195 -24.66 -24.75 54.40
N ASP D 196 -25.46 -25.77 54.10
CA ASP D 196 -25.11 -27.14 54.47
C ASP D 196 -23.86 -27.59 53.74
N GLN D 197 -23.73 -27.27 52.46
CA GLN D 197 -22.53 -27.64 51.71
C GLN D 197 -21.29 -26.97 52.28
N LEU D 198 -21.40 -25.68 52.63
CA LEU D 198 -20.26 -24.98 53.21
C LEU D 198 -19.88 -25.56 54.57
N SER D 199 -20.89 -25.89 55.38
CA SER D 199 -20.60 -26.51 56.68
C SER D 199 -19.91 -27.86 56.53
N THR D 200 -20.39 -28.67 55.58
CA THR D 200 -19.76 -29.96 55.34
C THR D 200 -18.33 -29.80 54.84
N TRP D 201 -18.10 -28.83 53.95
CA TRP D 201 -16.75 -28.60 53.44
C TRP D 201 -15.82 -28.11 54.54
N LEU D 202 -16.32 -27.23 55.43
CA LEU D 202 -15.49 -26.71 56.51
C LEU D 202 -15.21 -27.77 57.56
N MET D 203 -16.16 -28.69 57.80
CA MET D 203 -15.93 -29.75 58.76
C MET D 203 -14.78 -30.66 58.37
N LYS D 204 -14.41 -30.70 57.09
CA LYS D 204 -13.28 -31.50 56.63
C LYS D 204 -11.94 -30.78 56.78
N ASN D 205 -11.94 -29.55 57.26
CA ASN D 205 -10.72 -28.79 57.46
C ASN D 205 -10.48 -28.59 58.96
N LEU D 206 -9.24 -28.76 59.38
CA LEU D 206 -8.84 -28.66 60.77
C LEU D 206 -7.60 -27.79 60.88
N PRO D 207 -7.35 -27.20 62.07
CA PRO D 207 -6.19 -26.34 62.32
C PRO D 207 -5.20 -26.97 63.30
N CYS D 214 -6.93 -17.59 71.81
CA CYS D 214 -6.53 -16.69 72.87
C CYS D 214 -7.69 -15.77 73.26
N LEU D 215 -7.37 -14.55 73.65
CA LEU D 215 -8.37 -13.55 74.01
C LEU D 215 -8.66 -12.70 72.77
N VAL D 216 -9.77 -13.00 72.11
CA VAL D 216 -10.15 -12.31 70.88
C VAL D 216 -11.33 -11.39 71.18
N HIS D 217 -11.65 -10.54 70.20
CA HIS D 217 -12.77 -9.62 70.31
C HIS D 217 -14.01 -10.11 69.60
N GLY D 218 -13.94 -11.26 68.92
CA GLY D 218 -15.10 -11.85 68.29
C GLY D 218 -15.56 -11.16 67.03
N ASP D 219 -15.90 -9.88 67.13
CA ASP D 219 -16.42 -9.09 66.02
C ASP D 219 -15.59 -7.84 65.82
N PHE D 220 -14.27 -8.01 65.76
CA PHE D 220 -13.36 -6.88 65.57
C PHE D 220 -13.50 -6.37 64.15
N LYS D 221 -14.20 -5.25 64.00
CA LYS D 221 -14.37 -4.58 62.72
C LYS D 221 -13.93 -3.13 62.85
N LEU D 222 -13.90 -2.43 61.73
CA LEU D 222 -13.64 -0.99 61.76
C LEU D 222 -14.80 -0.20 62.33
N ASP D 223 -15.97 -0.82 62.51
CA ASP D 223 -17.14 -0.14 63.04
C ASP D 223 -17.27 -0.25 64.55
N ASN D 224 -16.33 -0.90 65.22
CA ASN D 224 -16.36 -1.06 66.68
C ASN D 224 -15.11 -0.46 67.31
N ILE D 225 -14.62 0.65 66.74
CA ILE D 225 -13.45 1.34 67.25
C ILE D 225 -13.74 2.84 67.22
N VAL D 226 -13.43 3.52 68.32
CA VAL D 226 -13.60 4.96 68.44
C VAL D 226 -12.23 5.61 68.47
N PHE D 227 -11.95 6.45 67.48
CA PHE D 227 -10.66 7.09 67.35
C PHE D 227 -10.61 8.36 68.20
N HIS D 228 -9.54 9.14 68.04
CA HIS D 228 -9.46 10.43 68.69
C HIS D 228 -10.23 11.47 67.89
N PRO D 229 -10.80 12.48 68.54
CA PRO D 229 -11.61 13.47 67.81
C PRO D 229 -10.83 14.23 66.76
N LYS D 230 -9.55 14.51 66.98
CA LYS D 230 -8.75 15.28 66.05
C LYS D 230 -7.53 14.51 65.52
N GLU D 231 -7.26 13.31 66.01
CA GLU D 231 -6.13 12.52 65.59
C GLU D 231 -6.59 11.12 65.22
N CYS D 232 -5.82 10.47 64.34
CA CYS D 232 -6.16 9.13 63.89
C CYS D 232 -5.39 8.09 64.71
N ARG D 233 -5.88 7.88 65.93
CA ARG D 233 -5.34 6.86 66.82
C ARG D 233 -6.50 6.24 67.59
N VAL D 234 -6.34 4.97 67.95
CA VAL D 234 -7.40 4.25 68.63
C VAL D 234 -7.46 4.68 70.08
N ILE D 235 -8.66 5.05 70.54
CA ILE D 235 -8.88 5.45 71.92
C ILE D 235 -9.49 4.32 72.74
N ALA D 236 -10.51 3.66 72.21
CA ALA D 236 -11.16 2.57 72.92
C ALA D 236 -11.75 1.59 71.91
N VAL D 237 -12.00 0.37 72.38
CA VAL D 237 -12.62 -0.69 71.59
C VAL D 237 -13.82 -1.22 72.37
N LEU D 238 -14.95 -1.36 71.70
CA LEU D 238 -16.21 -1.73 72.33
C LEU D 238 -16.76 -3.01 71.72
N ASP D 239 -17.94 -3.41 72.21
CA ASP D 239 -18.69 -4.56 71.69
C ASP D 239 -17.89 -5.86 71.82
N TRP D 240 -17.46 -6.14 73.05
CA TRP D 240 -16.77 -7.38 73.36
C TRP D 240 -17.76 -8.39 73.95
N GLU D 241 -18.68 -8.82 73.09
CA GLU D 241 -19.76 -9.71 73.50
C GLU D 241 -19.37 -11.19 73.36
N LEU D 242 -19.04 -11.60 72.13
CA LEU D 242 -18.69 -13.00 71.86
C LEU D 242 -17.17 -13.13 71.86
N SER D 243 -16.61 -13.14 73.07
CA SER D 243 -15.16 -13.24 73.28
C SER D 243 -14.86 -14.54 74.00
N THR D 244 -13.99 -15.35 73.41
CA THR D 244 -13.61 -16.63 74.01
C THR D 244 -12.26 -17.10 73.47
N HIS D 247 -7.98 -19.21 69.38
CA HIS D 247 -7.30 -19.09 68.10
C HIS D 247 -6.83 -17.66 67.86
N PRO D 248 -5.53 -17.49 67.65
CA PRO D 248 -4.97 -16.14 67.42
C PRO D 248 -5.01 -15.66 65.98
N LEU D 249 -5.68 -16.38 65.08
CA LEU D 249 -5.75 -15.98 63.68
C LEU D 249 -7.16 -15.85 63.13
N THR D 250 -8.17 -16.38 63.84
CA THR D 250 -9.54 -16.28 63.35
C THR D 250 -10.03 -14.83 63.35
N ASP D 251 -9.67 -14.07 64.38
CA ASP D 251 -10.10 -12.67 64.44
C ASP D 251 -9.52 -11.86 63.30
N LEU D 252 -8.27 -12.13 62.92
CA LEU D 252 -7.66 -11.44 61.80
C LEU D 252 -8.38 -11.75 60.50
N ALA D 253 -8.76 -13.01 60.31
CA ALA D 253 -9.53 -13.37 59.11
C ALA D 253 -10.90 -12.69 59.11
N HIS D 254 -11.55 -12.61 60.27
CA HIS D 254 -12.84 -11.93 60.35
C HIS D 254 -12.69 -10.45 60.01
N LEU D 255 -11.59 -9.83 60.46
CA LEU D 255 -11.36 -8.44 60.14
C LEU D 255 -11.10 -8.24 58.64
N SER D 256 -10.31 -9.13 58.05
CA SER D 256 -9.85 -8.93 56.67
C SER D 256 -10.78 -9.51 55.62
N LEU D 257 -11.84 -10.23 56.02
CA LEU D 257 -12.73 -10.81 55.02
C LEU D 257 -13.46 -9.76 54.20
N PHE D 258 -13.56 -8.52 54.69
CA PHE D 258 -14.32 -7.49 53.99
C PHE D 258 -13.74 -7.15 52.63
N TYR D 259 -12.48 -7.50 52.37
CA TYR D 259 -11.92 -7.31 51.03
C TYR D 259 -12.64 -8.17 50.00
N TYR D 260 -13.08 -9.37 50.39
CA TYR D 260 -13.79 -10.27 49.49
C TYR D 260 -15.30 -10.18 49.65
N TRP D 261 -15.82 -9.01 49.98
CA TRP D 261 -17.27 -8.84 49.99
C TRP D 261 -17.80 -9.00 48.58
N PRO D 262 -18.82 -9.85 48.36
CA PRO D 262 -19.24 -10.17 47.00
C PRO D 262 -19.66 -8.93 46.22
N ARG D 263 -19.29 -8.91 44.95
CA ARG D 263 -19.63 -7.77 44.09
C ARG D 263 -21.13 -7.65 43.85
N THR D 264 -21.88 -8.73 44.06
CA THR D 264 -23.33 -8.70 43.89
C THR D 264 -24.05 -8.29 45.16
N LEU D 265 -23.63 -8.79 46.31
CA LEU D 265 -24.27 -8.45 47.56
C LEU D 265 -23.92 -7.03 47.96
N PRO D 266 -24.90 -6.19 48.31
CA PRO D 266 -24.57 -4.84 48.80
C PRO D 266 -23.79 -4.90 50.10
N MET D 267 -22.91 -3.92 50.29
CA MET D 267 -22.07 -3.89 51.47
C MET D 267 -22.90 -3.62 52.72
N ILE D 268 -22.38 -4.10 53.86
CA ILE D 268 -23.07 -3.96 55.14
C ILE D 268 -22.73 -2.62 55.77
N ASN D 269 -23.54 -2.21 56.75
CA ASN D 269 -23.35 -0.96 57.49
C ASN D 269 -23.45 0.26 56.58
N ARG D 270 -24.11 0.11 55.45
CA ARG D 270 -24.36 1.21 54.51
C ARG D 270 -23.06 1.89 54.11
N GLY D 271 -22.17 1.11 53.48
CA GLY D 271 -20.89 1.61 53.05
C GLY D 271 -20.58 1.18 51.63
N SER D 272 -19.51 1.76 51.08
CA SER D 272 -19.05 1.42 49.75
C SER D 272 -18.00 0.32 49.82
N HIS D 273 -17.85 -0.41 48.72
CA HIS D 273 -16.84 -1.46 48.66
C HIS D 273 -15.44 -0.87 48.75
N ILE D 274 -14.51 -1.65 49.27
CA ILE D 274 -13.15 -1.19 49.52
C ILE D 274 -12.48 -0.78 48.21
N PRO D 275 -12.03 0.46 48.08
CA PRO D 275 -11.38 0.88 46.83
C PRO D 275 -9.94 0.38 46.76
N GLU D 276 -9.40 0.41 45.54
CA GLU D 276 -8.02 0.05 45.28
C GLU D 276 -7.26 1.24 44.72
N ASN D 277 -5.97 1.30 45.04
CA ASN D 277 -5.10 2.40 44.62
C ASN D 277 -5.65 3.74 45.09
N THR D 278 -6.20 3.74 46.30
CA THR D 278 -6.71 4.95 46.92
C THR D 278 -5.91 5.37 48.15
N GLY D 279 -5.36 4.43 48.90
CA GLY D 279 -4.64 4.73 50.12
C GLY D 279 -4.87 3.67 51.17
N ILE D 280 -5.81 2.77 50.90
CA ILE D 280 -6.11 1.66 51.78
C ILE D 280 -5.04 0.58 51.58
N PRO D 281 -4.62 -0.12 52.63
CA PRO D 281 -3.63 -1.18 52.44
C PRO D 281 -4.26 -2.41 51.82
N LEU D 282 -3.52 -3.05 50.91
CA LEU D 282 -3.96 -4.31 50.34
C LEU D 282 -3.92 -5.39 51.40
N MET D 283 -4.64 -6.49 51.14
CA MET D 283 -4.78 -7.54 52.14
C MET D 283 -3.42 -8.11 52.54
N GLU D 284 -2.57 -8.40 51.56
CA GLU D 284 -1.24 -8.91 51.88
C GLU D 284 -0.43 -7.87 52.66
N GLU D 285 -0.59 -6.59 52.33
CA GLU D 285 0.16 -5.56 53.02
C GLU D 285 -0.25 -5.48 54.49
N LEU D 286 -1.57 -5.50 54.75
CA LEU D 286 -2.07 -5.49 56.12
C LEU D 286 -1.64 -6.76 56.87
N ILE D 287 -1.66 -7.90 56.18
CA ILE D 287 -1.23 -9.16 56.80
C ILE D 287 0.22 -9.05 57.22
N SER D 288 1.08 -8.51 56.35
CA SER D 288 2.49 -8.35 56.68
C SER D 288 2.67 -7.39 57.84
N ILE D 289 1.90 -6.29 57.87
CA ILE D 289 1.99 -5.34 58.97
C ILE D 289 1.68 -6.03 60.29
N TYR D 290 0.56 -6.76 60.35
CA TYR D 290 0.17 -7.41 61.59
C TYR D 290 1.18 -8.47 61.99
N CYS D 291 1.66 -9.26 61.03
CA CYS D 291 2.60 -10.33 61.35
C CYS D 291 3.91 -9.76 61.88
N HIS D 292 4.48 -8.76 61.18
CA HIS D 292 5.72 -8.16 61.66
C HIS D 292 5.53 -7.45 62.99
N ARG D 293 4.31 -6.97 63.27
CA ARG D 293 4.04 -6.43 64.60
C ARG D 293 4.04 -7.55 65.64
N ARG D 294 3.52 -8.72 65.29
CA ARG D 294 3.49 -9.84 66.23
C ARG D 294 4.85 -10.53 66.31
N GLY D 295 5.30 -11.10 65.20
CA GLY D 295 6.57 -11.79 65.17
C GLY D 295 6.54 -13.08 64.37
N ILE D 296 5.34 -13.53 63.99
CA ILE D 296 5.18 -14.75 63.23
C ILE D 296 5.69 -14.56 61.81
N ASP D 297 5.86 -15.65 61.07
CA ASP D 297 6.31 -15.56 59.70
C ASP D 297 5.21 -14.98 58.81
N PRO D 298 5.57 -14.33 57.70
CA PRO D 298 4.54 -13.78 56.81
C PRO D 298 3.59 -14.81 56.26
N ASN D 299 4.06 -16.02 55.97
CA ASN D 299 3.20 -17.07 55.45
C ASN D 299 2.37 -17.67 56.58
N LEU D 300 1.12 -18.01 56.26
CA LEU D 300 0.20 -18.58 57.24
C LEU D 300 -0.42 -19.86 56.70
N PRO D 301 -0.72 -20.81 57.59
CA PRO D 301 -1.31 -22.09 57.15
C PRO D 301 -2.83 -22.11 57.28
N ASN D 302 -3.44 -22.97 56.46
CA ASN D 302 -4.88 -23.23 56.51
C ASN D 302 -5.69 -21.94 56.33
N TRP D 303 -5.26 -21.10 55.39
CA TRP D 303 -5.90 -19.80 55.21
C TRP D 303 -7.28 -19.95 54.58
N ASN D 304 -7.44 -20.93 53.69
CA ASN D 304 -8.75 -21.21 53.12
C ASN D 304 -9.75 -21.57 54.22
N PHE D 305 -9.30 -22.35 55.20
CA PHE D 305 -10.17 -22.67 56.34
C PHE D 305 -10.55 -21.42 57.11
N PHE D 306 -9.61 -20.49 57.27
CA PHE D 306 -9.90 -19.24 57.97
C PHE D 306 -10.97 -18.45 57.24
N MET D 307 -10.83 -18.30 55.92
CA MET D 307 -11.84 -17.59 55.13
C MET D 307 -13.20 -18.28 55.19
N ALA D 308 -13.21 -19.61 55.07
CA ALA D 308 -14.47 -20.33 55.12
C ALA D 308 -15.16 -20.13 56.47
N LEU D 309 -14.40 -20.25 57.55
CA LEU D 309 -14.97 -20.09 58.89
C LEU D 309 -15.48 -18.66 59.07
N SER D 310 -14.73 -17.67 58.60
CA SER D 310 -15.14 -16.28 58.76
C SER D 310 -16.44 -16.01 58.00
N PHE D 311 -16.51 -16.46 56.75
CA PHE D 311 -17.71 -16.23 55.96
C PHE D 311 -18.92 -16.96 56.54
N PHE D 312 -18.71 -18.19 57.01
CA PHE D 312 -19.81 -18.94 57.62
C PHE D 312 -20.30 -18.26 58.90
N LYS D 313 -19.36 -17.77 59.71
CA LYS D 313 -19.74 -17.06 60.93
C LYS D 313 -20.52 -15.79 60.61
N LEU D 314 -20.08 -15.05 59.59
CA LEU D 314 -20.79 -13.84 59.20
C LEU D 314 -22.19 -14.15 58.69
N ALA D 315 -22.32 -15.22 57.90
CA ALA D 315 -23.64 -15.63 57.42
C ALA D 315 -24.55 -16.03 58.58
N GLY D 316 -24.00 -16.76 59.55
CA GLY D 316 -24.79 -17.12 60.72
C GLY D 316 -25.23 -15.90 61.53
N ILE D 317 -24.33 -14.93 61.70
CA ILE D 317 -24.67 -13.71 62.43
C ILE D 317 -25.76 -12.95 61.70
N SER D 318 -25.66 -12.84 60.38
CA SER D 318 -26.69 -12.14 59.60
C SER D 318 -28.03 -12.86 59.70
N GLN D 319 -28.03 -14.20 59.62
CA GLN D 319 -29.27 -14.94 59.74
C GLN D 319 -29.88 -14.77 61.12
N GLY D 320 -29.06 -14.79 62.17
CA GLY D 320 -29.58 -14.57 63.51
C GLY D 320 -30.16 -13.18 63.69
N VAL D 321 -29.49 -12.17 63.13
CA VAL D 321 -30.00 -10.81 63.22
C VAL D 321 -31.34 -10.69 62.50
N TYR D 322 -31.45 -11.30 61.32
CA TYR D 322 -32.71 -11.26 60.58
C TYR D 322 -33.82 -11.97 61.34
N ARG D 323 -33.51 -13.12 61.94
CA ARG D 323 -34.51 -13.86 62.71
C ARG D 323 -34.96 -13.06 63.93
N ARG D 324 -34.01 -12.41 64.62
CA ARG D 324 -34.37 -11.59 65.77
C ARG D 324 -35.23 -10.41 65.36
N TYR D 325 -34.91 -9.79 64.21
CA TYR D 325 -35.72 -8.67 63.73
C TYR D 325 -37.11 -9.12 63.30
N LEU D 326 -37.23 -10.34 62.79
CA LEU D 326 -38.54 -10.84 62.39
C LEU D 326 -39.48 -10.97 63.59
N MET D 327 -38.96 -11.43 64.72
CA MET D 327 -39.77 -11.59 65.93
C MET D 327 -40.15 -10.23 66.51
N THR D 338 -30.59 -8.56 55.18
CA THR D 338 -29.94 -9.53 56.04
C THR D 338 -30.51 -10.93 55.82
N ALA D 339 -31.80 -10.99 55.48
CA ALA D 339 -32.45 -12.27 55.26
C ALA D 339 -31.97 -12.93 53.97
N ASN D 340 -31.78 -12.14 52.92
CA ASN D 340 -31.39 -12.66 51.61
C ASN D 340 -29.89 -12.66 51.38
N THR D 341 -29.09 -12.28 52.38
CA THR D 341 -27.65 -12.20 52.22
C THR D 341 -26.92 -13.49 52.60
N VAL D 342 -27.63 -14.48 53.16
CA VAL D 342 -26.96 -15.71 53.56
C VAL D 342 -26.52 -16.52 52.34
N GLN D 343 -27.36 -16.56 51.30
CA GLN D 343 -27.01 -17.32 50.10
C GLN D 343 -25.78 -16.77 49.39
N PRO D 344 -25.67 -15.47 49.09
CA PRO D 344 -24.43 -14.98 48.47
C PRO D 344 -23.20 -15.19 49.34
N LEU D 345 -23.34 -15.03 50.66
CA LEU D 345 -22.20 -15.25 51.54
C LEU D 345 -21.74 -16.70 51.50
N ALA D 346 -22.69 -17.64 51.56
CA ALA D 346 -22.32 -19.06 51.49
C ALA D 346 -21.72 -19.40 50.14
N GLU D 347 -22.27 -18.84 49.05
CA GLU D 347 -21.72 -19.11 47.73
C GLU D 347 -20.30 -18.59 47.61
N THR D 348 -20.02 -17.39 48.12
CA THR D 348 -18.68 -16.84 48.06
C THR D 348 -17.72 -17.62 48.94
N GLY D 349 -18.19 -18.07 50.11
CA GLY D 349 -17.36 -18.91 50.96
C GLY D 349 -16.99 -20.21 50.28
N LEU D 350 -17.95 -20.84 49.60
CA LEU D 350 -17.67 -22.05 48.84
C LEU D 350 -16.70 -21.76 47.71
N GLN D 351 -16.85 -20.62 47.05
CA GLN D 351 -15.98 -20.28 45.92
C GLN D 351 -14.54 -20.08 46.38
N LEU D 352 -14.33 -19.41 47.51
CA LEU D 352 -12.98 -19.20 48.01
C LEU D 352 -12.46 -20.37 48.84
N SER D 353 -13.32 -21.36 49.14
CA SER D 353 -12.86 -22.52 49.89
C SER D 353 -11.90 -23.39 49.08
N LYS D 354 -11.92 -23.29 47.75
CA LYS D 354 -11.06 -24.08 46.87
C LYS D 354 -10.20 -23.12 46.06
N ARG D 355 -9.08 -22.71 46.63
CA ARG D 355 -8.16 -21.79 45.98
C ARG D 355 -6.83 -21.84 46.73
N THR D 356 -5.91 -20.94 46.37
CA THR D 356 -4.60 -20.84 47.02
C THR D 356 -4.39 -19.37 47.41
N LEU D 357 -4.86 -19.01 48.60
CA LEU D 357 -4.71 -17.64 49.08
C LEU D 357 -3.35 -17.47 49.76
N ARG D 358 -2.47 -16.70 49.12
CA ARG D 358 -1.12 -16.48 49.62
C ARG D 358 -1.18 -15.41 50.71
N THR D 359 -1.05 -15.83 51.97
CA THR D 359 -1.05 -14.89 53.07
C THR D 359 0.13 -13.93 52.98
N THR D 360 1.30 -14.45 52.64
CA THR D 360 2.49 -13.61 52.57
C THR D 360 2.38 -12.63 51.40
N PRO D 361 3.08 -11.50 51.47
CA PRO D 361 2.99 -10.52 50.39
C PRO D 361 3.55 -11.08 49.11
N PRO D 362 2.98 -10.70 47.96
CA PRO D 362 3.41 -11.18 46.65
C PRO D 362 2.98 -10.25 45.51
N SER D 374 -5.32 -3.65 38.44
CA SER D 374 -5.81 -4.00 39.77
C SER D 374 -5.42 -5.43 40.13
N ARG D 375 -5.21 -5.67 41.42
CA ARG D 375 -4.83 -7.01 41.88
C ARG D 375 -5.94 -8.02 41.60
N ARG D 376 -7.20 -7.62 41.82
CA ARG D 376 -8.31 -8.51 41.53
C ARG D 376 -8.35 -8.87 40.05
N GLY D 377 -8.07 -7.90 39.18
CA GLY D 377 -8.00 -8.20 37.76
C GLY D 377 -6.91 -9.19 37.42
N GLN D 378 -5.73 -9.05 38.04
CA GLN D 378 -4.64 -9.98 37.79
C GLN D 378 -4.99 -11.38 38.27
N GLU D 379 -5.61 -11.50 39.45
CA GLU D 379 -6.01 -12.81 39.95
C GLU D 379 -7.04 -13.45 39.02
N VAL D 380 -8.03 -12.68 38.58
CA VAL D 380 -9.06 -13.22 37.69
C VAL D 380 -8.43 -13.65 36.37
N LEU D 381 -7.50 -12.85 35.84
CA LEU D 381 -6.85 -13.20 34.59
C LEU D 381 -6.02 -14.48 34.72
N THR D 382 -5.32 -14.63 35.85
CA THR D 382 -4.54 -15.84 36.08
C THR D 382 -5.45 -17.06 36.16
N ARG D 383 -6.58 -16.93 36.87
CA ARG D 383 -7.53 -18.04 36.95
C ARG D 383 -8.10 -18.36 35.58
N VAL D 384 -8.37 -17.33 34.78
CA VAL D 384 -8.90 -17.55 33.43
C VAL D 384 -7.89 -18.33 32.58
N LYS D 385 -6.62 -17.92 32.64
CA LYS D 385 -5.59 -18.60 31.86
C LYS D 385 -5.44 -20.05 32.29
N GLN D 386 -5.45 -20.29 33.61
CA GLN D 386 -5.32 -21.66 34.11
C GLN D 386 -6.50 -22.51 33.65
N PHE D 387 -7.72 -22.00 33.81
CA PHE D 387 -8.90 -22.75 33.39
C PHE D 387 -8.87 -23.03 31.90
N MET D 388 -8.51 -22.03 31.09
CA MET D 388 -8.39 -22.21 29.65
C MET D 388 -7.43 -23.33 29.32
N LYS D 389 -6.15 -23.16 29.71
CA LYS D 389 -5.12 -24.14 29.34
C LYS D 389 -5.38 -25.51 29.94
N GLN D 390 -6.19 -25.61 30.99
CA GLN D 390 -6.48 -26.91 31.58
C GLN D 390 -7.71 -27.57 30.99
N HIS D 391 -8.65 -26.82 30.44
CA HIS D 391 -9.87 -27.50 30.02
C HIS D 391 -10.25 -27.28 28.57
N VAL D 392 -10.11 -26.07 28.04
CA VAL D 392 -10.82 -25.75 26.80
C VAL D 392 -9.97 -25.97 25.55
N PHE D 393 -8.65 -25.81 25.65
CA PHE D 393 -7.81 -26.05 24.48
C PHE D 393 -7.83 -27.51 24.02
N PRO D 394 -7.77 -28.53 24.90
CA PRO D 394 -7.86 -29.91 24.39
C PRO D 394 -9.17 -30.23 23.69
N ALA D 395 -10.24 -29.50 23.97
CA ALA D 395 -11.53 -29.75 23.33
C ALA D 395 -11.66 -29.08 21.97
N GLU D 396 -10.64 -28.35 21.53
CA GLU D 396 -10.70 -27.66 20.25
C GLU D 396 -10.90 -28.62 19.09
N LYS D 397 -10.13 -29.71 19.09
CA LYS D 397 -10.23 -30.69 18.01
C LYS D 397 -11.60 -31.34 17.99
N GLU D 398 -12.12 -31.71 19.16
CA GLU D 398 -13.45 -32.34 19.22
C GLU D 398 -14.53 -31.39 18.73
N VAL D 399 -14.46 -30.12 19.15
CA VAL D 399 -15.48 -29.16 18.72
C VAL D 399 -15.39 -28.92 17.22
N ALA D 400 -14.17 -28.81 16.68
CA ALA D 400 -14.01 -28.59 15.24
C ALA D 400 -14.53 -29.79 14.46
N GLU D 401 -14.26 -31.00 14.93
CA GLU D 401 -14.78 -32.20 14.27
C GLU D 401 -16.30 -32.23 14.30
N TYR D 402 -16.90 -31.89 15.45
CA TYR D 402 -18.36 -31.86 15.54
C TYR D 402 -18.95 -30.77 14.66
N TYR D 403 -18.19 -29.71 14.39
CA TYR D 403 -18.70 -28.62 13.55
C TYR D 403 -19.01 -29.10 12.14
N ALA D 404 -18.13 -29.90 11.56
CA ALA D 404 -18.33 -30.41 10.21
C ALA D 404 -19.07 -31.73 10.22
N HIS D 415 -25.07 -26.68 19.66
CA HIS D 415 -23.93 -26.74 20.57
C HIS D 415 -23.77 -28.14 21.16
N PRO D 416 -22.57 -28.69 21.06
CA PRO D 416 -22.33 -30.03 21.60
C PRO D 416 -22.40 -30.04 23.13
N LEU D 417 -22.61 -31.24 23.67
CA LEU D 417 -22.69 -31.41 25.11
C LEU D 417 -21.37 -31.08 25.79
N VAL D 418 -20.25 -31.12 25.06
CA VAL D 418 -18.97 -30.71 25.63
C VAL D 418 -19.03 -29.25 26.06
N ILE D 419 -19.65 -28.40 25.24
CA ILE D 419 -19.78 -26.98 25.59
C ILE D 419 -20.66 -26.83 26.82
N GLU D 420 -21.71 -27.64 26.94
CA GLU D 420 -22.57 -27.58 28.12
C GLU D 420 -21.81 -27.98 29.37
N LYS D 421 -21.01 -29.05 29.30
CA LYS D 421 -20.22 -29.46 30.45
C LYS D 421 -19.20 -28.39 30.83
N LEU D 422 -18.54 -27.79 29.83
CA LEU D 422 -17.58 -26.73 30.11
C LEU D 422 -18.26 -25.52 30.72
N LYS D 423 -19.46 -25.19 30.24
CA LYS D 423 -20.22 -24.08 30.81
C LYS D 423 -20.58 -24.34 32.26
N GLU D 424 -21.01 -25.57 32.56
CA GLU D 424 -21.32 -25.91 33.95
C GLU D 424 -20.08 -25.82 34.83
N ILE D 425 -18.94 -26.31 34.32
CA ILE D 425 -17.70 -26.27 35.09
C ILE D 425 -17.28 -24.83 35.35
N ALA D 426 -17.39 -23.97 34.33
CA ALA D 426 -17.01 -22.58 34.49
C ALA D 426 -17.94 -21.85 35.45
N LYS D 427 -19.23 -22.14 35.39
CA LYS D 427 -20.17 -21.54 36.34
C LYS D 427 -19.87 -21.98 37.76
N ALA D 428 -19.54 -23.27 37.95
CA ALA D 428 -19.21 -23.76 39.28
C ALA D 428 -17.92 -23.12 39.78
N GLU D 429 -16.92 -22.97 38.92
CA GLU D 429 -15.63 -22.42 39.33
C GLU D 429 -15.67 -20.92 39.60
N GLY D 430 -16.79 -20.26 39.29
CA GLY D 430 -16.91 -18.84 39.51
C GLY D 430 -16.62 -17.97 38.29
N LEU D 431 -16.08 -18.56 37.22
CA LEU D 431 -15.78 -17.80 36.01
C LEU D 431 -17.00 -17.88 35.10
N TRP D 432 -17.90 -16.92 35.27
CA TRP D 432 -19.15 -16.90 34.52
C TRP D 432 -19.72 -15.49 34.55
N ASN D 433 -20.30 -15.09 33.42
CA ASN D 433 -20.90 -13.76 33.26
C ASN D 433 -19.89 -12.67 33.61
N LEU D 434 -18.64 -12.87 33.19
CA LEU D 434 -17.59 -11.92 33.52
C LEU D 434 -17.89 -10.55 32.92
N PHE D 435 -18.28 -10.51 31.64
CA PHE D 435 -18.38 -9.25 30.92
C PHE D 435 -19.42 -8.30 31.51
N LEU D 436 -20.32 -8.80 32.36
CA LEU D 436 -21.25 -7.92 33.04
C LEU D 436 -20.50 -7.00 33.99
N PRO D 437 -20.63 -5.68 33.86
CA PRO D 437 -19.80 -4.76 34.65
C PRO D 437 -20.20 -4.62 36.11
N ALA D 438 -21.16 -5.42 36.58
CA ALA D 438 -21.57 -5.34 37.99
C ALA D 438 -21.51 -6.70 38.65
N VAL D 439 -21.76 -7.77 37.87
CA VAL D 439 -21.69 -9.12 38.42
C VAL D 439 -20.27 -9.61 38.60
N SER D 440 -19.28 -8.85 38.14
CA SER D 440 -17.87 -9.20 38.27
C SER D 440 -17.05 -8.13 38.96
N GLY D 441 -17.33 -6.85 38.70
CA GLY D 441 -16.77 -5.76 39.47
C GLY D 441 -15.43 -5.23 39.01
N LEU D 442 -14.79 -5.87 38.04
CA LEU D 442 -13.48 -5.39 37.60
C LEU D 442 -13.62 -4.11 36.78
N SER D 443 -12.48 -3.45 36.55
CA SER D 443 -12.42 -2.23 35.77
C SER D 443 -12.36 -2.56 34.29
N GLN D 444 -12.32 -1.51 33.46
CA GLN D 444 -12.37 -1.70 32.01
C GLN D 444 -11.07 -2.29 31.48
N VAL D 445 -9.93 -1.86 32.02
CA VAL D 445 -8.64 -2.35 31.51
C VAL D 445 -8.49 -3.84 31.78
N ASP D 446 -8.85 -4.29 32.99
CA ASP D 446 -8.84 -5.71 33.27
C ASP D 446 -9.80 -6.46 32.37
N TYR D 447 -10.95 -5.84 32.05
CA TYR D 447 -11.90 -6.45 31.14
C TYR D 447 -11.27 -6.65 29.76
N ALA D 448 -10.57 -5.64 29.26
CA ALA D 448 -9.94 -5.76 27.95
C ALA D 448 -8.85 -6.81 27.96
N LEU D 449 -8.06 -6.88 29.03
CA LEU D 449 -7.01 -7.89 29.10
C LEU D 449 -7.60 -9.30 29.13
N ILE D 450 -8.66 -9.51 29.90
CA ILE D 450 -9.31 -10.81 29.94
C ILE D 450 -9.89 -11.15 28.57
N ALA D 451 -10.56 -10.19 27.93
CA ALA D 451 -11.15 -10.45 26.62
C ALA D 451 -10.07 -10.82 25.60
N GLU D 452 -8.93 -10.15 25.66
CA GLU D 452 -7.79 -10.53 24.83
C GLU D 452 -7.35 -11.96 25.12
N GLU D 453 -7.33 -12.34 26.39
CA GLU D 453 -6.90 -13.69 26.74
C GLU D 453 -7.89 -14.75 26.27
N THR D 454 -9.18 -14.41 26.18
CA THR D 454 -10.20 -15.36 25.76
C THR D 454 -10.69 -15.16 24.33
N GLY D 455 -10.03 -14.30 23.56
CA GLY D 455 -10.36 -14.21 22.15
C GLY D 455 -9.63 -15.21 21.27
N LYS D 456 -8.67 -15.95 21.83
CA LYS D 456 -7.83 -16.82 21.02
C LYS D 456 -8.62 -18.03 20.52
N CYS D 457 -9.38 -18.68 21.40
CA CYS D 457 -10.21 -19.79 21.00
C CYS D 457 -11.48 -19.28 20.33
N PHE D 458 -11.89 -19.96 19.25
CA PHE D 458 -13.00 -19.47 18.45
C PHE D 458 -14.30 -19.44 19.24
N PHE D 459 -14.58 -20.49 20.02
CA PHE D 459 -15.81 -20.60 20.78
C PHE D 459 -15.64 -20.26 22.25
N ALA D 460 -14.51 -19.68 22.63
CA ALA D 460 -14.26 -19.37 24.03
C ALA D 460 -15.31 -18.46 24.67
N PRO D 461 -15.77 -17.37 24.04
CA PRO D 461 -16.76 -16.51 24.72
C PRO D 461 -18.06 -17.22 25.07
N ASP D 462 -18.40 -18.32 24.38
CA ASP D 462 -19.61 -19.04 24.71
C ASP D 462 -19.54 -19.69 26.08
N VAL D 463 -18.36 -20.13 26.51
CA VAL D 463 -18.23 -20.81 27.79
C VAL D 463 -18.42 -19.82 28.94
N PHE D 464 -17.88 -18.61 28.80
CA PHE D 464 -17.95 -17.60 29.84
C PHE D 464 -19.23 -16.77 29.80
N ASN D 465 -20.15 -17.07 28.88
CA ASN D 465 -21.39 -16.33 28.70
C ASN D 465 -21.09 -14.86 28.42
N CYS D 466 -20.32 -14.63 27.36
CA CYS D 466 -19.97 -13.29 26.90
C CYS D 466 -20.09 -13.21 25.39
N GLN D 467 -21.17 -13.77 24.85
CA GLN D 467 -21.37 -13.77 23.40
C GLN D 467 -21.59 -12.35 22.89
N ALA D 468 -21.43 -12.20 21.57
CA ALA D 468 -21.53 -10.87 20.97
C ALA D 468 -22.89 -10.22 21.14
N PRO D 469 -24.02 -10.87 20.82
CA PRO D 469 -25.31 -10.16 20.89
C PRO D 469 -25.85 -10.03 22.30
N ASP D 470 -25.61 -11.04 23.14
CA ASP D 470 -26.27 -11.12 24.44
C ASP D 470 -25.80 -10.01 25.37
N THR D 471 -24.52 -9.66 25.34
CA THR D 471 -23.97 -8.75 26.34
C THR D 471 -24.50 -7.32 26.17
N GLY D 472 -24.74 -6.88 24.93
CA GLY D 472 -25.31 -5.56 24.74
C GLY D 472 -26.70 -5.44 25.31
N ASN D 473 -27.55 -6.44 25.04
CA ASN D 473 -28.89 -6.45 25.61
C ASN D 473 -28.84 -6.54 27.13
N MET D 474 -27.92 -7.34 27.66
CA MET D 474 -27.79 -7.45 29.11
C MET D 474 -27.42 -6.11 29.74
N GLU D 475 -26.46 -5.41 29.14
CA GLU D 475 -26.05 -4.11 29.66
C GLU D 475 -27.18 -3.10 29.55
N VAL D 476 -27.92 -3.09 28.44
CA VAL D 476 -29.04 -2.17 28.29
C VAL D 476 -30.10 -2.45 29.34
N LEU D 477 -30.41 -3.73 29.57
CA LEU D 477 -31.40 -4.08 30.59
C LEU D 477 -30.95 -3.64 31.98
N HIS D 478 -29.68 -3.90 32.32
CA HIS D 478 -29.21 -3.63 33.68
C HIS D 478 -29.08 -2.13 33.94
N LEU D 479 -28.43 -1.40 33.03
CA LEU D 479 -28.12 0.00 33.27
C LEU D 479 -29.37 0.86 33.41
N TYR D 480 -30.15 0.99 32.35
CA TYR D 480 -31.37 1.79 32.35
C TYR D 480 -32.51 0.89 31.89
N GLY D 481 -33.12 0.18 32.83
CA GLY D 481 -34.20 -0.73 32.51
C GLY D 481 -35.25 -0.75 33.60
N SER D 482 -36.48 -0.98 33.20
CA SER D 482 -37.59 -1.06 34.15
C SER D 482 -37.42 -2.27 35.07
N GLU D 483 -37.76 -2.08 36.34
CA GLU D 483 -37.61 -3.18 37.31
C GLU D 483 -38.47 -4.37 36.92
N GLN D 484 -39.72 -4.12 36.49
CA GLN D 484 -40.56 -5.21 36.01
C GLN D 484 -39.97 -5.87 34.79
N GLN D 485 -39.49 -5.06 33.83
CA GLN D 485 -38.86 -5.61 32.64
C GLN D 485 -37.58 -6.35 32.99
N LYS D 486 -36.80 -5.81 33.94
CA LYS D 486 -35.58 -6.49 34.37
C LYS D 486 -35.90 -7.86 34.95
N LYS D 487 -36.84 -7.92 35.90
CA LYS D 487 -37.21 -9.20 36.48
C LYS D 487 -37.77 -10.16 35.44
N GLN D 488 -38.48 -9.63 34.43
CA GLN D 488 -39.08 -10.49 33.43
C GLN D 488 -38.03 -11.08 32.49
N TRP D 489 -37.03 -10.30 32.11
CA TRP D 489 -36.13 -10.69 31.03
C TRP D 489 -34.72 -11.07 31.49
N LEU D 490 -34.08 -10.26 32.33
CA LEU D 490 -32.69 -10.51 32.69
C LEU D 490 -32.54 -11.84 33.42
N GLU D 491 -33.50 -12.18 34.29
CA GLU D 491 -33.45 -13.47 34.95
C GLU D 491 -33.40 -14.63 33.98
N PRO D 492 -33.95 -14.54 32.77
CA PRO D 492 -33.75 -15.60 31.77
C PRO D 492 -32.47 -15.45 30.95
N LEU D 493 -31.66 -14.45 31.25
CA LEU D 493 -30.38 -14.23 30.58
C LEU D 493 -29.19 -14.50 31.49
N LEU D 494 -29.19 -13.94 32.69
CA LEU D 494 -28.07 -14.13 33.62
C LEU D 494 -27.89 -15.59 34.00
N ARG D 495 -28.93 -16.40 33.89
CA ARG D 495 -28.82 -17.83 34.14
C ARG D 495 -28.62 -18.64 32.86
N GLY D 496 -28.49 -17.96 31.71
CA GLY D 496 -28.31 -18.66 30.46
C GLY D 496 -29.53 -19.40 29.96
N ASP D 497 -30.72 -19.04 30.44
CA ASP D 497 -31.92 -19.74 30.02
C ASP D 497 -32.26 -19.43 28.57
N ILE D 498 -32.25 -18.15 28.19
CA ILE D 498 -32.61 -17.73 26.84
C ILE D 498 -31.53 -16.81 26.28
N THR D 499 -31.47 -16.75 24.96
CA THR D 499 -30.53 -15.90 24.25
C THR D 499 -31.19 -14.56 23.94
N SER D 500 -30.56 -13.74 23.09
CA SER D 500 -31.11 -12.47 22.69
C SER D 500 -30.56 -12.12 21.31
N VAL D 501 -30.99 -10.97 20.79
CA VAL D 501 -30.55 -10.51 19.48
C VAL D 501 -30.79 -9.01 19.39
N PHE D 502 -29.80 -8.29 18.85
CA PHE D 502 -29.89 -6.85 18.66
C PHE D 502 -29.91 -6.58 17.16
N CYS D 503 -31.03 -6.04 16.67
CA CYS D 503 -31.25 -5.88 15.24
C CYS D 503 -31.66 -4.46 14.91
N MET D 504 -30.93 -3.84 13.98
CA MET D 504 -31.38 -2.58 13.40
C MET D 504 -31.23 -2.55 11.88
N THR D 505 -30.64 -3.57 11.27
CA THR D 505 -30.45 -3.60 9.83
C THR D 505 -31.67 -4.21 9.13
N CYS D 519 -36.91 0.21 10.68
CA CYS D 519 -38.30 -0.17 10.43
C CYS D 519 -39.25 0.80 11.11
N THR D 520 -40.53 0.43 11.17
CA THR D 520 -41.56 1.26 11.76
C THR D 520 -41.84 0.81 13.19
N ILE D 521 -41.84 1.77 14.12
CA ILE D 521 -42.17 1.52 15.52
C ILE D 521 -43.32 2.44 15.91
N GLN D 522 -44.20 2.73 14.95
CA GLN D 522 -45.24 3.73 15.15
C GLN D 522 -46.17 3.34 16.29
N ARG D 523 -46.63 4.35 17.03
CA ARG D 523 -47.53 4.13 18.15
C ARG D 523 -48.96 3.84 17.67
N GLY D 527 -51.01 1.07 22.99
CA GLY D 527 -49.90 0.23 22.58
C GLY D 527 -49.21 0.73 21.32
N TYR D 528 -48.17 0.01 20.91
CA TYR D 528 -47.41 0.35 19.71
C TYR D 528 -47.23 -0.88 18.84
N ILE D 529 -47.12 -0.65 17.53
CA ILE D 529 -46.96 -1.71 16.56
C ILE D 529 -45.63 -1.52 15.84
N VAL D 530 -44.93 -2.63 15.58
CA VAL D 530 -43.61 -2.61 14.97
C VAL D 530 -43.67 -3.53 13.75
N ASN D 531 -43.95 -2.97 12.59
CA ASN D 531 -43.99 -3.71 11.34
C ASN D 531 -42.78 -3.32 10.49
N GLY D 532 -41.97 -4.29 10.14
CA GLY D 532 -40.78 -4.02 9.34
C GLY D 532 -40.01 -5.30 9.09
N LYS D 533 -38.98 -5.17 8.25
CA LYS D 533 -38.15 -6.30 7.85
C LYS D 533 -36.74 -6.11 8.39
N LYS D 534 -36.25 -7.12 9.10
CA LYS D 534 -34.88 -7.11 9.62
C LYS D 534 -33.94 -7.76 8.60
N TRP D 535 -32.65 -7.75 8.93
CA TRP D 535 -31.63 -8.26 8.04
C TRP D 535 -30.33 -8.43 8.81
N TRP D 536 -29.59 -9.49 8.50
CA TRP D 536 -28.27 -9.75 9.09
C TRP D 536 -28.32 -9.87 10.61
N SER D 537 -29.48 -10.24 11.15
CA SER D 537 -29.64 -10.35 12.60
C SER D 537 -28.84 -11.54 13.10
N SER D 538 -27.69 -11.27 13.72
CA SER D 538 -26.82 -12.34 14.21
C SER D 538 -27.47 -13.06 15.38
N GLY D 539 -27.31 -14.39 15.40
CA GLY D 539 -27.83 -15.19 16.49
C GLY D 539 -29.32 -15.32 16.53
N ALA D 540 -30.01 -15.10 15.41
CA ALA D 540 -31.46 -15.18 15.38
C ALA D 540 -31.98 -16.60 15.17
N GLY D 541 -31.12 -17.54 14.81
CA GLY D 541 -31.51 -18.90 14.56
C GLY D 541 -31.35 -19.88 15.70
N ASN D 542 -30.86 -19.42 16.85
CA ASN D 542 -30.66 -20.31 17.98
C ASN D 542 -32.01 -20.78 18.52
N PRO D 543 -32.13 -22.06 18.87
CA PRO D 543 -33.40 -22.55 19.44
C PRO D 543 -33.76 -21.90 20.77
N LYS D 544 -32.78 -21.38 21.50
CA LYS D 544 -33.03 -20.74 22.79
C LYS D 544 -33.01 -19.22 22.69
N CYS D 545 -33.45 -18.68 21.54
CA CYS D 545 -33.49 -17.24 21.33
C CYS D 545 -34.94 -16.78 21.45
N LYS D 546 -35.25 -16.07 22.53
CA LYS D 546 -36.60 -15.60 22.80
C LYS D 546 -36.71 -14.09 22.72
N ILE D 547 -35.91 -13.35 23.47
CA ILE D 547 -35.99 -11.90 23.49
C ILE D 547 -35.43 -11.34 22.19
N ALA D 548 -35.70 -10.07 21.93
CA ALA D 548 -35.19 -9.36 20.77
C ALA D 548 -35.33 -7.87 20.99
N ILE D 549 -34.23 -7.13 20.85
CA ILE D 549 -34.22 -5.69 21.03
C ILE D 549 -34.05 -5.04 19.66
N VAL D 550 -35.02 -4.20 19.30
CA VAL D 550 -35.03 -3.52 18.01
C VAL D 550 -35.12 -2.02 18.27
N LEU D 551 -34.16 -1.27 17.75
CA LEU D 551 -34.16 0.19 17.85
C LEU D 551 -34.50 0.75 16.48
N GLY D 552 -35.79 0.89 16.20
CA GLY D 552 -36.27 1.38 14.93
C GLY D 552 -37.09 2.65 15.08
N ARG D 553 -37.44 3.21 13.92
CA ARG D 553 -38.21 4.45 13.88
C ARG D 553 -39.62 4.24 14.39
N ARG D 563 -36.08 12.69 16.31
CA ARG D 563 -35.73 11.78 17.39
C ARG D 563 -36.59 10.51 17.33
N GLN D 564 -36.41 9.72 16.28
CA GLN D 564 -37.16 8.49 16.10
C GLN D 564 -36.53 7.30 16.83
N HIS D 565 -35.40 7.50 17.50
CA HIS D 565 -34.71 6.42 18.20
C HIS D 565 -35.55 6.01 19.41
N SER D 566 -36.24 4.88 19.30
CA SER D 566 -37.03 4.33 20.39
C SER D 566 -36.89 2.82 20.36
N MET D 567 -36.07 2.28 21.25
CA MET D 567 -35.80 0.84 21.30
C MET D 567 -36.81 0.16 22.21
N ILE D 568 -37.46 -0.87 21.68
CA ILE D 568 -38.52 -1.58 22.40
C ILE D 568 -38.26 -3.08 22.29
N LEU D 569 -38.36 -3.78 23.41
CA LEU D 569 -38.23 -5.23 23.40
C LEU D 569 -39.40 -5.86 22.65
N VAL D 570 -39.10 -6.90 21.89
CA VAL D 570 -40.15 -7.63 21.16
C VAL D 570 -39.88 -9.13 21.26
N PRO D 571 -40.65 -9.87 22.05
CA PRO D 571 -40.47 -11.33 22.11
C PRO D 571 -40.70 -11.95 20.75
N MET D 572 -39.87 -12.95 20.43
CA MET D 572 -39.96 -13.60 19.12
C MET D 572 -41.13 -14.55 19.01
N ASP D 573 -41.69 -14.99 20.14
CA ASP D 573 -42.86 -15.86 20.12
C ASP D 573 -44.14 -15.10 19.79
N THR D 574 -44.11 -13.78 19.79
CA THR D 574 -45.29 -12.99 19.48
C THR D 574 -45.70 -13.20 18.03
N PRO D 575 -47.00 -13.14 17.73
CA PRO D 575 -47.46 -13.34 16.35
C PRO D 575 -46.88 -12.27 15.43
N GLY D 576 -46.59 -12.69 14.19
CA GLY D 576 -46.06 -11.82 13.17
C GLY D 576 -44.55 -11.93 12.98
N VAL D 577 -43.84 -12.57 13.89
CA VAL D 577 -42.40 -12.75 13.78
C VAL D 577 -42.15 -14.12 13.16
N GLU D 578 -41.37 -14.14 12.07
CA GLU D 578 -41.08 -15.39 11.37
C GLU D 578 -39.75 -15.24 10.65
N LEU D 579 -38.82 -16.16 10.91
CA LEU D 579 -37.54 -16.15 10.23
C LEU D 579 -37.73 -16.46 8.75
N ILE D 580 -37.00 -15.73 7.91
CA ILE D 580 -37.20 -15.81 6.46
C ILE D 580 -36.25 -16.82 5.84
N ARG D 581 -34.95 -16.56 5.93
CA ARG D 581 -33.96 -17.41 5.29
C ARG D 581 -32.63 -17.20 5.98
N PRO D 582 -31.72 -18.17 5.92
CA PRO D 582 -30.38 -17.97 6.49
C PRO D 582 -29.44 -17.29 5.51
N LEU D 583 -28.57 -16.43 6.06
CA LEU D 583 -27.61 -15.68 5.28
C LEU D 583 -26.23 -16.32 5.45
N SER D 584 -25.55 -16.57 4.33
CA SER D 584 -24.26 -17.23 4.32
C SER D 584 -23.16 -16.23 3.94
N VAL D 585 -22.09 -16.22 4.73
CA VAL D 585 -20.94 -15.38 4.48
C VAL D 585 -19.79 -16.27 4.03
N PHE D 586 -19.37 -16.11 2.77
CA PHE D 586 -18.29 -16.89 2.18
C PHE D 586 -18.58 -18.39 2.21
N GLY D 587 -19.86 -18.74 2.25
CA GLY D 587 -20.26 -20.14 2.23
C GLY D 587 -20.17 -20.84 3.57
N TYR D 588 -20.05 -20.09 4.66
CA TYR D 588 -20.10 -20.65 6.00
C TYR D 588 -21.42 -20.27 6.64
N MET D 589 -22.16 -21.26 7.12
CA MET D 589 -23.43 -21.01 7.79
C MET D 589 -23.26 -20.42 9.18
N ASP D 590 -22.06 -20.48 9.76
CA ASP D 590 -21.77 -19.95 11.09
C ASP D 590 -22.71 -20.55 12.13
N ASN D 591 -22.59 -21.87 12.32
CA ASN D 591 -23.45 -22.57 13.27
C ASN D 591 -23.20 -22.14 14.71
N MET D 592 -22.07 -21.50 14.99
CA MET D 592 -21.77 -21.04 16.34
C MET D 592 -21.67 -19.52 16.39
N HIS D 596 -27.15 -16.17 10.96
CA HIS D 596 -27.47 -14.89 10.34
C HIS D 596 -28.83 -14.95 9.65
N TRP D 597 -29.75 -15.72 10.22
CA TRP D 597 -31.07 -15.88 9.62
C TRP D 597 -31.82 -14.56 9.61
N GLU D 598 -32.45 -14.26 8.47
CA GLU D 598 -33.21 -13.03 8.33
C GLU D 598 -34.50 -13.11 9.17
N VAL D 599 -34.94 -11.94 9.64
CA VAL D 599 -36.11 -11.82 10.49
C VAL D 599 -37.11 -10.89 9.81
N HIS D 600 -38.39 -11.25 9.90
CA HIS D 600 -39.47 -10.43 9.37
C HIS D 600 -40.50 -10.18 10.47
N PHE D 601 -40.86 -8.92 10.68
CA PHE D 601 -41.84 -8.52 11.67
C PHE D 601 -43.01 -7.88 10.96
N ASN D 602 -44.13 -8.61 10.86
CA ASN D 602 -45.31 -8.18 10.12
C ASN D 602 -46.39 -7.79 11.13
N HIS D 603 -46.35 -6.52 11.56
CA HIS D 603 -47.36 -5.94 12.45
C HIS D 603 -47.52 -6.75 13.74
N VAL D 604 -46.43 -6.80 14.51
CA VAL D 604 -46.46 -7.47 15.80
C VAL D 604 -47.12 -6.57 16.83
N ARG D 605 -48.03 -7.13 17.61
CA ARG D 605 -48.72 -6.39 18.66
C ARG D 605 -48.01 -6.65 19.99
N VAL D 606 -47.50 -5.58 20.60
CA VAL D 606 -46.78 -5.70 21.87
C VAL D 606 -47.27 -4.61 22.81
N PRO D 607 -47.29 -4.86 24.12
CA PRO D 607 -47.74 -3.82 25.05
C PRO D 607 -46.70 -2.72 25.20
N ALA D 608 -47.14 -1.62 25.81
CA ALA D 608 -46.22 -0.50 26.07
C ALA D 608 -45.19 -0.84 27.13
N SER D 609 -45.42 -1.88 27.93
CA SER D 609 -44.43 -2.29 28.92
C SER D 609 -43.15 -2.78 28.24
N ASN D 610 -43.30 -3.48 27.11
CA ASN D 610 -42.15 -4.02 26.39
C ASN D 610 -41.24 -2.93 25.83
N LEU D 611 -41.69 -1.68 25.77
CA LEU D 611 -40.87 -0.59 25.30
C LEU D 611 -40.03 0.00 26.43
N ARG D 625 -22.91 2.62 26.42
CA ARG D 625 -23.70 2.18 25.27
C ARG D 625 -22.88 1.27 24.37
N LEU D 626 -22.18 1.86 23.40
CA LEU D 626 -21.39 1.10 22.44
C LEU D 626 -19.92 0.99 22.82
N GLY D 627 -19.49 1.68 23.87
CA GLY D 627 -18.09 1.73 24.24
C GLY D 627 -17.53 0.38 24.62
N PRO D 628 -18.12 -0.25 25.64
CA PRO D 628 -17.66 -1.60 26.01
C PRO D 628 -17.78 -2.60 24.87
N GLY D 629 -18.84 -2.49 24.07
CA GLY D 629 -18.98 -3.42 22.95
C GLY D 629 -17.84 -3.30 21.96
N ARG D 630 -17.50 -2.08 21.56
CA ARG D 630 -16.40 -1.88 20.63
C ARG D 630 -15.07 -2.32 21.25
N ILE D 631 -14.87 -2.03 22.54
CA ILE D 631 -13.62 -2.40 23.19
C ILE D 631 -13.43 -3.91 23.18
N HIS D 632 -14.47 -4.65 23.57
CA HIS D 632 -14.36 -6.11 23.61
C HIS D 632 -14.25 -6.69 22.20
N HIS D 633 -14.98 -6.12 21.24
CA HIS D 633 -14.90 -6.61 19.87
C HIS D 633 -13.56 -6.35 19.23
N CYS D 634 -12.81 -5.36 19.73
CA CYS D 634 -11.45 -5.17 19.25
C CYS D 634 -10.46 -6.06 19.99
N MET D 635 -10.68 -6.28 21.29
CA MET D 635 -9.77 -7.12 22.07
C MET D 635 -9.81 -8.56 21.58
N ARG D 636 -11.01 -9.09 21.30
CA ARG D 636 -11.11 -10.45 20.79
C ARG D 636 -10.39 -10.60 19.47
N THR D 637 -10.52 -9.61 18.59
CA THR D 637 -9.81 -9.65 17.31
C THR D 637 -8.30 -9.60 17.51
N VAL D 638 -7.84 -8.82 18.49
CA VAL D 638 -6.40 -8.78 18.78
C VAL D 638 -5.91 -10.15 19.23
N GLY D 639 -6.65 -10.80 20.12
CA GLY D 639 -6.27 -12.14 20.55
C GLY D 639 -6.24 -13.13 19.40
N LEU D 640 -7.22 -13.04 18.50
CA LEU D 640 -7.24 -13.89 17.32
C LEU D 640 -6.01 -13.66 16.46
N ALA D 641 -5.62 -12.40 16.26
CA ALA D 641 -4.44 -12.10 15.46
C ALA D 641 -3.18 -12.64 16.12
N GLU D 642 -3.10 -12.56 17.45
CA GLU D 642 -1.95 -13.11 18.15
C GLU D 642 -1.84 -14.61 17.95
N ARG D 643 -2.96 -15.32 18.05
CA ARG D 643 -2.92 -16.77 17.81
C ARG D 643 -2.54 -17.08 16.37
N ILE D 644 -3.05 -16.29 15.42
CA ILE D 644 -2.70 -16.50 14.02
C ILE D 644 -1.20 -16.33 13.81
N LEU D 645 -0.62 -15.29 14.42
CA LEU D 645 0.81 -15.06 14.29
C LEU D 645 1.61 -16.20 14.91
N GLN D 646 1.16 -16.72 16.05
CA GLN D 646 1.84 -17.88 16.64
C GLN D 646 1.83 -19.07 15.69
N ILE D 647 0.65 -19.35 15.11
CA ILE D 647 0.53 -20.49 14.20
C ILE D 647 1.44 -20.30 12.99
N MET D 648 1.46 -19.08 12.44
CA MET D 648 2.27 -18.83 11.24
C MET D 648 3.76 -18.93 11.54
N CYS D 649 4.19 -18.45 12.71
CA CYS D 649 5.59 -18.61 13.10
C CYS D 649 5.96 -20.07 13.27
N ASP D 650 5.10 -20.86 13.92
CA ASP D 650 5.40 -22.28 14.09
C ASP D 650 5.49 -22.98 12.74
N ARG D 651 4.58 -22.66 11.82
CA ARG D 651 4.63 -23.29 10.51
C ARG D 651 5.86 -22.87 9.72
N ALA D 652 6.25 -21.60 9.83
CA ALA D 652 7.44 -21.13 9.12
C ALA D 652 8.69 -21.82 9.65
N VAL D 653 8.77 -22.03 10.96
CA VAL D 653 9.93 -22.73 11.52
C VAL D 653 9.92 -24.20 11.12
N GLN D 654 8.74 -24.85 11.16
CA GLN D 654 8.67 -26.28 10.88
C GLN D 654 9.08 -26.59 9.44
N ARG D 655 8.63 -25.80 8.48
CA ARG D 655 8.96 -26.04 7.08
C ARG D 655 10.33 -25.49 6.74
N HIS D 665 13.28 -17.91 4.71
CA HIS D 665 13.61 -16.83 3.79
C HIS D 665 13.45 -15.48 4.47
N GLU D 666 13.90 -14.42 3.80
CA GLU D 666 13.85 -13.08 4.37
C GLU D 666 12.44 -12.49 4.34
N VAL D 667 11.66 -12.83 3.30
CA VAL D 667 10.33 -12.23 3.16
C VAL D 667 9.40 -12.70 4.27
N VAL D 668 9.49 -13.98 4.65
CA VAL D 668 8.64 -14.48 5.73
C VAL D 668 9.01 -13.81 7.04
N ALA D 669 10.31 -13.59 7.27
CA ALA D 669 10.74 -12.88 8.47
C ALA D 669 10.21 -11.45 8.48
N HIS D 670 10.25 -10.77 7.33
CA HIS D 670 9.69 -9.43 7.25
C HIS D 670 8.20 -9.42 7.54
N TRP D 671 7.48 -10.42 7.03
CA TRP D 671 6.05 -10.53 7.31
C TRP D 671 5.79 -10.72 8.79
N ILE D 672 6.59 -11.57 9.45
CA ILE D 672 6.42 -11.81 10.88
C ILE D 672 6.64 -10.51 11.65
N ALA D 673 7.71 -9.79 11.31
CA ALA D 673 8.01 -8.55 12.02
C ALA D 673 6.90 -7.52 11.86
N LYS D 674 6.40 -7.37 10.63
CA LYS D 674 5.33 -6.41 10.40
C LYS D 674 4.06 -6.80 11.15
N SER D 675 3.75 -8.10 11.18
CA SER D 675 2.58 -8.56 11.92
C SER D 675 2.70 -8.24 13.40
N ARG D 676 3.89 -8.49 13.98
CA ARG D 676 4.10 -8.19 15.39
C ARG D 676 3.94 -6.70 15.66
N ILE D 677 4.50 -5.86 14.79
CA ILE D 677 4.38 -4.41 14.97
C ILE D 677 2.92 -3.98 14.98
N ALA D 678 2.16 -4.47 13.99
CA ALA D 678 0.75 -4.08 13.90
C ALA D 678 -0.03 -4.57 15.11
N ILE D 679 0.24 -5.79 15.57
CA ILE D 679 -0.47 -6.32 16.74
C ILE D 679 -0.20 -5.47 17.97
N GLU D 680 1.07 -5.11 18.19
CA GLU D 680 1.39 -4.30 19.35
C GLU D 680 0.71 -2.94 19.28
N GLU D 681 0.73 -2.30 18.11
CA GLU D 681 0.11 -0.98 17.99
C GLU D 681 -1.40 -1.05 18.25
N ILE D 682 -2.06 -2.08 17.71
CA ILE D 682 -3.50 -2.19 17.89
C ILE D 682 -3.84 -2.47 19.35
N ARG D 683 -3.07 -3.34 20.01
CA ARG D 683 -3.33 -3.61 21.42
C ARG D 683 -3.17 -2.34 22.25
N LEU D 684 -2.14 -1.55 21.96
CA LEU D 684 -1.95 -0.31 22.70
C LEU D 684 -3.11 0.65 22.50
N LEU D 685 -3.59 0.78 21.25
CA LEU D 685 -4.73 1.65 20.99
C LEU D 685 -5.97 1.19 21.76
N THR D 686 -6.24 -0.11 21.73
CA THR D 686 -7.42 -0.63 22.42
C THR D 686 -7.34 -0.37 23.91
N LEU D 687 -6.17 -0.63 24.52
CA LEU D 687 -6.04 -0.39 25.96
C LEU D 687 -6.16 1.08 26.30
N LYS D 688 -5.62 1.97 25.45
CA LYS D 688 -5.76 3.39 25.70
C LYS D 688 -7.22 3.82 25.67
N ALA D 689 -7.97 3.32 24.69
CA ALA D 689 -9.39 3.67 24.61
C ALA D 689 -10.15 3.15 25.83
N ALA D 690 -9.85 1.91 26.25
CA ALA D 690 -10.51 1.36 27.42
C ALA D 690 -10.21 2.17 28.68
N HIS D 691 -8.95 2.56 28.86
CA HIS D 691 -8.58 3.36 30.03
C HIS D 691 -9.22 4.73 29.98
N SER D 692 -9.34 5.33 28.79
CA SER D 692 -10.00 6.61 28.68
C SER D 692 -11.48 6.50 29.04
N ILE D 693 -12.13 5.41 28.63
CA ILE D 693 -13.51 5.18 29.05
C ILE D 693 -13.59 5.01 30.56
N ASP D 694 -12.63 4.30 31.15
CA ASP D 694 -12.68 4.02 32.57
C ASP D 694 -12.51 5.30 33.40
N THR D 695 -11.49 6.09 33.09
CA THR D 695 -11.12 7.18 33.99
C THR D 695 -11.98 8.42 33.77
N LEU D 696 -11.91 9.01 32.58
CA LEU D 696 -12.54 10.31 32.32
C LEU D 696 -13.91 10.13 31.69
N GLY D 697 -14.78 9.39 32.38
CA GLY D 697 -16.15 9.21 31.93
C GLY D 697 -16.24 8.41 30.65
N SER D 698 -17.47 8.28 30.16
CA SER D 698 -17.75 7.52 28.95
C SER D 698 -18.16 8.38 27.77
N ALA D 699 -18.39 9.68 27.98
CA ALA D 699 -18.77 10.58 26.90
C ALA D 699 -17.59 11.29 26.26
N SER D 700 -16.37 11.07 26.77
CA SER D 700 -15.16 11.72 26.26
C SER D 700 -14.21 10.71 25.62
N ALA D 701 -14.73 9.65 25.03
CA ALA D 701 -13.89 8.64 24.41
C ALA D 701 -14.47 8.13 23.10
N ARG D 702 -15.25 8.98 22.40
CA ARG D 702 -15.79 8.58 21.11
C ARG D 702 -14.71 8.54 20.04
N LYS D 703 -13.75 9.48 20.11
CA LYS D 703 -12.69 9.53 19.12
C LYS D 703 -11.85 8.26 19.13
N GLU D 704 -11.43 7.81 20.31
CA GLU D 704 -10.64 6.59 20.39
C GLU D 704 -11.45 5.37 19.97
N ILE D 705 -12.75 5.36 20.25
CA ILE D 705 -13.59 4.22 19.86
C ILE D 705 -13.67 4.14 18.34
N ALA D 706 -13.90 5.28 17.68
CA ALA D 706 -13.89 5.28 16.22
C ALA D 706 -12.53 4.89 15.68
N MET D 707 -11.46 5.32 16.34
CA MET D 707 -10.11 5.01 15.88
C MET D 707 -9.84 3.52 15.93
N ILE D 708 -10.26 2.85 17.01
CA ILE D 708 -10.04 1.40 17.09
C ILE D 708 -11.00 0.67 16.16
N LYS D 709 -12.16 1.26 15.87
CA LYS D 709 -13.05 0.66 14.88
C LYS D 709 -12.45 0.72 13.48
N VAL D 710 -11.64 1.74 13.20
CA VAL D 710 -11.00 1.84 11.90
C VAL D 710 -9.77 0.95 11.81
N ALA D 711 -8.88 1.04 12.80
CA ALA D 711 -7.52 0.53 12.63
C ALA D 711 -7.46 -0.99 12.59
N ALA D 712 -8.11 -1.66 13.54
CA ALA D 712 -7.84 -3.09 13.76
C ALA D 712 -8.17 -3.98 12.56
N PRO D 713 -9.38 -3.92 11.98
CA PRO D 713 -9.73 -4.93 10.96
C PRO D 713 -8.80 -4.98 9.77
N LYS D 714 -8.30 -3.83 9.31
CA LYS D 714 -7.43 -3.82 8.14
C LYS D 714 -6.13 -4.59 8.40
N ALA D 715 -5.46 -4.26 9.51
CA ALA D 715 -4.20 -4.93 9.83
C ALA D 715 -4.42 -6.40 10.14
N VAL D 716 -5.53 -6.74 10.80
CA VAL D 716 -5.78 -8.14 11.12
C VAL D 716 -6.07 -8.93 9.85
N CYS D 717 -6.81 -8.35 8.90
CA CYS D 717 -7.04 -9.02 7.63
C CYS D 717 -5.74 -9.20 6.85
N LYS D 718 -4.87 -8.19 6.89
CA LYS D 718 -3.56 -8.33 6.24
C LYS D 718 -2.75 -9.45 6.86
N ILE D 719 -2.77 -9.56 8.19
CA ILE D 719 -2.04 -10.64 8.86
C ILE D 719 -2.61 -11.99 8.47
N ALA D 720 -3.94 -12.11 8.41
CA ALA D 720 -4.56 -13.37 8.01
C ALA D 720 -4.18 -13.74 6.59
N ASP D 721 -4.15 -12.75 5.68
CA ASP D 721 -3.75 -13.02 4.31
C ASP D 721 -2.31 -13.49 4.23
N TRP D 722 -1.41 -12.84 4.99
CA TRP D 722 -0.02 -13.28 5.00
C TRP D 722 0.11 -14.69 5.54
N ALA D 723 -0.65 -15.02 6.58
CA ALA D 723 -0.59 -16.36 7.16
C ALA D 723 -1.05 -17.40 6.16
N ILE D 724 -2.19 -17.15 5.49
CA ILE D 724 -2.70 -18.15 4.56
C ILE D 724 -1.79 -18.24 3.34
N GLN D 725 -1.07 -17.16 3.01
CA GLN D 725 -0.10 -17.23 1.93
C GLN D 725 1.10 -18.07 2.33
N VAL D 726 1.60 -17.89 3.56
CA VAL D 726 2.74 -18.68 4.03
C VAL D 726 2.36 -20.16 4.07
N HIS D 727 1.13 -20.48 4.49
CA HIS D 727 0.69 -21.87 4.52
C HIS D 727 0.66 -22.49 3.14
N GLY D 728 0.56 -21.68 2.08
CA GLY D 728 0.57 -22.19 0.72
C GLY D 728 -0.74 -22.84 0.33
N TYR D 736 -6.79 -27.51 9.42
CA TYR D 736 -6.07 -26.38 10.01
C TYR D 736 -7.04 -25.35 10.58
N PRO D 737 -6.82 -24.94 11.83
CA PRO D 737 -7.71 -23.93 12.44
C PRO D 737 -7.63 -22.58 11.77
N LEU D 738 -6.60 -22.31 10.97
CA LEU D 738 -6.46 -21.00 10.35
C LEU D 738 -7.63 -20.68 9.43
N ALA D 739 -8.32 -21.70 8.91
CA ALA D 739 -9.49 -21.45 8.07
C ALA D 739 -10.59 -20.75 8.86
N ASN D 740 -10.86 -21.23 10.07
CA ASN D 740 -11.88 -20.60 10.91
C ASN D 740 -11.48 -19.18 11.28
N MET D 741 -10.20 -18.97 11.59
CA MET D 741 -9.72 -17.62 11.93
C MET D 741 -9.88 -16.67 10.75
N TYR D 742 -9.54 -17.12 9.54
CA TYR D 742 -9.72 -16.27 8.37
C TYR D 742 -11.20 -16.00 8.12
N ALA D 743 -12.05 -17.01 8.32
CA ALA D 743 -13.49 -16.81 8.14
C ALA D 743 -14.00 -15.73 9.09
N ILE D 744 -13.60 -15.81 10.37
CA ILE D 744 -14.05 -14.83 11.35
C ILE D 744 -13.51 -13.45 11.03
N ILE D 745 -12.23 -13.36 10.65
CA ILE D 745 -11.61 -12.06 10.37
C ILE D 745 -12.26 -11.41 9.15
N ARG D 746 -12.62 -12.22 8.15
CA ARG D 746 -13.27 -11.67 6.97
C ARG D 746 -14.71 -11.26 7.26
N THR D 747 -15.43 -12.08 8.04
CA THR D 747 -16.80 -11.72 8.40
C THR D 747 -16.83 -10.43 9.20
N LEU D 748 -15.90 -10.26 10.14
CA LEU D 748 -15.85 -9.06 10.96
C LEU D 748 -15.39 -7.84 10.19
N ARG D 749 -14.89 -8.00 8.97
CA ARG D 749 -14.45 -6.87 8.17
C ARG D 749 -15.64 -6.09 7.63
N GLU D 756 -16.46 2.95 5.23
CA GLU D 756 -15.51 4.03 5.46
C GLU D 756 -16.22 5.33 5.82
N VAL D 757 -17.07 5.28 6.83
CA VAL D 757 -17.75 6.47 7.34
C VAL D 757 -17.06 6.91 8.63
N HIS D 758 -16.43 5.95 9.31
CA HIS D 758 -15.74 6.25 10.55
C HIS D 758 -14.56 7.18 10.32
N LEU D 759 -13.92 7.09 9.16
CA LEU D 759 -12.85 8.03 8.83
C LEU D 759 -13.39 9.46 8.72
N SER D 760 -14.56 9.62 8.10
CA SER D 760 -15.17 10.94 8.02
C SER D 760 -15.54 11.45 9.41
N ALA D 761 -16.07 10.58 10.26
CA ALA D 761 -16.40 10.98 11.63
C ALA D 761 -15.16 11.43 12.38
N ILE D 762 -14.07 10.66 12.27
CA ILE D 762 -12.83 11.02 12.95
C ILE D 762 -12.29 12.35 12.42
N ALA D 763 -12.40 12.57 11.11
CA ALA D 763 -11.96 13.84 10.55
C ALA D 763 -12.77 15.00 11.10
N LYS D 764 -14.08 14.81 11.22
CA LYS D 764 -14.93 15.86 11.78
C LYS D 764 -14.54 16.17 13.22
N MET D 765 -14.34 15.12 14.03
CA MET D 765 -13.96 15.34 15.42
C MET D 765 -12.59 16.01 15.52
N GLU D 766 -11.65 15.61 14.68
CA GLU D 766 -10.32 16.21 14.71
C GLU D 766 -10.38 17.69 14.31
N LEU D 767 -11.19 18.01 13.30
CA LEU D 767 -11.33 19.41 12.91
C LEU D 767 -11.97 20.23 14.02
N GLN D 768 -12.98 19.67 14.69
CA GLN D 768 -13.59 20.37 15.81
C GLN D 768 -12.58 20.58 16.95
N ASP D 769 -11.76 19.57 17.23
CA ASP D 769 -10.75 19.71 18.28
C ASP D 769 -9.72 20.78 17.92
N GLN D 770 -9.27 20.81 16.67
CA GLN D 770 -8.31 21.82 16.25
C GLN D 770 -8.93 23.22 16.32
N ALA D 771 -10.20 23.35 15.94
CA ALA D 771 -10.87 24.63 16.05
C ALA D 771 -10.98 25.08 17.51
N ARG D 772 -11.31 24.15 18.40
CA ARG D 772 -11.44 24.48 19.82
C ARG D 772 -10.10 24.89 20.42
N ARG D 773 -9.02 24.19 20.04
CA ARG D 773 -7.72 24.47 20.65
C ARG D 773 -7.25 25.88 20.32
N LEU D 774 -7.47 26.33 19.08
CA LEU D 774 -7.09 27.67 18.67
C LEU D 774 -8.01 28.72 19.29
PA FAD E . -4.51 23.67 -5.30
O1A FAD E . -4.12 24.70 -4.32
O2A FAD E . -5.93 23.80 -5.86
O5B FAD E . -4.30 22.22 -4.70
C5B FAD E . -5.44 21.40 -4.33
C4B FAD E . -5.01 19.96 -4.26
O4B FAD E . -5.99 19.21 -3.53
C3B FAD E . -4.86 19.27 -5.61
O3B FAD E . -3.53 19.37 -6.11
C2B FAD E . -5.22 17.82 -5.28
O2B FAD E . -4.10 17.09 -4.77
C1B FAD E . -6.28 17.99 -4.20
N9A FAD E . -7.66 18.05 -4.70
C8A FAD E . -8.15 18.88 -5.67
N7A FAD E . -9.42 18.72 -5.92
C5A FAD E . -9.80 17.71 -5.04
C6A FAD E . -11.03 17.08 -4.81
N6A FAD E . -12.16 17.37 -5.46
N1A FAD E . -11.07 16.11 -3.86
C2A FAD E . -9.94 15.81 -3.21
N3A FAD E . -8.73 16.34 -3.35
C4A FAD E . -8.72 17.29 -4.29
N1 FAD E . 1.80 25.88 -13.57
C2 FAD E . 1.71 26.51 -14.78
O2 FAD E . 0.72 27.19 -15.09
N3 FAD E . 2.74 26.39 -15.68
C4 FAD E . 3.91 25.68 -15.50
O4 FAD E . 4.76 25.65 -16.39
C4X FAD E . 4.00 25.02 -14.21
N5 FAD E . 5.07 24.33 -13.94
C5X FAD E . 5.15 23.70 -12.71
C6 FAD E . 6.29 22.96 -12.42
C7 FAD E . 6.42 22.31 -11.19
C7M FAD E . 7.66 21.51 -10.90
C8 FAD E . 5.39 22.41 -10.25
C8M FAD E . 5.49 21.72 -8.91
C9 FAD E . 4.25 23.16 -10.53
C9A FAD E . 4.13 23.80 -11.76
N10 FAD E . 2.99 24.55 -12.09
C10 FAD E . 2.89 25.19 -13.31
C1' FAD E . 1.88 24.70 -11.13
C2' FAD E . 0.81 23.63 -11.29
O2' FAD E . -0.25 24.10 -12.11
C3' FAD E . 0.28 23.25 -9.90
O3' FAD E . 1.07 22.20 -9.38
C4' FAD E . -1.19 22.83 -9.88
O4' FAD E . -1.92 23.57 -10.87
C5' FAD E . -1.83 23.01 -8.52
O5' FAD E . -1.84 24.42 -8.19
P FAD E . -2.82 24.99 -7.10
O1P FAD E . -2.00 25.62 -5.97
O2P FAD E . -3.84 25.87 -7.71
O3P FAD E . -3.50 23.69 -6.52
PA FAD F . 24.48 0.60 2.98
O1A FAD F . 25.32 1.06 1.85
O2A FAD F . 24.94 -0.70 3.65
O5B FAD F . 22.98 0.46 2.53
C5B FAD F . 22.36 -0.84 2.37
C4B FAD F . 20.87 -0.70 2.42
O4B FAD F . 20.25 -1.88 1.87
C3B FAD F . 20.28 -0.53 3.81
O3B FAD F . 20.17 0.85 4.18
C2B FAD F . 18.91 -1.18 3.69
O2B FAD F . 17.93 -0.29 3.17
C1B FAD F . 19.19 -2.32 2.70
N9A FAD F . 19.57 -3.59 3.32
C8A FAD F . 20.56 -3.81 4.23
N7A FAD F . 20.68 -5.05 4.61
C5A FAD F . 19.68 -5.70 3.90
C6A FAD F . 19.29 -7.05 3.85
N6A FAD F . 19.85 -8.02 4.57
N1A FAD F . 18.26 -7.37 3.03
C2A FAD F . 17.68 -6.40 2.31
N3A FAD F . 17.98 -5.10 2.27
C4A FAD F . 18.99 -4.82 3.10
N1 FAD F . 26.18 8.10 10.32
C2 FAD F . 26.92 8.26 11.45
O2 FAD F . 27.80 7.46 11.77
N3 FAD F . 26.68 9.35 12.27
C4 FAD F . 25.74 10.34 12.06
O4 FAD F . 25.63 11.27 12.87
C4X FAD F . 24.96 10.16 10.85
N5 FAD F . 24.05 11.04 10.56
C5X FAD F . 23.31 10.87 9.41
C6 FAD F . 22.33 11.81 9.09
C7 FAD F . 21.56 11.68 7.95
C7M FAD F . 20.50 12.71 7.63
C8 FAD F . 21.77 10.58 7.09
C8M FAD F . 20.95 10.41 5.84
C9 FAD F . 22.75 9.65 7.40
C9A FAD F . 23.52 9.78 8.55
N10 FAD F . 24.51 8.85 8.90
C10 FAD F . 25.26 9.01 10.04
C1' FAD F . 24.78 7.68 8.04
C2' FAD F . 23.95 6.46 8.42
O2' FAD F . 24.70 5.60 9.27
C3' FAD F . 23.56 5.71 7.13
O3' FAD F . 22.33 6.23 6.66
C4' FAD F . 23.44 4.20 7.30
O4' FAD F . 24.40 3.73 8.26
C5' FAD F . 23.62 3.46 5.99
O5' FAD F . 24.96 3.67 5.50
P FAD F . 25.61 2.70 4.45
O1P FAD F . 25.96 3.48 3.19
O2P FAD F . 26.72 1.93 5.05
O3P FAD F . 24.42 1.72 4.09
PA FAD G . 4.55 -24.25 -0.33
O1A FAD G . 4.14 -25.06 0.83
O2A FAD G . 5.98 -24.48 -0.83
O5B FAD G . 4.34 -22.71 -0.04
C5B FAD G . 5.47 -21.82 0.17
C4B FAD G . 5.04 -20.40 -0.06
O4B FAD G . 6.01 -19.51 0.52
C3B FAD G . 4.91 -20.00 -1.52
O3B FAD G . 3.59 -20.20 -2.01
C2B FAD G . 5.27 -18.51 -1.49
O2B FAD G . 4.15 -17.69 -1.16
C1B FAD G . 6.32 -18.46 -0.38
N9A FAD G . 7.71 -18.62 -0.83
C8A FAD G . 8.21 -19.63 -1.61
N7A FAD G . 9.48 -19.52 -1.86
C5A FAD G . 9.85 -18.35 -1.20
C6A FAD G . 11.08 -17.68 -1.08
N6A FAD G . 12.21 -18.09 -1.64
N1A FAD G . 11.10 -16.54 -0.35
C2A FAD G . 9.96 -16.11 0.21
N3A FAD G . 8.75 -16.67 0.16
C4A FAD G . 8.76 -17.79 -0.57
N1 FAD G . -1.63 -28.10 -8.08
C2 FAD G . -1.52 -28.95 -9.14
O2 FAD G . -0.53 -29.67 -9.29
N3 FAD G . -2.53 -29.02 -10.06
C4 FAD G . -3.70 -28.29 -10.05
O4 FAD G . -4.54 -28.44 -10.94
C4X FAD G . -3.82 -27.39 -8.92
N5 FAD G . -4.88 -26.65 -8.82
C5X FAD G . -4.99 -25.79 -7.74
C6 FAD G . -6.13 -25.00 -7.62
C7 FAD G . -6.28 -24.12 -6.55
C7M FAD G . -7.52 -23.28 -6.45
C8 FAD G . -5.26 -24.02 -5.59
C8M FAD G . -5.39 -23.08 -4.42
C9 FAD G . -4.12 -24.81 -5.70
C9A FAD G . -3.98 -25.70 -6.77
N10 FAD G . -2.84 -26.50 -6.93
C10 FAD G . -2.72 -27.37 -7.98
C1' FAD G . -1.74 -26.44 -5.94
C2' FAD G . -0.67 -25.42 -6.29
O2' FAD G . 0.40 -26.05 -6.99
C3' FAD G . -0.16 -24.78 -5.00
O3' FAD G . -0.96 -23.64 -4.71
C4' FAD G . 1.31 -24.35 -5.04
O4' FAD G . 2.06 -25.28 -5.85
C5' FAD G . 1.92 -24.26 -3.66
O5' FAD G . 1.93 -25.57 -3.05
P FAD G . 2.89 -25.90 -1.85
O1P FAD G . 2.05 -26.30 -0.63
O2P FAD G . 3.92 -26.89 -2.26
O3P FAD G . 3.57 -24.51 -1.54
PA FAD H . -24.53 -0.02 2.65
O1A FAD H . -25.35 -0.70 1.63
O2A FAD H . -25.00 1.38 3.04
O5B FAD H . -23.01 0.02 2.21
C5B FAD H . -22.39 1.27 1.79
C4B FAD H . -20.90 1.14 1.90
O4B FAD H . -20.28 2.19 1.13
C3B FAD H . -20.34 1.25 3.31
O3B FAD H . -20.23 -0.02 3.94
C2B FAD H . -18.96 1.88 3.07
O2B FAD H . -17.98 0.89 2.76
C1B FAD H . -19.22 2.78 1.87
N9A FAD H . -19.61 4.16 2.21
C8A FAD H . -20.62 4.55 3.05
N7A FAD H . -20.74 5.84 3.17
C5A FAD H . -19.73 6.34 2.35
C6A FAD H . -19.33 7.65 2.04
N6A FAD H . -19.91 8.75 2.54
N1A FAD H . -18.29 7.81 1.19
C2A FAD H . -17.71 6.71 0.69
N3A FAD H . -18.00 5.43 0.91
C4A FAD H . -19.03 5.31 1.76
N1 FAD H . -26.35 -5.89 11.33
C2 FAD H . -27.11 -5.82 12.46
O2 FAD H . -27.99 -4.97 12.60
N3 FAD H . -26.89 -6.72 13.48
C4 FAD H . -25.95 -7.73 13.49
O4 FAD H . -25.84 -8.47 14.47
C4X FAD H . -25.15 -7.80 12.29
N5 FAD H . -24.23 -8.72 12.20
C5X FAD H . -23.47 -8.78 11.04
C6 FAD H . -22.49 -9.77 10.94
C7 FAD H . -21.70 -9.86 9.80
C7M FAD H . -20.64 -10.94 9.72
C8 FAD H . -21.89 -8.96 8.74
C8M FAD H . -21.06 -9.04 7.49
C9 FAD H . -22.88 -7.99 8.84
C9A FAD H . -23.67 -7.89 9.98
N10 FAD H . -24.66 -6.90 10.12
C10 FAD H . -25.43 -6.84 11.25
C1' FAD H . -24.91 -5.94 9.03
C2' FAD H . -24.10 -4.67 9.17
O2' FAD H . -24.86 -3.65 9.83
C3' FAD H . -23.68 -4.19 7.77
O3' FAD H . -22.45 -4.79 7.43
C4' FAD H . -23.56 -2.67 7.62
O4' FAD H . -24.53 -2.03 8.46
C5' FAD H . -23.71 -2.21 6.19
O5' FAD H . -25.05 -2.52 5.74
P FAD H . -25.68 -1.78 4.50
O1P FAD H . -26.01 -2.81 3.42
O2P FAD H . -26.80 -0.91 4.92
O3P FAD H . -24.48 -0.90 3.97
#